data_7A3K
#
_entry.id   7A3K
#
_cell.length_a   163.264
_cell.length_b   250.380
_cell.length_c   261.202
_cell.angle_alpha   90.000
_cell.angle_beta   90.000
_cell.angle_gamma   90.000
#
_symmetry.space_group_name_H-M   'C 2 2 21'
#
loop_
_entity.id
_entity.type
_entity.pdbx_description
1 polymer 'Dipeptidyl peptidase 8'
2 non-polymer 'trimethylamine oxide'
3 non-polymer 'CHLORIDE ION'
4 non-polymer 'SODIUM ION'
5 non-polymer 1-[3-[[4-[(4-bromophenyl)methyl]piperazin-1-yl]methyl]phenyl]azetidin-2-one
6 water water
#
_entity_poly.entity_id   1
_entity_poly.type   'polypeptide(L)'
_entity_poly.pdbx_seq_one_letter_code
;MWKRSEQMKIKSGKCNMAAAMETEQLGVEIFETADCEENIESQDRPKLEPFYVERYSWSQLKKLLADTRKYHGYMMAKAP
HDFMFVKRNDPDGPHSDRIYYLAMSGENRENTLFYSEIPKTINRAAVLMLSWKPLLDLFQATLDYGMYSREEELLRERKR
IGTVGIASYDYHQGSGTFLFQAGSGIYHVKDGGPQGFTQQPLRPNLVETSCPNIRMDPKLCPADPDWIAFIHSNDIWISN
IVTREERRLTYVHNELANMEEDARSAGVATFVLQEEFDRYSGYWWCPKAETTPSGGKILRILYEENDESEVEIIHVTSPM
LETRRADSFRYPKTGTANPKVTFKMSEIMIDAEGRIIDVIDKELIQPFEILFEGVEYIARAGWTPEGKYAWSILLDRSQT
RLQIVLISPELFIPVEDDVMERQRLIESVPDSVTPLIIYEETTDIWINIHDIFHVFPQSHEEEIEFIFASECKTGFRHLY
KITSILKESKYKRSSGGLPAPSDFKCPIKEEIAITSGEWEVLGRHGSNIQVDEVRRLVYFEGTKDSPLEHHLYVVSYVNP
GEVTRLTDRGYSHSCCISQHCDFFISKYSNQKNPHCVSLYKLSSPEDDPTCKTKEFWATILDSAGPLPDYTPPEIFSFES
TTGFTLYGMLYKPHDLQPGKKYPTVLFIYGGPQVQLVNNRFKGVKYFRLNTLASLGYVVVVIDNRGSCHRGLKFEGAFKY
KMGQIEIDDQVEGLQYLASRYDFIDLDRVGIHGWSYGGYLSLMALMQRSDIFRVAIAGAPVTLWIFYDTGYTERYMGHPD
QNEQGYYLGSVAMQAEKFPSEPNRLLLLHGFLDENVHFAHTSILLSFLVRAGKPYDLQIYPQERHSIRVPESGEHYELHL
LHYLQENLGSRIAALKVI
;
_entity_poly.pdbx_strand_id   C,A,B
#
loop_
_chem_comp.id
_chem_comp.type
_chem_comp.name
_chem_comp.formula
CL non-polymer 'CHLORIDE ION' 'Cl -1'
NA non-polymer 'SODIUM ION' 'Na 1'
QX8 non-polymer 1-[3-[[4-[(4-bromophenyl)methyl]piperazin-1-yl]methyl]phenyl]azetidin-2-one 'C21 H24 Br N3 O'
TMO non-polymer 'trimethylamine oxide' 'C3 H9 N O'
#
# COMPACT_ATOMS: atom_id res chain seq x y z
N LEU A 48 -45.60 -31.07 -36.86
CA LEU A 48 -44.50 -30.79 -35.87
C LEU A 48 -44.98 -29.91 -34.72
N GLU A 49 -45.09 -30.50 -33.53
CA GLU A 49 -45.49 -29.76 -32.32
C GLU A 49 -44.27 -29.09 -31.68
N PRO A 50 -44.48 -27.91 -31.05
CA PRO A 50 -43.37 -27.27 -30.35
C PRO A 50 -43.08 -27.94 -29.00
N PHE A 51 -41.81 -28.33 -28.78
CA PHE A 51 -41.38 -28.83 -27.48
C PHE A 51 -41.22 -27.66 -26.52
N TYR A 52 -41.78 -27.81 -25.33
CA TYR A 52 -41.65 -26.81 -24.26
C TYR A 52 -40.78 -27.39 -23.15
N VAL A 53 -39.72 -26.66 -22.78
CA VAL A 53 -38.78 -27.13 -21.75
C VAL A 53 -39.43 -27.15 -20.37
N GLU A 54 -38.93 -28.02 -19.49
CA GLU A 54 -39.47 -28.17 -18.15
C GLU A 54 -39.27 -26.87 -17.36
N ARG A 55 -40.37 -26.34 -16.82
CA ARG A 55 -40.36 -25.06 -16.13
C ARG A 55 -39.87 -25.22 -14.68
N TYR A 56 -38.56 -25.27 -14.53
CA TYR A 56 -37.92 -25.32 -13.21
C TYR A 56 -37.99 -23.96 -12.52
N SER A 57 -38.09 -23.97 -11.19
CA SER A 57 -38.02 -22.74 -10.40
C SER A 57 -36.56 -22.26 -10.29
N TRP A 58 -36.39 -21.08 -9.72
CA TRP A 58 -35.07 -20.49 -9.51
C TRP A 58 -34.21 -21.34 -8.56
N SER A 59 -34.82 -21.81 -7.48
CA SER A 59 -34.13 -22.70 -6.52
C SER A 59 -33.81 -24.07 -7.14
N GLN A 60 -34.67 -24.57 -8.01
CA GLN A 60 -34.47 -25.85 -8.69
C GLN A 60 -33.36 -25.78 -9.76
N LEU A 61 -33.33 -24.71 -10.53
CA LEU A 61 -32.24 -24.48 -11.51
C LEU A 61 -30.88 -24.28 -10.84
N LYS A 62 -30.88 -23.65 -9.67
CA LYS A 62 -29.67 -23.52 -8.85
C LYS A 62 -29.17 -24.90 -8.41
N LYS A 63 -30.10 -25.77 -8.03
CA LYS A 63 -29.79 -27.16 -7.66
C LYS A 63 -29.28 -27.96 -8.86
N LEU A 64 -29.97 -27.85 -10.00
CA LEU A 64 -29.60 -28.54 -11.23
C LEU A 64 -28.18 -28.16 -11.68
N LEU A 65 -27.88 -26.87 -11.66
CA LEU A 65 -26.55 -26.37 -12.01
C LEU A 65 -25.48 -26.77 -11.00
N ALA A 66 -25.81 -26.75 -9.71
CA ALA A 66 -24.90 -27.19 -8.65
C ALA A 66 -24.51 -28.66 -8.77
N ASP A 67 -25.47 -29.51 -9.11
CA ASP A 67 -25.24 -30.94 -9.26
C ASP A 67 -24.42 -31.26 -10.52
N THR A 68 -24.81 -30.67 -11.66
CA THR A 68 -24.14 -30.90 -12.94
C THR A 68 -22.76 -30.26 -13.07
N ARG A 69 -22.45 -29.26 -12.22
CA ARG A 69 -21.13 -28.63 -12.19
C ARG A 69 -20.00 -29.61 -11.85
N LYS A 70 -20.29 -30.53 -10.92
CA LYS A 70 -19.34 -31.57 -10.51
C LYS A 70 -19.09 -32.58 -11.64
N MET A 76 -10.69 -26.28 -15.34
CA MET A 76 -10.02 -27.37 -14.64
C MET A 76 -8.51 -27.10 -14.51
N ALA A 77 -7.76 -28.08 -14.02
CA ALA A 77 -6.31 -27.95 -13.81
C ALA A 77 -5.52 -27.74 -15.10
N LYS A 78 -4.43 -26.97 -15.01
CA LYS A 78 -3.55 -26.70 -16.16
C LYS A 78 -2.79 -27.96 -16.57
N ALA A 79 -2.84 -28.30 -17.86
CA ALA A 79 -2.04 -29.39 -18.41
C ALA A 79 -0.57 -28.95 -18.51
N PRO A 80 0.37 -29.90 -18.44
CA PRO A 80 1.80 -29.59 -18.57
C PRO A 80 2.17 -28.69 -19.76
N HIS A 81 3.02 -27.71 -19.50
CA HIS A 81 3.40 -26.70 -20.50
C HIS A 81 4.77 -26.08 -20.17
N ASP A 82 5.25 -25.21 -21.06
CA ASP A 82 6.59 -24.59 -20.95
C ASP A 82 7.68 -25.66 -20.79
N PHE A 83 7.69 -26.59 -21.73
CA PHE A 83 8.63 -27.72 -21.69
C PHE A 83 10.03 -27.29 -22.05
N MET A 84 11.00 -28.10 -21.60
CA MET A 84 12.41 -27.84 -21.88
C MET A 84 13.20 -29.14 -21.67
N PHE A 85 14.06 -29.47 -22.64
CA PHE A 85 14.83 -30.71 -22.63
C PHE A 85 16.29 -30.41 -22.28
N VAL A 86 16.85 -31.17 -21.33
CA VAL A 86 18.26 -31.05 -20.96
C VAL A 86 18.90 -32.44 -21.00
N LYS A 87 20.00 -32.55 -21.75
CA LYS A 87 20.69 -33.83 -21.93
C LYS A 87 21.48 -34.23 -20.69
N ARG A 88 21.47 -35.53 -20.37
CA ARG A 88 22.18 -36.06 -19.21
C ARG A 88 23.70 -36.14 -19.42
N ASN A 89 24.12 -36.58 -20.62
CA ASN A 89 25.53 -36.83 -20.95
C ASN A 89 26.15 -37.85 -19.98
N ASP A 90 25.46 -38.98 -19.81
CA ASP A 90 25.84 -40.04 -18.87
C ASP A 90 25.74 -41.39 -19.59
N PRO A 91 26.86 -41.89 -20.17
CA PRO A 91 26.90 -43.16 -20.90
C PRO A 91 26.36 -44.39 -20.15
N ASP A 92 26.74 -44.55 -18.88
CA ASP A 92 26.27 -45.66 -18.05
C ASP A 92 24.81 -45.54 -17.60
N GLY A 93 24.29 -44.32 -17.56
CA GLY A 93 22.92 -44.06 -17.09
C GLY A 93 21.86 -44.49 -18.10
N PRO A 94 20.63 -44.77 -17.62
CA PRO A 94 19.54 -45.21 -18.50
C PRO A 94 18.74 -44.08 -19.18
N HIS A 95 19.03 -42.81 -18.86
CA HIS A 95 18.25 -41.67 -19.35
C HIS A 95 19.05 -40.80 -20.32
N SER A 96 18.40 -40.42 -21.43
CA SER A 96 19.00 -39.52 -22.42
C SER A 96 18.77 -38.06 -22.02
N ASP A 97 17.52 -37.73 -21.75
CA ASP A 97 17.10 -36.37 -21.38
C ASP A 97 16.38 -36.34 -20.04
N ARG A 98 16.30 -35.14 -19.46
CA ARG A 98 15.35 -34.81 -18.39
C ARG A 98 14.50 -33.64 -18.90
N ILE A 99 13.18 -33.77 -18.80
CA ILE A 99 12.25 -32.70 -19.21
C ILE A 99 11.75 -31.93 -18.00
N TYR A 100 11.87 -30.59 -18.06
CA TYR A 100 11.32 -29.69 -17.05
C TYR A 100 10.08 -29.01 -17.62
N TYR A 101 9.07 -28.78 -16.78
CA TYR A 101 7.80 -28.20 -17.22
C TYR A 101 6.95 -27.67 -16.06
N LEU A 102 6.09 -26.70 -16.36
CA LEU A 102 5.12 -26.18 -15.40
C LEU A 102 3.82 -26.97 -15.53
N ALA A 103 3.22 -27.29 -14.38
CA ALA A 103 1.96 -28.03 -14.35
C ALA A 103 1.25 -27.87 -13.01
N MET A 104 -0.07 -28.02 -13.05
CA MET A 104 -0.91 -28.03 -11.87
C MET A 104 -1.10 -29.49 -11.49
N SER A 105 -0.74 -29.85 -10.25
CA SER A 105 -0.74 -31.24 -9.80
C SER A 105 -2.16 -31.84 -9.72
N GLY A 106 -3.09 -31.07 -9.17
CA GLY A 106 -4.49 -31.48 -9.03
C GLY A 106 -5.46 -30.32 -9.23
N GLU A 107 -6.68 -30.50 -8.74
CA GLU A 107 -7.76 -29.51 -8.92
C GLU A 107 -7.55 -28.22 -8.11
N ASN A 108 -7.14 -28.35 -6.85
CA ASN A 108 -6.93 -27.20 -5.96
C ASN A 108 -5.49 -27.18 -5.44
N ARG A 109 -4.55 -27.02 -6.38
CA ARG A 109 -3.13 -26.87 -6.08
C ARG A 109 -2.51 -25.83 -7.01
N GLU A 110 -1.38 -25.25 -6.59
CA GLU A 110 -0.73 -24.19 -7.34
C GLU A 110 0.08 -24.73 -8.52
N ASN A 111 0.29 -23.86 -9.51
CA ASN A 111 1.08 -24.18 -10.70
C ASN A 111 2.55 -24.14 -10.33
N THR A 112 3.28 -25.22 -10.57
CA THR A 112 4.68 -25.36 -10.14
C THR A 112 5.52 -26.21 -11.08
N LEU A 113 6.84 -26.12 -10.90
CA LEU A 113 7.80 -26.85 -11.73
C LEU A 113 7.85 -28.34 -11.38
N PHE A 114 7.85 -29.18 -12.42
CA PHE A 114 8.03 -30.63 -12.29
C PHE A 114 9.14 -31.08 -13.22
N TYR A 115 9.59 -32.33 -13.05
CA TYR A 115 10.48 -32.97 -14.03
C TYR A 115 10.19 -34.45 -14.20
N SER A 116 10.55 -34.97 -15.37
CA SER A 116 10.44 -36.40 -15.69
C SER A 116 11.68 -36.85 -16.44
N GLU A 117 11.96 -38.15 -16.33
CA GLU A 117 13.15 -38.76 -16.92
C GLU A 117 12.77 -39.42 -18.24
N ILE A 118 13.46 -39.05 -19.32
CA ILE A 118 13.27 -39.65 -20.64
C ILE A 118 14.29 -40.79 -20.79
N PRO A 119 13.83 -42.05 -20.83
CA PRO A 119 14.77 -43.16 -20.93
C PRO A 119 15.37 -43.33 -22.32
N LYS A 120 16.59 -43.86 -22.38
CA LYS A 120 17.29 -44.11 -23.65
C LYS A 120 16.57 -45.14 -24.51
N THR A 121 15.95 -46.14 -23.87
CA THR A 121 15.20 -47.20 -24.55
C THR A 121 13.87 -47.46 -23.85
N ILE A 122 12.92 -48.07 -24.56
CA ILE A 122 11.60 -48.41 -24.02
C ILE A 122 11.17 -49.82 -24.38
N ASN A 123 10.30 -50.40 -23.56
CA ASN A 123 9.62 -51.65 -23.89
C ASN A 123 8.46 -51.31 -24.83
N ARG A 124 8.63 -51.59 -26.12
CA ARG A 124 7.63 -51.24 -27.14
C ARG A 124 6.35 -52.08 -27.09
N ALA A 125 6.36 -53.18 -26.34
CA ALA A 125 5.15 -53.93 -26.02
C ALA A 125 4.25 -53.19 -25.00
N ALA A 126 4.88 -52.46 -24.08
CA ALA A 126 4.17 -51.69 -23.04
C ALA A 126 4.05 -50.20 -23.38
N VAL A 127 3.30 -49.47 -22.56
CA VAL A 127 3.08 -48.03 -22.69
C VAL A 127 3.61 -47.34 -21.43
N LEU A 128 4.71 -46.59 -21.58
CA LEU A 128 5.36 -45.93 -20.45
C LEU A 128 4.63 -44.66 -20.02
N MET A 129 4.24 -44.59 -18.74
CA MET A 129 3.72 -43.38 -18.12
C MET A 129 4.84 -42.73 -17.33
N LEU A 130 5.23 -41.51 -17.71
CA LEU A 130 6.26 -40.75 -16.99
C LEU A 130 5.69 -40.23 -15.67
N SER A 131 6.41 -40.46 -14.58
CA SER A 131 6.00 -39.96 -13.26
C SER A 131 6.44 -38.51 -13.10
N TRP A 132 5.60 -37.71 -12.45
CA TRP A 132 5.87 -36.30 -12.22
C TRP A 132 6.68 -36.15 -10.93
N LYS A 133 7.94 -35.76 -11.06
CA LYS A 133 8.82 -35.50 -9.91
C LYS A 133 8.76 -34.01 -9.59
N PRO A 134 8.37 -33.63 -8.35
CA PRO A 134 8.41 -32.22 -7.99
C PRO A 134 9.84 -31.68 -7.96
N LEU A 135 10.09 -30.59 -8.70
CA LEU A 135 11.41 -29.94 -8.71
C LEU A 135 11.62 -29.10 -7.46
N LEU A 136 10.57 -28.37 -7.05
CA LEU A 136 10.64 -27.45 -5.91
C LEU A 136 10.05 -28.05 -4.64
N ASP A 137 10.53 -27.57 -3.50
CA ASP A 137 9.97 -27.89 -2.18
C ASP A 137 8.83 -26.88 -1.90
N LEU A 138 8.02 -27.18 -0.89
CA LEU A 138 6.94 -26.28 -0.48
C LEU A 138 7.52 -25.05 0.24
N PHE A 139 6.92 -23.88 -0.02
CA PHE A 139 7.46 -22.61 0.47
C PHE A 139 7.21 -22.41 1.97
N GLN A 140 8.00 -21.51 2.57
CA GLN A 140 7.91 -21.20 4.00
C GLN A 140 6.65 -20.40 4.34
N GLY A 165 2.43 -20.03 -6.91
CA GLY A 165 1.85 -20.07 -8.24
C GLY A 165 2.78 -19.49 -9.29
N ILE A 166 3.58 -20.38 -9.91
CA ILE A 166 4.56 -19.98 -10.94
C ILE A 166 3.89 -19.95 -12.31
N ALA A 167 3.92 -18.77 -12.94
CA ALA A 167 3.35 -18.59 -14.29
C ALA A 167 4.35 -18.94 -15.40
N SER A 168 5.61 -18.55 -15.21
CA SER A 168 6.67 -18.83 -16.18
C SER A 168 8.03 -18.93 -15.49
N TYR A 169 9.07 -19.30 -16.26
CA TYR A 169 10.43 -19.38 -15.73
C TYR A 169 11.50 -19.15 -16.80
N ASP A 170 12.68 -18.70 -16.34
CA ASP A 170 13.87 -18.58 -17.18
C ASP A 170 14.83 -19.71 -16.87
N TYR A 171 15.75 -19.96 -17.80
CA TYR A 171 16.79 -20.97 -17.64
C TYR A 171 18.08 -20.52 -18.31
N HIS A 172 19.21 -20.86 -17.70
CA HIS A 172 20.53 -20.62 -18.26
C HIS A 172 21.22 -21.98 -18.43
N GLN A 173 21.62 -22.27 -19.67
CA GLN A 173 22.08 -23.61 -20.05
C GLN A 173 23.40 -23.98 -19.35
N GLY A 174 24.39 -23.10 -19.46
CA GLY A 174 25.74 -23.34 -18.98
C GLY A 174 25.91 -23.52 -17.47
N SER A 175 25.00 -22.93 -16.69
CA SER A 175 25.00 -23.03 -15.23
C SER A 175 23.85 -23.87 -14.67
N GLY A 176 22.75 -23.96 -15.41
CA GLY A 176 21.56 -24.69 -14.97
C GLY A 176 20.71 -23.92 -13.96
N THR A 177 20.77 -22.60 -14.03
CA THR A 177 20.07 -21.73 -13.08
C THR A 177 18.65 -21.47 -13.55
N PHE A 178 17.66 -21.88 -12.75
CA PHE A 178 16.26 -21.48 -12.94
C PHE A 178 16.02 -20.13 -12.27
N LEU A 179 15.14 -19.33 -12.84
CA LEU A 179 14.64 -18.10 -12.21
C LEU A 179 13.14 -18.02 -12.44
N PHE A 180 12.39 -17.68 -11.40
CA PHE A 180 10.94 -17.63 -11.47
C PHE A 180 10.34 -16.83 -10.33
N GLN A 181 9.17 -16.24 -10.59
CA GLN A 181 8.39 -15.55 -9.58
C GLN A 181 7.32 -16.49 -9.02
N ALA A 182 7.20 -16.52 -7.70
CA ALA A 182 6.18 -17.31 -7.01
C ALA A 182 5.56 -16.45 -5.92
N GLY A 183 4.37 -15.92 -6.19
CA GLY A 183 3.77 -14.88 -5.35
C GLY A 183 4.57 -13.60 -5.49
N SER A 184 4.88 -12.96 -4.37
CA SER A 184 5.68 -11.73 -4.35
C SER A 184 7.17 -11.97 -4.57
N GLY A 185 7.67 -13.14 -4.15
CA GLY A 185 9.10 -13.45 -4.17
C GLY A 185 9.62 -13.88 -5.53
N ILE A 186 10.86 -13.50 -5.82
CA ILE A 186 11.62 -14.00 -6.95
C ILE A 186 12.60 -15.03 -6.39
N TYR A 187 12.57 -16.25 -6.95
CA TYR A 187 13.36 -17.37 -6.44
C TYR A 187 14.25 -17.97 -7.53
N HIS A 188 15.26 -18.72 -7.10
CA HIS A 188 16.14 -19.46 -8.02
C HIS A 188 16.56 -20.81 -7.45
N VAL A 189 16.74 -21.78 -8.34
CA VAL A 189 17.37 -23.07 -8.02
C VAL A 189 18.36 -23.42 -9.13
N LYS A 190 19.12 -24.49 -8.91
CA LYS A 190 20.06 -24.99 -9.93
C LYS A 190 19.84 -26.48 -10.18
N ASP A 191 19.67 -26.85 -11.44
CA ASP A 191 19.59 -28.25 -11.85
C ASP A 191 19.95 -28.42 -13.32
N GLY A 192 20.58 -29.55 -13.65
CA GLY A 192 20.94 -29.90 -15.02
C GLY A 192 22.21 -29.28 -15.57
N GLY A 193 22.92 -28.51 -14.75
CA GLY A 193 24.15 -27.83 -15.18
C GLY A 193 25.38 -28.68 -14.88
N PRO A 194 26.56 -28.03 -14.74
CA PRO A 194 27.78 -28.67 -14.25
C PRO A 194 27.62 -29.36 -12.88
N GLN A 195 26.86 -28.72 -11.99
CA GLN A 195 26.63 -29.25 -10.63
C GLN A 195 25.75 -30.51 -10.57
N GLY A 196 25.12 -30.88 -11.69
CA GLY A 196 24.50 -32.20 -11.83
C GLY A 196 22.98 -32.19 -11.75
N PHE A 197 22.41 -33.37 -11.54
CA PHE A 197 20.96 -33.58 -11.52
C PHE A 197 20.49 -34.07 -10.15
N THR A 198 19.55 -33.34 -9.56
CA THR A 198 18.97 -33.70 -8.27
C THR A 198 18.07 -34.93 -8.36
N GLN A 199 18.02 -35.70 -7.27
CA GLN A 199 17.08 -36.82 -7.12
C GLN A 199 16.04 -36.55 -6.02
N GLN A 200 15.94 -35.30 -5.59
CA GLN A 200 14.93 -34.88 -4.60
C GLN A 200 14.57 -33.39 -4.81
N PRO A 201 13.39 -32.96 -4.30
CA PRO A 201 12.97 -31.55 -4.45
C PRO A 201 14.00 -30.54 -3.93
N LEU A 202 14.32 -29.54 -4.76
CA LEU A 202 15.25 -28.47 -4.38
C LEU A 202 14.51 -27.37 -3.63
N ARG A 203 15.19 -26.78 -2.65
CA ARG A 203 14.66 -25.64 -1.90
C ARG A 203 14.82 -24.38 -2.74
N PRO A 204 13.72 -23.62 -2.98
CA PRO A 204 13.86 -22.37 -3.71
C PRO A 204 14.56 -21.28 -2.88
N ASN A 205 15.48 -20.55 -3.52
CA ASN A 205 16.29 -19.54 -2.85
C ASN A 205 15.79 -18.13 -3.20
N LEU A 206 15.20 -17.46 -2.22
CA LEU A 206 14.67 -16.10 -2.39
C LEU A 206 15.76 -15.11 -2.78
N VAL A 207 15.47 -14.28 -3.78
CA VAL A 207 16.35 -13.16 -4.15
C VAL A 207 15.97 -12.01 -3.25
N GLU A 208 16.86 -11.67 -2.31
CA GLU A 208 16.58 -10.65 -1.30
C GLU A 208 16.57 -9.26 -1.93
N THR A 209 15.88 -8.33 -1.26
CA THR A 209 15.70 -6.97 -1.79
C THR A 209 15.40 -5.95 -0.69
N SER A 210 15.76 -4.69 -0.96
CA SER A 210 15.37 -3.54 -0.15
C SER A 210 14.20 -2.75 -0.77
N CYS A 211 13.69 -3.22 -1.92
CA CYS A 211 12.59 -2.54 -2.62
C CYS A 211 11.27 -2.74 -1.84
N PRO A 212 10.51 -1.66 -1.63
CA PRO A 212 9.28 -1.76 -0.82
C PRO A 212 8.12 -2.54 -1.49
N ASN A 213 8.01 -2.44 -2.81
CA ASN A 213 6.83 -2.90 -3.55
C ASN A 213 7.07 -4.21 -4.29
N ILE A 214 5.99 -4.76 -4.85
CA ILE A 214 6.03 -5.98 -5.65
C ILE A 214 6.98 -5.84 -6.85
N ARG A 215 7.84 -6.84 -7.03
CA ARG A 215 8.76 -6.90 -8.19
C ARG A 215 8.08 -7.68 -9.31
N MET A 216 8.22 -7.18 -10.55
CA MET A 216 7.55 -7.76 -11.72
C MET A 216 8.54 -8.14 -12.81
N ASP A 217 8.19 -9.17 -13.57
CA ASP A 217 8.88 -9.55 -14.81
C ASP A 217 10.40 -9.81 -14.62
N PRO A 218 10.74 -10.83 -13.80
CA PRO A 218 12.16 -11.16 -13.61
C PRO A 218 12.76 -11.90 -14.82
N LYS A 219 13.96 -11.51 -15.23
CA LYS A 219 14.67 -12.17 -16.33
C LYS A 219 16.13 -12.41 -15.99
N LEU A 220 16.60 -13.64 -16.21
CA LEU A 220 18.04 -13.97 -16.11
C LEU A 220 18.81 -13.27 -17.22
N CYS A 221 20.04 -12.86 -16.89
CA CYS A 221 20.97 -12.33 -17.88
C CYS A 221 21.66 -13.52 -18.54
N PRO A 222 21.47 -13.70 -19.87
CA PRO A 222 22.12 -14.85 -20.53
C PRO A 222 23.65 -14.81 -20.54
N ALA A 223 24.23 -13.61 -20.51
CA ALA A 223 25.69 -13.45 -20.47
C ALA A 223 26.31 -13.82 -19.10
N ASP A 224 25.60 -13.51 -18.02
CA ASP A 224 26.06 -13.80 -16.65
C ASP A 224 24.87 -14.22 -15.76
N PRO A 225 24.79 -15.52 -15.39
CA PRO A 225 23.64 -16.00 -14.60
C PRO A 225 23.63 -15.61 -13.10
N ASP A 226 24.66 -14.91 -12.63
CA ASP A 226 24.61 -14.24 -11.32
C ASP A 226 23.64 -13.06 -11.31
N TRP A 227 23.48 -12.39 -12.44
CA TRP A 227 22.64 -11.19 -12.54
C TRP A 227 21.22 -11.49 -13.02
N ILE A 228 20.25 -10.82 -12.41
CA ILE A 228 18.88 -10.78 -12.89
C ILE A 228 18.45 -9.33 -13.06
N ALA A 229 17.31 -9.15 -13.71
CA ALA A 229 16.66 -7.84 -13.82
C ALA A 229 15.19 -8.00 -13.48
N PHE A 230 14.56 -6.90 -13.10
CA PHE A 230 13.12 -6.88 -12.84
C PHE A 230 12.60 -5.45 -12.83
N ILE A 231 11.27 -5.33 -12.87
CA ILE A 231 10.59 -4.05 -12.81
C ILE A 231 10.12 -3.81 -11.38
N HIS A 232 10.29 -2.58 -10.91
CA HIS A 232 9.74 -2.13 -9.62
C HIS A 232 9.27 -0.69 -9.78
N SER A 233 7.97 -0.45 -9.58
CA SER A 233 7.35 0.88 -9.73
C SER A 233 7.71 1.53 -11.06
N ASN A 234 7.48 0.79 -12.14
CA ASN A 234 7.70 1.24 -13.53
C ASN A 234 9.13 1.72 -13.85
N ASP A 235 10.12 1.10 -13.20
CA ASP A 235 11.53 1.33 -13.49
C ASP A 235 12.27 0.00 -13.46
N ILE A 236 13.41 -0.04 -14.15
CA ILE A 236 14.18 -1.27 -14.26
C ILE A 236 15.24 -1.33 -13.15
N TRP A 237 15.28 -2.48 -12.47
CA TRP A 237 16.28 -2.76 -11.44
C TRP A 237 17.07 -4.00 -11.84
N ILE A 238 18.27 -4.13 -11.27
CA ILE A 238 19.08 -5.36 -11.39
C ILE A 238 19.59 -5.81 -10.03
N SER A 239 19.71 -7.12 -9.87
CA SER A 239 20.13 -7.72 -8.61
C SER A 239 21.06 -8.91 -8.87
N ASN A 240 22.16 -8.97 -8.12
CA ASN A 240 23.10 -10.09 -8.17
C ASN A 240 22.66 -11.12 -7.12
N ILE A 241 22.38 -12.34 -7.57
CA ILE A 241 21.88 -13.39 -6.67
C ILE A 241 22.93 -14.07 -5.78
N VAL A 242 24.22 -13.76 -5.99
CA VAL A 242 25.33 -14.29 -5.18
C VAL A 242 25.85 -13.23 -4.20
N THR A 243 26.24 -12.07 -4.73
CA THR A 243 26.76 -10.96 -3.91
C THR A 243 25.67 -10.15 -3.19
N ARG A 244 24.43 -10.28 -3.62
CA ARG A 244 23.26 -9.57 -3.06
C ARG A 244 23.28 -8.06 -3.30
N GLU A 245 24.05 -7.60 -4.30
CA GLU A 245 24.04 -6.20 -4.69
C GLU A 245 22.77 -5.90 -5.47
N GLU A 246 22.21 -4.72 -5.25
CA GLU A 246 20.96 -4.30 -5.88
C GLU A 246 21.11 -2.87 -6.38
N ARG A 247 20.67 -2.60 -7.61
CA ARG A 247 20.82 -1.29 -8.23
C ARG A 247 19.63 -0.94 -9.13
N ARG A 248 19.17 0.31 -9.02
CA ARG A 248 18.15 0.89 -9.87
C ARG A 248 18.82 1.46 -11.12
N LEU A 249 18.34 1.09 -12.31
CA LEU A 249 18.91 1.54 -13.58
C LEU A 249 18.22 2.78 -14.16
N THR A 250 16.89 2.85 -14.02
CA THR A 250 16.11 3.97 -14.57
C THR A 250 15.42 4.77 -13.46
N TYR A 251 15.41 6.10 -13.62
CA TYR A 251 14.80 7.03 -12.65
C TYR A 251 13.70 7.83 -13.34
N VAL A 252 12.80 7.10 -14.00
CA VAL A 252 11.77 7.67 -14.87
C VAL A 252 10.43 7.89 -14.16
N HIS A 253 10.14 7.07 -13.14
CA HIS A 253 8.86 7.13 -12.40
C HIS A 253 9.09 7.49 -10.93
N ASN A 254 8.11 8.16 -10.35
CA ASN A 254 8.10 8.55 -8.95
C ASN A 254 6.85 7.94 -8.31
N GLU A 255 7.06 6.91 -7.49
CA GLU A 255 5.96 6.20 -6.80
C GLU A 255 5.11 7.08 -5.87
N LEU A 256 5.75 8.09 -5.27
CA LEU A 256 5.05 9.00 -4.34
C LEU A 256 4.17 10.04 -5.07
N ALA A 257 4.59 10.48 -6.24
CA ALA A 257 3.83 11.46 -7.04
C ALA A 257 2.62 10.81 -7.72
N ASN A 258 1.60 11.62 -8.01
CA ASN A 258 0.36 11.16 -8.63
C ASN A 258 0.54 10.88 -10.12
N MET A 259 -0.35 10.06 -10.68
CA MET A 259 -0.22 9.58 -12.07
C MET A 259 -0.56 10.62 -13.14
N GLU A 260 -1.33 11.65 -12.80
CA GLU A 260 -1.63 12.76 -13.73
C GLU A 260 -0.36 13.52 -14.16
N GLU A 261 0.57 13.71 -13.23
CA GLU A 261 1.85 14.37 -13.50
C GLU A 261 2.85 13.36 -14.06
N ASP A 262 3.11 12.31 -13.27
CA ASP A 262 4.09 11.28 -13.63
C ASP A 262 3.41 10.14 -14.40
N ALA A 263 3.51 10.18 -15.72
CA ALA A 263 2.93 9.16 -16.61
C ALA A 263 3.98 8.43 -17.43
N ARG A 264 5.22 8.38 -16.93
CA ARG A 264 6.33 7.73 -17.65
C ARG A 264 6.72 6.40 -17.01
N SER A 265 7.22 5.48 -17.84
CA SER A 265 7.65 4.15 -17.41
C SER A 265 8.81 3.65 -18.26
N ALA A 266 9.49 2.60 -17.77
CA ALA A 266 10.62 1.99 -18.47
C ALA A 266 10.66 0.49 -18.25
N GLY A 267 10.85 -0.26 -19.34
CA GLY A 267 10.88 -1.71 -19.30
C GLY A 267 9.52 -2.40 -19.21
N VAL A 268 8.44 -1.64 -19.44
CA VAL A 268 7.07 -2.13 -19.25
C VAL A 268 6.25 -1.90 -20.51
N ALA A 269 5.60 -2.96 -21.00
CA ALA A 269 4.62 -2.83 -22.08
C ALA A 269 3.35 -2.18 -21.56
N THR A 270 2.87 -1.16 -22.27
CA THR A 270 1.66 -0.42 -21.87
C THR A 270 0.40 -1.23 -22.22
N PHE A 271 -0.77 -0.70 -21.86
CA PHE A 271 -2.04 -1.43 -21.98
C PHE A 271 -2.30 -2.04 -23.37
N VAL A 272 -2.22 -1.21 -24.42
CA VAL A 272 -2.54 -1.65 -25.78
C VAL A 272 -1.59 -2.74 -26.29
N LEU A 273 -0.32 -2.66 -25.90
CA LEU A 273 0.68 -3.65 -26.29
C LEU A 273 0.44 -5.02 -25.66
N GLN A 274 0.06 -5.02 -24.38
CA GLN A 274 -0.27 -6.26 -23.66
C GLN A 274 -1.60 -6.86 -24.14
N GLU A 275 -2.61 -6.00 -24.30
CA GLU A 275 -3.97 -6.45 -24.61
C GLU A 275 -4.21 -6.77 -26.08
N GLU A 276 -3.57 -6.02 -27.00
CA GLU A 276 -3.82 -6.15 -28.43
C GLU A 276 -2.66 -6.67 -29.29
N PHE A 277 -1.44 -6.71 -28.74
CA PHE A 277 -0.28 -7.28 -29.46
C PHE A 277 0.42 -8.44 -28.74
N ASP A 278 -0.04 -8.78 -27.54
CA ASP A 278 0.55 -9.85 -26.70
C ASP A 278 2.06 -9.70 -26.49
N ARG A 279 2.51 -8.48 -26.23
CA ARG A 279 3.85 -8.21 -25.73
C ARG A 279 3.72 -7.78 -24.27
N TYR A 280 4.30 -8.59 -23.37
CA TYR A 280 4.17 -8.37 -21.92
C TYR A 280 5.42 -7.78 -21.26
N SER A 281 6.58 -7.91 -21.91
CA SER A 281 7.83 -7.32 -21.43
C SER A 281 8.24 -6.12 -22.28
N GLY A 282 8.95 -5.18 -21.67
CA GLY A 282 9.47 -3.99 -22.35
C GLY A 282 10.98 -3.80 -22.27
N TYR A 283 11.71 -4.83 -21.85
CA TYR A 283 13.17 -4.79 -21.80
C TYR A 283 13.76 -6.15 -22.16
N TRP A 284 14.98 -6.14 -22.71
CA TRP A 284 15.61 -7.34 -23.25
C TRP A 284 17.11 -7.33 -22.98
N TRP A 285 17.60 -8.34 -22.28
CA TRP A 285 19.05 -8.49 -22.00
C TRP A 285 19.81 -8.73 -23.30
N CYS A 286 20.97 -8.11 -23.42
CA CYS A 286 21.93 -8.47 -24.47
C CYS A 286 22.56 -9.80 -24.09
N PRO A 287 22.51 -10.81 -24.98
CA PRO A 287 22.93 -12.16 -24.61
C PRO A 287 24.43 -12.39 -24.42
N LYS A 288 25.28 -11.43 -24.81
CA LYS A 288 26.74 -11.54 -24.64
C LYS A 288 27.30 -10.31 -23.93
N ALA A 289 28.38 -10.52 -23.18
CA ALA A 289 29.05 -9.47 -22.43
C ALA A 289 30.32 -9.03 -23.17
N GLU A 290 30.47 -7.71 -23.33
CA GLU A 290 31.69 -7.13 -23.89
C GLU A 290 32.75 -7.06 -22.79
N THR A 291 33.89 -7.71 -23.02
CA THR A 291 35.00 -7.73 -22.06
C THR A 291 35.76 -6.40 -22.08
N THR A 292 36.24 -5.96 -20.92
CA THR A 292 37.00 -4.72 -20.76
C THR A 292 38.51 -4.99 -20.65
N PRO A 293 39.35 -3.95 -20.83
CA PRO A 293 40.79 -4.07 -20.57
C PRO A 293 41.18 -4.45 -19.13
N SER A 294 40.36 -4.03 -18.16
CA SER A 294 40.64 -4.29 -16.74
C SER A 294 40.49 -5.75 -16.31
N GLY A 295 39.74 -6.55 -17.08
CA GLY A 295 39.39 -7.93 -16.70
C GLY A 295 38.00 -8.06 -16.11
N GLY A 296 37.12 -7.08 -16.39
CA GLY A 296 35.70 -7.14 -16.01
C GLY A 296 34.86 -7.33 -17.26
N LYS A 297 33.68 -6.70 -17.29
CA LYS A 297 32.79 -6.78 -18.46
C LYS A 297 31.69 -5.72 -18.45
N ILE A 298 31.05 -5.55 -19.61
CA ILE A 298 29.91 -4.66 -19.79
C ILE A 298 28.68 -5.49 -20.16
N LEU A 299 27.65 -5.42 -19.31
CA LEU A 299 26.34 -6.00 -19.61
C LEU A 299 25.45 -4.89 -20.16
N ARG A 300 24.54 -5.26 -21.07
CA ARG A 300 23.64 -4.30 -21.72
C ARG A 300 22.18 -4.76 -21.64
N ILE A 301 21.28 -3.79 -21.49
CA ILE A 301 19.84 -4.02 -21.51
C ILE A 301 19.20 -2.99 -22.45
N LEU A 302 18.59 -3.47 -23.53
CA LEU A 302 17.72 -2.64 -24.38
C LEU A 302 16.37 -2.55 -23.67
N TYR A 303 15.75 -1.38 -23.71
CA TYR A 303 14.41 -1.22 -23.14
C TYR A 303 13.57 -0.12 -23.80
N GLU A 304 12.26 -0.30 -23.71
CA GLU A 304 11.29 0.67 -24.20
C GLU A 304 11.01 1.66 -23.08
N GLU A 305 11.04 2.96 -23.41
CA GLU A 305 10.65 4.02 -22.49
C GLU A 305 9.37 4.67 -23.02
N ASN A 306 8.31 4.62 -22.23
CA ASN A 306 7.00 5.14 -22.62
C ASN A 306 6.68 6.41 -21.85
N ASP A 307 6.02 7.35 -22.52
CA ASP A 307 5.48 8.56 -21.90
C ASP A 307 4.00 8.62 -22.25
N GLU A 308 3.16 8.39 -21.24
CA GLU A 308 1.70 8.34 -21.42
C GLU A 308 1.00 9.65 -21.00
N SER A 309 1.73 10.76 -21.01
CA SER A 309 1.20 12.07 -20.55
C SER A 309 0.03 12.58 -21.38
N GLU A 310 0.13 12.42 -22.70
CA GLU A 310 -0.90 12.87 -23.64
C GLU A 310 -2.03 11.85 -23.87
N VAL A 311 -1.92 10.65 -23.30
CA VAL A 311 -2.91 9.59 -23.47
C VAL A 311 -4.13 9.90 -22.60
N GLU A 312 -5.32 9.56 -23.12
CA GLU A 312 -6.58 9.77 -22.41
C GLU A 312 -6.61 9.02 -21.08
N ILE A 313 -7.06 9.70 -20.03
CA ILE A 313 -7.24 9.10 -18.70
C ILE A 313 -8.71 8.73 -18.55
N ILE A 314 -8.98 7.53 -18.03
CA ILE A 314 -10.33 7.10 -17.72
C ILE A 314 -10.41 6.54 -16.30
N HIS A 315 -11.60 6.63 -15.71
CA HIS A 315 -11.83 6.20 -14.33
C HIS A 315 -12.78 5.01 -14.30
N VAL A 316 -12.26 3.85 -13.91
CA VAL A 316 -13.06 2.65 -13.67
C VAL A 316 -13.20 2.50 -12.15
N THR A 317 -14.39 2.10 -11.70
CA THR A 317 -14.66 1.88 -10.28
C THR A 317 -13.66 0.89 -9.67
N SER A 318 -13.15 1.19 -8.48
CA SER A 318 -12.16 0.33 -7.83
C SER A 318 -12.87 -0.89 -7.22
N PRO A 319 -12.15 -2.04 -7.09
CA PRO A 319 -12.71 -3.25 -6.48
C PRO A 319 -13.34 -3.03 -5.10
N MET A 320 -12.69 -2.22 -4.28
CA MET A 320 -13.23 -1.81 -2.98
C MET A 320 -14.43 -0.88 -3.17
N LEU A 321 -15.64 -1.44 -3.14
CA LEU A 321 -16.88 -0.66 -3.25
C LEU A 321 -17.23 0.15 -1.98
N GLU A 322 -16.56 -0.16 -0.86
CA GLU A 322 -16.74 0.57 0.40
C GLU A 322 -16.31 2.02 0.28
N THR A 323 -15.09 2.21 -0.24
CA THR A 323 -14.62 3.54 -0.63
C THR A 323 -15.19 3.81 -2.02
N ARG A 324 -16.13 4.76 -2.10
CA ARG A 324 -16.82 5.06 -3.36
C ARG A 324 -15.86 5.78 -4.31
N ARG A 325 -14.95 5.00 -4.90
CA ARG A 325 -13.82 5.54 -5.66
C ARG A 325 -13.66 4.88 -7.02
N ALA A 326 -12.86 5.53 -7.88
CA ALA A 326 -12.52 5.01 -9.20
C ALA A 326 -11.02 5.17 -9.45
N ASP A 327 -10.40 4.10 -9.93
CA ASP A 327 -8.96 4.09 -10.23
C ASP A 327 -8.72 4.65 -11.64
N SER A 328 -7.74 5.54 -11.76
CA SER A 328 -7.33 6.09 -13.05
C SER A 328 -6.40 5.13 -13.78
N PHE A 329 -6.54 5.03 -15.09
CA PHE A 329 -5.48 4.46 -15.94
C PHE A 329 -5.51 4.99 -17.38
N ARG A 330 -4.38 4.84 -18.06
CA ARG A 330 -4.17 5.39 -19.40
C ARG A 330 -4.73 4.43 -20.45
N TYR A 331 -5.82 4.85 -21.08
CA TYR A 331 -6.51 4.05 -22.10
C TYR A 331 -6.55 4.83 -23.42
N PRO A 332 -5.68 4.46 -24.39
CA PRO A 332 -5.73 5.16 -25.67
C PRO A 332 -6.93 4.72 -26.51
N LYS A 333 -8.00 5.52 -26.46
CA LYS A 333 -9.21 5.24 -27.23
C LYS A 333 -8.95 5.53 -28.70
N THR A 334 -9.70 4.87 -29.58
CA THR A 334 -9.50 4.99 -31.03
C THR A 334 -9.50 6.44 -31.52
N GLY A 335 -8.56 6.77 -32.39
CA GLY A 335 -8.42 8.12 -32.94
C GLY A 335 -7.72 9.15 -32.06
N THR A 336 -7.26 8.74 -30.87
CA THR A 336 -6.58 9.64 -29.93
C THR A 336 -5.13 9.18 -29.75
N ALA A 337 -4.37 9.92 -28.94
CA ALA A 337 -2.92 9.70 -28.83
C ALA A 337 -2.55 8.37 -28.17
N ASN A 338 -1.66 7.63 -28.83
CA ASN A 338 -0.95 6.51 -28.21
C ASN A 338 0.23 7.08 -27.42
N PRO A 339 0.86 6.26 -26.55
CA PRO A 339 2.04 6.76 -25.81
C PRO A 339 3.21 7.18 -26.70
N LYS A 340 3.95 8.18 -26.24
CA LYS A 340 5.18 8.59 -26.92
C LYS A 340 6.27 7.60 -26.54
N VAL A 341 6.82 6.90 -27.53
CA VAL A 341 7.74 5.77 -27.30
C VAL A 341 9.12 6.02 -27.89
N THR A 342 10.12 5.36 -27.31
CA THR A 342 11.49 5.41 -27.82
C THR A 342 12.31 4.25 -27.26
N PHE A 343 13.43 3.97 -27.91
CA PHE A 343 14.39 2.97 -27.43
C PHE A 343 15.45 3.64 -26.57
N LYS A 344 15.87 2.92 -25.53
CA LYS A 344 16.95 3.32 -24.64
C LYS A 344 17.85 2.12 -24.40
N MET A 345 19.03 2.36 -23.84
CA MET A 345 19.94 1.28 -23.48
C MET A 345 20.71 1.59 -22.20
N SER A 346 20.72 0.63 -21.28
CA SER A 346 21.44 0.73 -20.01
C SER A 346 22.76 -0.01 -20.15
N GLU A 347 23.87 0.72 -20.08
CA GLU A 347 25.21 0.15 -20.15
C GLU A 347 25.71 -0.05 -18.72
N ILE A 348 26.00 -1.30 -18.36
CA ILE A 348 26.27 -1.69 -16.97
C ILE A 348 27.69 -2.28 -16.86
N MET A 349 28.61 -1.51 -16.27
CA MET A 349 30.01 -1.93 -16.12
C MET A 349 30.21 -2.72 -14.82
N ILE A 350 30.64 -3.97 -14.94
CA ILE A 350 30.95 -4.85 -13.81
C ILE A 350 32.46 -5.08 -13.75
N ASP A 351 33.03 -5.07 -12.55
CA ASP A 351 34.48 -5.27 -12.34
C ASP A 351 34.86 -6.77 -12.27
N ALA A 352 36.13 -7.05 -12.00
CA ALA A 352 36.65 -8.43 -11.98
C ALA A 352 36.00 -9.38 -10.96
N GLU A 353 35.52 -8.84 -9.83
CA GLU A 353 34.89 -9.65 -8.77
C GLU A 353 33.35 -9.56 -8.72
N GLY A 354 32.72 -9.19 -9.84
CA GLY A 354 31.26 -9.13 -9.95
C GLY A 354 30.57 -7.90 -9.37
N ARG A 355 31.34 -6.88 -9.01
CA ARG A 355 30.80 -5.63 -8.43
C ARG A 355 30.54 -4.61 -9.53
N ILE A 356 29.48 -3.81 -9.36
CA ILE A 356 29.14 -2.74 -10.31
C ILE A 356 30.11 -1.58 -10.15
N ILE A 357 30.70 -1.15 -11.26
CA ILE A 357 31.54 0.06 -11.31
C ILE A 357 30.64 1.27 -11.54
N ASP A 358 29.90 1.24 -12.64
CA ASP A 358 29.09 2.39 -13.09
C ASP A 358 27.91 1.93 -13.94
N VAL A 359 26.88 2.77 -14.02
CA VAL A 359 25.71 2.55 -14.87
C VAL A 359 25.51 3.79 -15.74
N ILE A 360 25.70 3.64 -17.06
CA ILE A 360 25.51 4.72 -18.02
C ILE A 360 24.20 4.50 -18.78
N ASP A 361 23.21 5.37 -18.54
CA ASP A 361 21.95 5.35 -19.28
C ASP A 361 22.15 6.04 -20.63
N LYS A 362 21.65 5.43 -21.71
CA LYS A 362 21.92 5.90 -23.07
C LYS A 362 20.65 6.03 -23.92
N GLU A 363 20.65 6.99 -24.83
CA GLU A 363 19.51 7.32 -25.69
C GLU A 363 19.94 7.37 -27.16
N LEU A 364 18.98 7.26 -28.06
CA LEU A 364 19.24 7.27 -29.50
C LEU A 364 19.85 8.60 -29.95
N ILE A 365 20.85 8.51 -30.84
CA ILE A 365 21.60 9.69 -31.33
C ILE A 365 20.71 10.75 -31.98
N GLN A 366 19.63 10.30 -32.63
CA GLN A 366 18.56 11.17 -33.11
C GLN A 366 17.25 10.64 -32.53
N PRO A 367 16.17 11.45 -32.55
CA PRO A 367 14.89 10.97 -31.98
C PRO A 367 14.29 9.75 -32.70
N PHE A 368 13.41 9.04 -31.99
CA PHE A 368 12.69 7.88 -32.53
C PHE A 368 11.84 8.24 -33.76
N GLU A 369 11.26 9.44 -33.74
CA GLU A 369 10.40 9.92 -34.84
C GLU A 369 11.20 10.17 -36.13
N ILE A 370 12.47 10.54 -35.98
CA ILE A 370 13.36 10.81 -37.12
C ILE A 370 13.89 9.49 -37.70
N LEU A 371 14.50 8.68 -36.84
CA LEU A 371 15.12 7.41 -37.26
C LEU A 371 14.13 6.37 -37.78
N PHE A 372 12.95 6.30 -37.17
CA PHE A 372 11.90 5.33 -37.53
C PHE A 372 10.64 6.06 -37.98
N GLU A 373 10.71 6.62 -39.18
CA GLU A 373 9.61 7.41 -39.78
C GLU A 373 8.33 6.58 -39.88
N GLY A 374 7.21 7.16 -39.44
CA GLY A 374 5.89 6.54 -39.57
C GLY A 374 5.51 5.50 -38.53
N VAL A 375 6.44 5.12 -37.65
CA VAL A 375 6.23 4.03 -36.69
C VAL A 375 5.41 4.50 -35.49
N GLU A 376 4.37 3.75 -35.15
CA GLU A 376 3.58 3.94 -33.93
C GLU A 376 3.98 2.95 -32.85
N TYR A 377 3.88 1.66 -33.19
CA TYR A 377 4.01 0.58 -32.21
C TYR A 377 5.32 -0.17 -32.38
N ILE A 378 5.99 -0.43 -31.25
CA ILE A 378 7.06 -1.42 -31.18
C ILE A 378 6.36 -2.74 -30.89
N ALA A 379 6.19 -3.57 -31.92
CA ALA A 379 5.41 -4.81 -31.80
C ALA A 379 6.21 -5.89 -31.07
N ARG A 380 7.46 -6.09 -31.52
CA ARG A 380 8.36 -7.06 -30.92
C ARG A 380 9.77 -6.48 -30.88
N ALA A 381 10.62 -7.05 -30.01
CA ALA A 381 12.02 -6.66 -29.94
C ALA A 381 12.88 -7.72 -29.26
N GLY A 382 14.19 -7.62 -29.48
CA GLY A 382 15.15 -8.56 -28.92
C GLY A 382 16.54 -8.34 -29.48
N TRP A 383 17.37 -9.38 -29.41
CA TRP A 383 18.76 -9.34 -29.87
C TRP A 383 19.07 -10.48 -30.83
N THR A 384 20.06 -10.27 -31.69
CA THR A 384 20.61 -11.34 -32.53
C THR A 384 21.47 -12.25 -31.63
N PRO A 385 21.68 -13.52 -32.02
CA PRO A 385 22.37 -14.49 -31.15
C PRO A 385 23.74 -14.07 -30.57
N GLU A 386 24.47 -13.22 -31.30
CA GLU A 386 25.80 -12.76 -30.87
C GLU A 386 25.74 -11.46 -30.06
N GLY A 387 24.58 -10.83 -29.99
CA GLY A 387 24.43 -9.53 -29.31
C GLY A 387 25.03 -8.36 -30.06
N LYS A 388 25.25 -8.52 -31.36
CA LYS A 388 25.88 -7.48 -32.18
C LYS A 388 24.85 -6.39 -32.51
N TYR A 389 23.69 -6.82 -32.97
CA TYR A 389 22.56 -5.94 -33.26
C TYR A 389 21.38 -6.28 -32.37
N ALA A 390 20.70 -5.26 -31.88
CA ALA A 390 19.35 -5.40 -31.35
C ALA A 390 18.41 -5.38 -32.55
N TRP A 391 17.28 -6.10 -32.47
CA TRP A 391 16.26 -6.07 -33.53
C TRP A 391 14.91 -5.64 -32.99
N SER A 392 14.04 -5.21 -33.90
CA SER A 392 12.68 -4.85 -33.55
C SER A 392 11.75 -4.92 -34.77
N ILE A 393 10.52 -5.35 -34.54
CA ILE A 393 9.47 -5.39 -35.56
C ILE A 393 8.53 -4.22 -35.29
N LEU A 394 8.44 -3.30 -36.25
CA LEU A 394 7.80 -2.00 -36.07
C LEU A 394 6.60 -1.82 -37.00
N LEU A 395 5.49 -1.31 -36.45
CA LEU A 395 4.25 -1.07 -37.20
C LEU A 395 3.97 0.42 -37.32
N ASP A 396 3.29 0.81 -38.41
CA ASP A 396 2.72 2.15 -38.55
C ASP A 396 1.33 2.17 -37.90
N ARG A 397 0.70 3.33 -37.85
CA ARG A 397 -0.59 3.50 -37.14
C ARG A 397 -1.72 2.68 -37.74
N SER A 398 -1.85 2.73 -39.07
CA SER A 398 -2.90 1.97 -39.77
C SER A 398 -2.68 0.45 -39.74
N GLN A 399 -1.46 0.03 -39.40
CA GLN A 399 -1.08 -1.39 -39.29
C GLN A 399 -1.15 -2.09 -40.66
N THR A 400 -0.78 -1.34 -41.68
CA THR A 400 -0.67 -1.81 -43.05
C THR A 400 0.79 -1.85 -43.51
N ARG A 401 1.73 -1.58 -42.60
CA ARG A 401 3.17 -1.63 -42.92
C ARG A 401 3.96 -2.20 -41.74
N LEU A 402 4.70 -3.28 -42.00
CA LEU A 402 5.61 -3.88 -41.03
C LEU A 402 7.04 -3.60 -41.46
N GLN A 403 7.92 -3.39 -40.48
CA GLN A 403 9.35 -3.18 -40.74
C GLN A 403 10.17 -3.93 -39.68
N ILE A 404 11.05 -4.83 -40.13
CA ILE A 404 12.03 -5.46 -39.25
C ILE A 404 13.30 -4.61 -39.37
N VAL A 405 13.81 -4.13 -38.23
CA VAL A 405 14.93 -3.17 -38.22
C VAL A 405 16.01 -3.60 -37.22
N LEU A 406 17.25 -3.65 -37.69
CA LEU A 406 18.40 -3.88 -36.81
C LEU A 406 18.92 -2.56 -36.26
N ILE A 407 19.15 -2.52 -34.95
CA ILE A 407 19.58 -1.31 -34.23
C ILE A 407 20.88 -1.64 -33.52
N SER A 408 21.97 -1.02 -33.95
CA SER A 408 23.29 -1.23 -33.32
C SER A 408 23.37 -0.51 -31.97
N PRO A 409 24.16 -1.06 -31.02
CA PRO A 409 24.44 -0.34 -29.76
C PRO A 409 25.17 0.99 -29.93
N GLU A 410 25.95 1.13 -31.01
CA GLU A 410 26.66 2.38 -31.31
C GLU A 410 25.75 3.55 -31.72
N LEU A 411 24.49 3.25 -32.08
CA LEU A 411 23.48 4.31 -32.27
C LEU A 411 23.10 5.04 -30.98
N PHE A 412 23.33 4.40 -29.82
CA PHE A 412 23.03 5.01 -28.52
C PHE A 412 24.23 5.79 -27.99
N ILE A 413 23.94 6.97 -27.43
CA ILE A 413 24.95 7.81 -26.74
C ILE A 413 24.47 8.08 -25.31
N PRO A 414 25.40 8.38 -24.37
CA PRO A 414 24.98 8.72 -23.01
C PRO A 414 24.09 9.96 -22.92
N VAL A 415 23.20 9.98 -21.93
CA VAL A 415 22.27 11.10 -21.73
C VAL A 415 23.06 12.26 -21.10
N GLU A 416 23.04 13.41 -21.77
CA GLU A 416 23.79 14.60 -21.35
C GLU A 416 22.98 15.88 -21.55
N ASP A 417 22.53 16.47 -20.45
CA ASP A 417 21.84 17.77 -20.47
C ASP A 417 22.78 18.95 -20.77
N ASP A 418 24.10 18.76 -20.58
CA ASP A 418 25.10 19.75 -20.97
C ASP A 418 25.17 19.85 -22.50
N VAL A 419 24.98 21.06 -23.03
CA VAL A 419 24.82 21.27 -24.48
C VAL A 419 26.09 21.04 -25.32
N MET A 420 27.26 21.38 -24.77
CA MET A 420 28.54 21.24 -25.48
C MET A 420 29.02 19.79 -25.52
N GLU A 421 28.92 19.10 -24.39
CA GLU A 421 29.30 17.69 -24.28
C GLU A 421 28.39 16.76 -25.10
N ARG A 422 27.11 17.11 -25.19
CA ARG A 422 26.13 16.36 -26.00
C ARG A 422 26.48 16.40 -27.49
N GLN A 423 26.90 17.57 -27.98
CA GLN A 423 27.31 17.75 -29.38
C GLN A 423 28.60 16.99 -29.71
N ARG A 424 29.51 16.87 -28.75
CA ARG A 424 30.78 16.15 -28.97
C ARG A 424 30.57 14.64 -29.07
N LEU A 425 29.66 14.10 -28.26
CA LEU A 425 29.30 12.67 -28.31
C LEU A 425 28.58 12.27 -29.60
N ILE A 426 27.80 13.19 -30.17
CA ILE A 426 27.13 12.98 -31.46
C ILE A 426 28.15 12.88 -32.60
N GLU A 427 29.14 13.77 -32.59
CA GLU A 427 30.20 13.80 -33.61
C GLU A 427 31.13 12.58 -33.57
N SER A 428 31.34 12.01 -32.38
CA SER A 428 32.20 10.83 -32.21
C SER A 428 31.63 9.55 -32.86
N VAL A 429 30.30 9.46 -32.96
CA VAL A 429 29.64 8.33 -33.61
C VAL A 429 29.76 8.49 -35.14
N PRO A 430 30.28 7.46 -35.85
CA PRO A 430 30.39 7.57 -37.32
C PRO A 430 29.07 7.71 -38.06
N ASP A 431 29.14 8.25 -39.28
CA ASP A 431 27.98 8.35 -40.18
C ASP A 431 27.57 6.99 -40.74
N SER A 432 28.52 6.05 -40.83
CA SER A 432 28.24 4.69 -41.30
C SER A 432 27.27 3.91 -40.39
N VAL A 433 27.35 4.17 -39.09
CA VAL A 433 26.44 3.56 -38.11
C VAL A 433 25.05 4.17 -38.27
N THR A 434 24.06 3.31 -38.57
CA THR A 434 22.76 3.74 -39.03
C THR A 434 21.73 2.61 -38.83
N PRO A 435 20.42 2.95 -38.69
CA PRO A 435 19.42 1.89 -38.65
C PRO A 435 19.39 1.08 -39.95
N LEU A 436 19.12 -0.23 -39.82
CA LEU A 436 19.15 -1.15 -40.95
C LEU A 436 17.81 -1.87 -41.08
N ILE A 437 16.92 -1.33 -41.91
CA ILE A 437 15.62 -1.94 -42.19
C ILE A 437 15.87 -3.15 -43.10
N ILE A 438 16.10 -4.31 -42.48
CA ILE A 438 16.41 -5.55 -43.21
C ILE A 438 15.20 -6.21 -43.89
N TYR A 439 13.99 -5.73 -43.60
CA TYR A 439 12.78 -6.24 -44.24
C TYR A 439 11.65 -5.21 -44.14
N GLU A 440 10.81 -5.16 -45.18
CA GLU A 440 9.62 -4.32 -45.19
C GLU A 440 8.53 -4.96 -46.06
N GLU A 441 7.27 -4.73 -45.68
CA GLU A 441 6.12 -5.30 -46.39
C GLU A 441 4.87 -4.47 -46.11
N THR A 442 3.90 -4.53 -47.03
CA THR A 442 2.63 -3.82 -46.90
C THR A 442 1.44 -4.70 -47.25
N THR A 443 0.24 -4.19 -46.96
CA THR A 443 -1.01 -4.91 -47.20
C THR A 443 -2.20 -3.96 -47.23
N ASP A 444 -3.19 -4.27 -48.07
CA ASP A 444 -4.46 -3.51 -48.10
C ASP A 444 -5.43 -3.97 -47.01
N ILE A 445 -5.15 -5.10 -46.35
CA ILE A 445 -5.99 -5.63 -45.26
C ILE A 445 -5.40 -5.23 -43.90
N TRP A 446 -4.48 -6.02 -43.34
CA TRP A 446 -3.78 -5.65 -42.09
C TRP A 446 -2.64 -6.60 -41.77
N ILE A 447 -1.70 -6.12 -40.95
CA ILE A 447 -0.60 -6.92 -40.44
C ILE A 447 -1.03 -7.61 -39.14
N ASN A 448 -1.03 -8.94 -39.14
CA ASN A 448 -1.20 -9.72 -37.92
C ASN A 448 0.20 -10.01 -37.37
N ILE A 449 0.49 -9.46 -36.19
CA ILE A 449 1.77 -9.70 -35.51
C ILE A 449 1.81 -11.13 -34.97
N HIS A 450 3.00 -11.73 -35.01
CA HIS A 450 3.23 -13.09 -34.52
C HIS A 450 4.64 -13.21 -33.90
N ASP A 451 4.92 -14.36 -33.30
CA ASP A 451 6.16 -14.59 -32.53
C ASP A 451 7.27 -15.32 -33.32
N ILE A 452 7.01 -15.66 -34.58
CA ILE A 452 8.01 -16.28 -35.45
C ILE A 452 9.02 -15.25 -35.98
N PHE A 453 10.27 -15.38 -35.55
CA PHE A 453 11.40 -14.63 -36.11
C PHE A 453 12.70 -15.32 -35.66
N HIS A 454 13.47 -15.83 -36.61
CA HIS A 454 14.69 -16.58 -36.32
C HIS A 454 15.87 -16.05 -37.12
N VAL A 455 16.88 -15.52 -36.41
CA VAL A 455 18.10 -15.01 -37.02
C VAL A 455 19.18 -16.09 -36.93
N PHE A 456 19.77 -16.43 -38.09
CA PHE A 456 20.86 -17.43 -38.15
C PHE A 456 22.16 -16.80 -37.67
N PRO A 457 23.17 -17.64 -37.34
CA PRO A 457 24.50 -17.10 -37.02
C PRO A 457 25.10 -16.31 -38.19
N GLN A 458 25.66 -15.14 -37.90
CA GLN A 458 26.16 -14.22 -38.92
C GLN A 458 27.48 -14.73 -39.51
N SER A 459 27.42 -15.22 -40.75
CA SER A 459 28.59 -15.77 -41.45
C SER A 459 29.43 -14.68 -42.12
N HIS A 460 28.76 -13.79 -42.86
CA HIS A 460 29.42 -12.66 -43.53
C HIS A 460 29.06 -11.35 -42.84
N GLU A 461 29.99 -10.39 -42.86
CA GLU A 461 29.84 -9.11 -42.16
C GLU A 461 28.77 -8.22 -42.78
N GLU A 462 28.67 -8.25 -44.11
CA GLU A 462 27.70 -7.43 -44.86
C GLU A 462 26.39 -8.15 -45.19
N GLU A 463 26.08 -9.23 -44.48
CA GLU A 463 24.85 -10.00 -44.71
C GLU A 463 24.22 -10.46 -43.40
N ILE A 464 22.90 -10.59 -43.40
CA ILE A 464 22.15 -11.24 -42.31
C ILE A 464 21.08 -12.16 -42.91
N GLU A 465 20.97 -13.35 -42.32
CA GLU A 465 20.14 -14.43 -42.83
C GLU A 465 19.08 -14.77 -41.79
N PHE A 466 17.81 -14.84 -42.20
CA PHE A 466 16.71 -15.07 -41.23
C PHE A 466 15.44 -15.66 -41.83
N ILE A 467 14.69 -16.38 -40.99
CA ILE A 467 13.35 -16.89 -41.34
C ILE A 467 12.30 -15.97 -40.71
N PHE A 468 11.24 -15.72 -41.46
CA PHE A 468 10.12 -14.89 -41.02
C PHE A 468 8.84 -15.40 -41.67
N ALA A 469 7.69 -15.12 -41.04
CA ALA A 469 6.39 -15.51 -41.58
C ALA A 469 5.57 -14.29 -42.00
N SER A 470 4.75 -14.45 -43.03
CA SER A 470 3.91 -13.35 -43.52
C SER A 470 2.73 -13.80 -44.38
N GLU A 471 1.63 -13.06 -44.26
CA GLU A 471 0.45 -13.22 -45.10
C GLU A 471 0.45 -12.25 -46.30
N CYS A 472 1.42 -11.33 -46.35
CA CYS A 472 1.40 -10.23 -47.34
C CYS A 472 1.57 -10.67 -48.79
N LYS A 473 2.30 -11.77 -49.03
CA LYS A 473 2.58 -12.25 -50.39
C LYS A 473 1.34 -12.92 -51.00
N THR A 474 0.90 -14.01 -50.38
CA THR A 474 -0.16 -14.88 -50.94
C THR A 474 -1.54 -14.77 -50.27
N GLY A 475 -1.61 -14.17 -49.08
CA GLY A 475 -2.85 -14.12 -48.29
C GLY A 475 -3.02 -15.24 -47.27
N PHE A 476 -2.01 -16.10 -47.16
CA PHE A 476 -1.92 -17.11 -46.09
C PHE A 476 -0.53 -17.00 -45.46
N ARG A 477 -0.44 -17.26 -44.16
CA ARG A 477 0.83 -17.12 -43.44
C ARG A 477 1.77 -18.26 -43.80
N HIS A 478 2.94 -17.91 -44.35
CA HIS A 478 3.94 -18.89 -44.77
C HIS A 478 5.33 -18.43 -44.39
N LEU A 479 6.25 -19.38 -44.26
CA LEU A 479 7.62 -19.09 -43.85
C LEU A 479 8.48 -18.71 -45.06
N TYR A 480 9.37 -17.72 -44.86
CA TYR A 480 10.25 -17.23 -45.93
C TYR A 480 11.67 -17.06 -45.41
N LYS A 481 12.63 -17.76 -46.02
CA LYS A 481 14.05 -17.57 -45.74
C LYS A 481 14.54 -16.34 -46.51
N ILE A 482 15.04 -15.35 -45.78
CA ILE A 482 15.43 -14.06 -46.36
C ILE A 482 16.88 -13.74 -45.99
N THR A 483 17.64 -13.28 -46.98
CA THR A 483 18.99 -12.76 -46.78
C THR A 483 18.99 -11.31 -47.22
N SER A 484 19.40 -10.40 -46.33
CA SER A 484 19.42 -8.96 -46.60
C SER A 484 20.84 -8.40 -46.50
N ILE A 485 21.18 -7.51 -47.43
CA ILE A 485 22.52 -6.94 -47.52
C ILE A 485 22.61 -5.70 -46.63
N LEU A 486 23.53 -5.74 -45.67
CA LEU A 486 23.74 -4.62 -44.74
C LEU A 486 24.55 -3.52 -45.43
N LYS A 487 23.85 -2.69 -46.20
CA LYS A 487 24.46 -1.57 -46.93
C LYS A 487 24.81 -0.43 -45.98
N GLU A 488 25.98 0.18 -46.20
CA GLU A 488 26.31 1.46 -45.59
C GLU A 488 25.39 2.50 -46.22
N SER A 489 24.72 3.31 -45.38
CA SER A 489 23.61 4.15 -45.83
C SER A 489 24.07 5.34 -46.70
N LYS A 490 23.19 5.74 -47.62
CA LYS A 490 23.40 6.92 -48.46
C LYS A 490 23.29 8.20 -47.62
N TYR A 491 22.36 8.21 -46.68
CA TYR A 491 22.19 9.32 -45.73
C TYR A 491 23.41 9.45 -44.82
N LYS A 492 23.88 10.69 -44.64
CA LYS A 492 25.00 11.00 -43.76
C LYS A 492 24.55 12.04 -42.73
N ARG A 493 24.91 11.81 -41.47
CA ARG A 493 24.44 12.62 -40.35
C ARG A 493 25.17 13.96 -40.20
N SER A 494 26.38 14.05 -40.76
CA SER A 494 27.20 15.28 -40.71
C SER A 494 26.59 16.47 -41.45
N SER A 495 25.83 16.20 -42.52
CA SER A 495 25.16 17.25 -43.31
C SER A 495 24.13 18.08 -42.51
N GLY A 496 23.54 17.47 -41.47
CA GLY A 496 22.57 18.17 -40.62
C GLY A 496 21.19 18.29 -41.24
N GLY A 497 20.79 17.29 -42.01
CA GLY A 497 19.45 17.20 -42.60
C GLY A 497 18.74 15.95 -42.10
N LEU A 498 17.44 15.87 -42.37
CA LEU A 498 16.64 14.70 -41.99
C LEU A 498 16.68 13.66 -43.11
N PRO A 499 16.66 12.36 -42.76
CA PRO A 499 16.73 11.31 -43.76
C PRO A 499 15.41 11.10 -44.52
N ALA A 500 15.50 10.70 -45.78
CA ALA A 500 14.33 10.36 -46.61
C ALA A 500 13.79 8.99 -46.19
N PRO A 501 12.51 8.70 -46.50
CA PRO A 501 11.88 7.43 -46.07
C PRO A 501 12.66 6.14 -46.35
N SER A 502 13.30 6.05 -47.51
CA SER A 502 13.98 4.83 -47.96
C SER A 502 15.51 4.81 -47.73
N ASP A 503 16.05 5.78 -47.00
CA ASP A 503 17.52 5.86 -46.79
C ASP A 503 18.09 4.73 -45.93
N PHE A 504 17.29 4.19 -45.01
CA PHE A 504 17.71 3.09 -44.14
C PHE A 504 17.35 1.69 -44.67
N LYS A 505 16.65 1.61 -45.79
CA LYS A 505 16.19 0.33 -46.34
C LYS A 505 17.33 -0.47 -46.97
N CYS A 506 17.39 -1.75 -46.62
CA CYS A 506 18.40 -2.68 -47.14
C CYS A 506 17.89 -3.38 -48.40
N PRO A 507 18.79 -3.72 -49.35
CA PRO A 507 18.35 -4.57 -50.47
C PRO A 507 18.17 -6.03 -50.07
N ILE A 508 17.21 -6.70 -50.71
CA ILE A 508 16.95 -8.13 -50.50
C ILE A 508 17.75 -8.93 -51.54
N LYS A 509 18.74 -9.69 -51.07
CA LYS A 509 19.53 -10.56 -51.95
C LYS A 509 18.77 -11.83 -52.33
N GLU A 510 18.01 -12.37 -51.37
CA GLU A 510 17.38 -13.68 -51.49
C GLU A 510 16.07 -13.69 -50.70
N GLU A 511 15.02 -14.27 -51.28
CA GLU A 511 13.74 -14.45 -50.59
C GLU A 511 13.04 -15.72 -51.08
N ILE A 512 13.39 -16.84 -50.44
CA ILE A 512 12.87 -18.16 -50.82
C ILE A 512 11.68 -18.52 -49.93
N ALA A 513 10.55 -18.88 -50.55
CA ALA A 513 9.37 -19.35 -49.84
C ALA A 513 9.57 -20.80 -49.39
N ILE A 514 9.58 -21.00 -48.06
CA ILE A 514 9.79 -22.32 -47.47
C ILE A 514 8.50 -23.16 -47.55
N THR A 515 7.35 -22.50 -47.38
CA THR A 515 6.04 -23.14 -47.49
C THR A 515 5.09 -22.34 -48.38
N SER A 516 4.02 -22.99 -48.82
CA SER A 516 3.00 -22.36 -49.68
C SER A 516 1.73 -23.20 -49.72
N GLY A 517 0.62 -22.55 -50.08
CA GLY A 517 -0.68 -23.22 -50.23
C GLY A 517 -1.86 -22.45 -49.69
N GLU A 518 -3.04 -23.07 -49.73
CA GLU A 518 -4.28 -22.47 -49.22
C GLU A 518 -4.50 -22.87 -47.76
N TRP A 519 -3.53 -22.52 -46.93
CA TRP A 519 -3.48 -22.89 -45.52
C TRP A 519 -2.36 -22.09 -44.86
N GLU A 520 -2.49 -21.83 -43.55
CA GLU A 520 -1.55 -20.94 -42.84
C GLU A 520 -0.63 -21.67 -41.86
N VAL A 521 0.54 -21.09 -41.65
CA VAL A 521 1.46 -21.44 -40.56
C VAL A 521 1.02 -20.65 -39.34
N LEU A 522 1.10 -21.26 -38.16
CA LEU A 522 0.64 -20.66 -36.92
C LEU A 522 1.82 -20.07 -36.13
N GLY A 523 1.67 -18.83 -35.69
CA GLY A 523 2.73 -18.12 -34.96
C GLY A 523 2.29 -17.34 -33.73
N ARG A 524 1.17 -17.74 -33.12
CA ARG A 524 0.65 -17.05 -31.94
C ARG A 524 -0.02 -18.01 -30.96
N HIS A 525 -0.17 -17.56 -29.71
CA HIS A 525 -0.75 -18.33 -28.60
C HIS A 525 0.09 -19.55 -28.22
N GLY A 526 1.41 -19.40 -28.28
CA GLY A 526 2.35 -20.50 -28.02
C GLY A 526 2.96 -21.15 -29.26
N SER A 527 2.23 -21.12 -30.37
CA SER A 527 2.74 -21.67 -31.64
C SER A 527 3.93 -20.88 -32.16
N ASN A 528 5.01 -21.59 -32.50
CA ASN A 528 6.22 -20.98 -33.04
C ASN A 528 6.92 -22.00 -33.96
N ILE A 529 8.22 -21.83 -34.20
CA ILE A 529 9.01 -22.75 -35.02
C ILE A 529 10.26 -23.18 -34.27
N GLN A 530 10.78 -24.36 -34.62
CA GLN A 530 12.05 -24.84 -34.11
C GLN A 530 12.97 -25.13 -35.29
N VAL A 531 14.11 -24.47 -35.33
CA VAL A 531 15.03 -24.52 -36.47
C VAL A 531 16.22 -25.42 -36.14
N ASP A 532 16.24 -26.61 -36.75
CA ASP A 532 17.41 -27.50 -36.71
C ASP A 532 18.43 -26.97 -37.70
N GLU A 533 19.47 -26.32 -37.19
CA GLU A 533 20.54 -25.78 -38.05
C GLU A 533 21.55 -26.83 -38.52
N VAL A 534 21.61 -27.98 -37.86
CA VAL A 534 22.55 -29.06 -38.22
C VAL A 534 22.03 -29.78 -39.47
N ARG A 535 20.82 -30.33 -39.37
CA ARG A 535 20.14 -30.97 -40.51
C ARG A 535 19.49 -29.96 -41.48
N ARG A 536 19.41 -28.68 -41.07
CA ARG A 536 18.88 -27.59 -41.89
C ARG A 536 17.39 -27.78 -42.20
N LEU A 537 16.63 -28.02 -41.13
CA LEU A 537 15.17 -28.18 -41.17
C LEU A 537 14.51 -27.10 -40.33
N VAL A 538 13.19 -26.98 -40.48
CA VAL A 538 12.38 -26.11 -39.63
C VAL A 538 11.04 -26.77 -39.31
N TYR A 539 10.78 -26.97 -38.02
CA TYR A 539 9.51 -27.53 -37.55
C TYR A 539 8.52 -26.39 -37.36
N PHE A 540 7.24 -26.63 -37.62
CA PHE A 540 6.20 -25.61 -37.49
C PHE A 540 4.81 -26.21 -37.34
N GLU A 541 3.88 -25.42 -36.81
CA GLU A 541 2.46 -25.79 -36.73
C GLU A 541 1.69 -25.11 -37.86
N GLY A 542 0.71 -25.82 -38.42
CA GLY A 542 -0.08 -25.29 -39.54
C GLY A 542 -1.42 -25.96 -39.73
N THR A 543 -2.18 -25.47 -40.72
CA THR A 543 -3.55 -25.94 -41.00
C THR A 543 -3.68 -26.65 -42.36
N LYS A 544 -2.61 -27.31 -42.80
CA LYS A 544 -2.54 -27.88 -44.16
C LYS A 544 -3.54 -29.00 -44.41
N ASP A 545 -3.63 -29.93 -43.45
CA ASP A 545 -4.57 -31.05 -43.56
C ASP A 545 -6.02 -30.62 -43.36
N SER A 546 -6.25 -29.68 -42.45
CA SER A 546 -7.59 -29.14 -42.20
C SER A 546 -7.52 -27.79 -41.45
N PRO A 547 -8.49 -26.88 -41.69
CA PRO A 547 -8.63 -25.71 -40.82
C PRO A 547 -9.25 -26.03 -39.44
N LEU A 548 -9.82 -27.23 -39.29
CA LEU A 548 -10.37 -27.69 -38.01
C LEU A 548 -9.35 -28.39 -37.10
N GLU A 549 -8.12 -28.58 -37.57
CA GLU A 549 -7.07 -29.25 -36.79
C GLU A 549 -5.72 -28.56 -36.96
N HIS A 550 -5.01 -28.41 -35.84
CA HIS A 550 -3.63 -27.93 -35.84
C HIS A 550 -2.72 -29.16 -35.91
N HIS A 551 -1.65 -29.09 -36.71
CA HIS A 551 -0.70 -30.20 -36.84
C HIS A 551 0.75 -29.74 -36.90
N LEU A 552 1.64 -30.61 -36.45
CA LEU A 552 3.09 -30.36 -36.51
C LEU A 552 3.62 -30.84 -37.85
N TYR A 553 4.46 -30.01 -38.47
CA TYR A 553 5.07 -30.31 -39.76
C TYR A 553 6.58 -30.06 -39.71
N VAL A 554 7.29 -30.54 -40.72
CA VAL A 554 8.73 -30.27 -40.87
C VAL A 554 9.10 -30.18 -42.36
N VAL A 555 10.09 -29.35 -42.64
CA VAL A 555 10.52 -29.07 -44.02
C VAL A 555 11.92 -28.45 -44.02
N SER A 556 12.68 -28.71 -45.08
CA SER A 556 14.01 -28.10 -45.26
C SER A 556 13.85 -26.63 -45.64
N TYR A 557 14.76 -25.79 -45.13
CA TYR A 557 14.80 -24.37 -45.50
C TYR A 557 15.85 -24.05 -46.59
N VAL A 558 16.67 -25.04 -46.97
CA VAL A 558 17.64 -24.89 -48.06
C VAL A 558 16.98 -25.25 -49.39
N ASN A 559 16.43 -26.46 -49.47
CA ASN A 559 15.72 -26.96 -50.65
C ASN A 559 14.28 -27.30 -50.27
N PRO A 560 13.42 -26.27 -50.11
CA PRO A 560 12.05 -26.51 -49.66
C PRO A 560 11.15 -27.17 -50.72
N GLY A 561 10.43 -28.21 -50.31
CA GLY A 561 9.50 -28.91 -51.21
C GLY A 561 8.52 -29.77 -50.44
N GLU A 562 9.02 -30.89 -49.92
CA GLU A 562 8.19 -31.84 -49.16
C GLU A 562 7.89 -31.32 -47.76
N VAL A 563 6.61 -31.28 -47.41
CA VAL A 563 6.15 -30.93 -46.06
C VAL A 563 5.59 -32.19 -45.40
N THR A 564 6.33 -32.73 -44.43
CA THR A 564 5.99 -33.98 -43.76
C THR A 564 5.19 -33.72 -42.48
N ARG A 565 3.95 -34.20 -42.43
CA ARG A 565 3.13 -34.12 -41.21
C ARG A 565 3.62 -35.13 -40.18
N LEU A 566 3.83 -34.66 -38.95
CA LEU A 566 4.35 -35.49 -37.85
C LEU A 566 3.28 -35.95 -36.84
N THR A 567 2.21 -35.16 -36.67
CA THR A 567 1.12 -35.50 -35.75
C THR A 567 0.01 -36.29 -36.46
N ASP A 568 -0.70 -37.11 -35.69
CA ASP A 568 -1.74 -38.00 -36.24
C ASP A 568 -3.06 -37.27 -36.46
N ARG A 569 -3.74 -37.61 -37.56
CA ARG A 569 -5.04 -37.02 -37.89
C ARG A 569 -6.15 -37.51 -36.95
N GLY A 570 -7.22 -36.74 -36.89
CA GLY A 570 -8.33 -36.99 -35.96
C GLY A 570 -8.24 -36.25 -34.64
N TYR A 571 -7.13 -35.54 -34.42
CA TYR A 571 -6.95 -34.67 -33.24
C TYR A 571 -6.37 -33.31 -33.67
N SER A 572 -6.63 -32.29 -32.87
CA SER A 572 -5.96 -31.00 -33.00
C SER A 572 -4.83 -30.97 -31.97
N HIS A 573 -3.63 -30.61 -32.41
CA HIS A 573 -2.41 -30.72 -31.61
C HIS A 573 -1.80 -29.34 -31.27
N SER A 574 -1.17 -29.27 -30.10
CA SER A 574 -0.40 -28.10 -29.68
C SER A 574 0.97 -28.62 -29.24
N CYS A 575 2.00 -28.30 -29.99
CA CYS A 575 3.29 -28.99 -29.89
C CYS A 575 4.44 -28.13 -29.42
N CYS A 576 5.36 -28.76 -28.69
CA CYS A 576 6.61 -28.16 -28.25
C CYS A 576 7.75 -29.09 -28.66
N ILE A 577 8.69 -28.56 -29.46
CA ILE A 577 9.82 -29.34 -29.96
C ILE A 577 11.01 -29.08 -29.06
N SER A 578 11.83 -30.12 -28.84
CA SER A 578 13.07 -29.99 -28.06
C SER A 578 14.06 -29.05 -28.75
N GLN A 579 14.91 -28.41 -27.96
CA GLN A 579 16.00 -27.59 -28.52
C GLN A 579 16.98 -28.43 -29.37
N HIS A 580 17.14 -29.70 -29.00
CA HIS A 580 18.01 -30.63 -29.74
C HIS A 580 17.36 -31.25 -30.98
N CYS A 581 16.06 -31.07 -31.14
CA CYS A 581 15.29 -31.52 -32.33
C CYS A 581 15.21 -33.04 -32.54
N ASP A 582 15.39 -33.79 -31.44
CA ASP A 582 15.25 -35.27 -31.47
C ASP A 582 14.02 -35.76 -30.70
N PHE A 583 13.19 -34.82 -30.23
CA PHE A 583 11.95 -35.14 -29.53
C PHE A 583 10.93 -34.03 -29.77
N PHE A 584 9.64 -34.36 -29.57
CA PHE A 584 8.61 -33.33 -29.44
C PHE A 584 7.45 -33.82 -28.56
N ILE A 585 6.79 -32.87 -27.93
CA ILE A 585 5.64 -33.14 -27.06
C ILE A 585 4.43 -32.49 -27.71
N SER A 586 3.29 -33.17 -27.63
CA SER A 586 2.04 -32.69 -28.21
C SER A 586 0.91 -32.77 -27.19
N LYS A 587 0.30 -31.62 -26.90
CA LYS A 587 -0.95 -31.58 -26.14
C LYS A 587 -2.08 -31.65 -27.16
N TYR A 588 -2.84 -32.75 -27.17
CA TYR A 588 -3.84 -33.00 -28.20
C TYR A 588 -5.19 -33.43 -27.65
N SER A 589 -6.23 -33.16 -28.46
CA SER A 589 -7.60 -33.51 -28.12
C SER A 589 -8.45 -33.58 -29.39
N ASN A 590 -9.68 -34.03 -29.24
CA ASN A 590 -10.70 -33.88 -30.28
C ASN A 590 -12.08 -33.70 -29.66
N GLN A 591 -13.08 -33.51 -30.51
CA GLN A 591 -14.45 -33.23 -30.05
C GLN A 591 -15.01 -34.29 -29.09
N LYS A 592 -14.57 -35.54 -29.24
CA LYS A 592 -15.06 -36.67 -28.43
C LYS A 592 -14.19 -36.97 -27.19
N ASN A 593 -12.88 -36.69 -27.28
CA ASN A 593 -11.91 -37.08 -26.26
C ASN A 593 -11.21 -35.88 -25.59
N PRO A 594 -11.17 -35.84 -24.24
CA PRO A 594 -10.40 -34.82 -23.51
C PRO A 594 -8.89 -34.79 -23.81
N HIS A 595 -8.22 -33.77 -23.25
CA HIS A 595 -6.84 -33.44 -23.58
C HIS A 595 -5.85 -34.49 -23.10
N CYS A 596 -4.91 -34.86 -23.96
CA CYS A 596 -3.79 -35.74 -23.64
C CYS A 596 -2.48 -35.00 -23.85
N VAL A 597 -1.43 -35.43 -23.17
CA VAL A 597 -0.06 -34.98 -23.46
C VAL A 597 0.83 -36.20 -23.57
N SER A 598 1.54 -36.32 -24.70
CA SER A 598 2.37 -37.47 -25.00
C SER A 598 3.70 -37.05 -25.61
N LEU A 599 4.75 -37.83 -25.32
CA LEU A 599 6.08 -37.61 -25.85
C LEU A 599 6.30 -38.47 -27.11
N TYR A 600 6.97 -37.89 -28.10
CA TYR A 600 7.29 -38.59 -29.35
C TYR A 600 8.77 -38.37 -29.69
N LYS A 601 9.48 -39.47 -29.98
CA LYS A 601 10.88 -39.40 -30.40
C LYS A 601 10.97 -39.23 -31.90
N LEU A 602 11.85 -38.34 -32.35
CA LEU A 602 12.12 -38.11 -33.77
C LEU A 602 13.43 -38.77 -34.18
N SER A 603 13.45 -39.33 -35.39
CA SER A 603 14.67 -39.88 -35.98
C SER A 603 14.58 -39.95 -37.50
N SER A 604 15.73 -40.15 -38.12
CA SER A 604 15.85 -40.24 -39.58
C SER A 604 16.52 -41.55 -39.97
N PRO A 605 16.26 -42.03 -41.20
CA PRO A 605 17.14 -43.04 -41.79
C PRO A 605 18.56 -42.49 -42.01
N GLU A 606 19.56 -43.36 -41.93
CA GLU A 606 20.97 -42.96 -42.10
C GLU A 606 21.23 -42.32 -43.48
N ASP A 607 20.55 -42.84 -44.52
CA ASP A 607 20.71 -42.36 -45.88
C ASP A 607 20.19 -40.94 -46.16
N ASP A 608 19.19 -40.50 -45.39
CA ASP A 608 18.51 -39.21 -45.63
C ASP A 608 18.10 -38.53 -44.31
N PRO A 609 18.96 -37.60 -43.81
CA PRO A 609 18.63 -36.79 -42.63
C PRO A 609 17.42 -35.84 -42.77
N THR A 610 17.07 -35.49 -44.01
CA THR A 610 15.87 -34.68 -44.30
C THR A 610 14.56 -35.40 -43.96
N CYS A 611 14.51 -36.70 -44.23
CA CYS A 611 13.32 -37.52 -43.97
C CYS A 611 13.16 -37.77 -42.46
N LYS A 612 12.02 -37.37 -41.91
CA LYS A 612 11.76 -37.43 -40.47
C LYS A 612 10.56 -38.31 -40.14
N THR A 613 10.81 -39.35 -39.35
CA THR A 613 9.75 -40.20 -38.79
C THR A 613 9.63 -39.94 -37.29
N LYS A 614 8.49 -40.35 -36.72
CA LYS A 614 8.27 -40.25 -35.28
C LYS A 614 7.81 -41.57 -34.70
N GLU A 615 7.88 -41.66 -33.37
CA GLU A 615 7.52 -42.88 -32.63
C GLU A 615 7.07 -42.49 -31.24
N PHE A 616 5.92 -43.01 -30.81
CA PHE A 616 5.43 -42.79 -29.45
C PHE A 616 6.48 -43.30 -28.45
N TRP A 617 6.79 -42.47 -27.46
CA TRP A 617 7.80 -42.80 -26.44
C TRP A 617 7.16 -43.01 -25.08
N ALA A 618 6.40 -42.02 -24.61
CA ALA A 618 5.74 -42.10 -23.31
C ALA A 618 4.59 -41.09 -23.16
N THR A 619 3.66 -41.41 -22.25
CA THR A 619 2.56 -40.52 -21.89
C THR A 619 2.96 -39.64 -20.71
N ILE A 620 2.70 -38.34 -20.82
CA ILE A 620 2.96 -37.38 -19.74
C ILE A 620 1.68 -37.15 -18.95
N LEU A 621 0.58 -36.85 -19.67
CA LEU A 621 -0.75 -36.70 -19.07
C LEU A 621 -1.74 -37.61 -19.79
N ASP A 622 -2.21 -38.64 -19.09
CA ASP A 622 -3.25 -39.53 -19.60
C ASP A 622 -4.60 -38.82 -19.48
N SER A 623 -5.46 -39.01 -20.47
CA SER A 623 -6.81 -38.45 -20.45
C SER A 623 -7.66 -39.13 -19.38
N ALA A 624 -8.59 -38.37 -18.80
CA ALA A 624 -9.61 -38.92 -17.90
C ALA A 624 -10.59 -39.84 -18.64
N GLY A 625 -10.73 -39.62 -19.95
CA GLY A 625 -11.61 -40.42 -20.81
C GLY A 625 -12.90 -39.66 -21.07
N PRO A 626 -13.69 -40.10 -22.06
CA PRO A 626 -14.97 -39.41 -22.33
C PRO A 626 -15.94 -39.57 -21.16
N LEU A 627 -16.00 -38.54 -20.32
CA LEU A 627 -16.88 -38.54 -19.13
C LEU A 627 -18.37 -38.61 -19.50
N PRO A 628 -19.18 -39.29 -18.66
CA PRO A 628 -20.53 -39.69 -19.07
C PRO A 628 -21.59 -38.57 -19.09
N ASP A 629 -21.31 -37.42 -18.47
CA ASP A 629 -22.26 -36.31 -18.38
C ASP A 629 -22.17 -35.30 -19.55
N TYR A 630 -21.35 -35.60 -20.57
CA TYR A 630 -21.11 -34.69 -21.69
C TYR A 630 -21.31 -35.38 -23.03
N THR A 631 -22.35 -34.97 -23.75
CA THR A 631 -22.57 -35.35 -25.15
C THR A 631 -22.01 -34.24 -26.05
N PRO A 632 -20.93 -34.51 -26.79
CA PRO A 632 -20.33 -33.47 -27.63
C PRO A 632 -21.15 -33.17 -28.90
N PRO A 633 -20.89 -32.00 -29.54
CA PRO A 633 -21.62 -31.61 -30.74
C PRO A 633 -21.06 -32.25 -32.00
N GLU A 634 -21.80 -32.11 -33.10
CA GLU A 634 -21.36 -32.56 -34.42
C GLU A 634 -20.89 -31.35 -35.23
N ILE A 635 -19.68 -31.44 -35.77
CA ILE A 635 -19.17 -30.41 -36.67
C ILE A 635 -19.85 -30.57 -38.03
N PHE A 636 -20.49 -29.50 -38.50
CA PHE A 636 -21.09 -29.46 -39.84
C PHE A 636 -20.42 -28.38 -40.68
N SER A 637 -20.79 -28.32 -41.95
CA SER A 637 -20.33 -27.27 -42.86
C SER A 637 -21.32 -27.08 -44.00
N PHE A 638 -21.35 -25.86 -44.54
CA PHE A 638 -22.24 -25.51 -45.65
C PHE A 638 -21.55 -24.55 -46.60
N GLU A 639 -21.81 -24.73 -47.90
CA GLU A 639 -21.26 -23.84 -48.92
C GLU A 639 -22.10 -22.57 -48.97
N SER A 640 -21.48 -21.45 -48.57
CA SER A 640 -22.16 -20.17 -48.48
C SER A 640 -22.28 -19.51 -49.84
N THR A 641 -23.27 -18.62 -49.96
CA THR A 641 -23.43 -17.78 -51.15
C THR A 641 -22.29 -16.76 -51.32
N THR A 642 -21.54 -16.51 -50.24
CA THR A 642 -20.33 -15.68 -50.28
C THR A 642 -19.12 -16.35 -50.96
N GLY A 643 -19.19 -17.66 -51.20
CA GLY A 643 -18.12 -18.40 -51.89
C GLY A 643 -17.11 -19.09 -50.97
N PHE A 644 -17.37 -19.07 -49.66
CA PHE A 644 -16.55 -19.75 -48.67
C PHE A 644 -17.32 -20.92 -48.06
N THR A 645 -16.60 -21.99 -47.72
CA THR A 645 -17.15 -23.06 -46.88
C THR A 645 -17.14 -22.55 -45.44
N LEU A 646 -18.31 -22.48 -44.82
CA LEU A 646 -18.45 -22.02 -43.44
C LEU A 646 -18.73 -23.20 -42.52
N TYR A 647 -17.88 -23.39 -41.51
CA TYR A 647 -17.99 -24.50 -40.57
C TYR A 647 -18.85 -24.11 -39.37
N GLY A 648 -19.40 -25.11 -38.69
CA GLY A 648 -20.24 -24.91 -37.51
C GLY A 648 -20.26 -26.10 -36.57
N MET A 649 -20.91 -25.92 -35.42
CA MET A 649 -21.12 -26.98 -34.43
C MET A 649 -22.59 -27.08 -34.09
N LEU A 650 -23.09 -28.29 -33.87
CA LEU A 650 -24.50 -28.54 -33.58
C LEU A 650 -24.66 -29.47 -32.38
N TYR A 651 -25.32 -28.97 -31.34
CA TYR A 651 -25.74 -29.79 -30.21
C TYR A 651 -27.22 -30.10 -30.42
N LYS A 652 -27.53 -31.37 -30.71
CA LYS A 652 -28.93 -31.80 -30.80
C LYS A 652 -29.51 -31.88 -29.38
N PRO A 653 -30.82 -31.62 -29.22
CA PRO A 653 -31.47 -31.85 -27.91
C PRO A 653 -31.38 -33.29 -27.44
N HIS A 654 -31.14 -33.49 -26.14
CA HIS A 654 -31.01 -34.82 -25.56
C HIS A 654 -32.38 -35.49 -25.49
N ASP A 655 -32.42 -36.79 -25.78
CA ASP A 655 -33.66 -37.56 -25.92
C ASP A 655 -34.57 -36.88 -26.96
N LEU A 656 -34.08 -36.86 -28.20
CA LEU A 656 -34.74 -36.15 -29.29
C LEU A 656 -36.04 -36.88 -29.68
N GLN A 657 -37.18 -36.25 -29.40
CA GLN A 657 -38.49 -36.82 -29.69
C GLN A 657 -38.81 -36.64 -31.18
N PRO A 658 -39.37 -37.69 -31.83
CA PRO A 658 -39.75 -37.56 -33.23
C PRO A 658 -41.05 -36.75 -33.39
N GLY A 659 -41.17 -36.03 -34.50
CA GLY A 659 -42.33 -35.19 -34.78
C GLY A 659 -42.49 -34.02 -33.83
N LYS A 660 -41.37 -33.41 -33.43
CA LYS A 660 -41.37 -32.24 -32.54
C LYS A 660 -40.24 -31.27 -32.89
N LYS A 661 -40.48 -29.99 -32.63
CA LYS A 661 -39.52 -28.93 -32.93
C LYS A 661 -39.14 -28.18 -31.65
N TYR A 662 -37.83 -28.02 -31.44
CA TYR A 662 -37.27 -27.50 -30.19
C TYR A 662 -36.77 -26.06 -30.35
N PRO A 663 -36.73 -25.28 -29.24
CA PRO A 663 -36.21 -23.92 -29.29
C PRO A 663 -34.70 -23.91 -29.47
N THR A 664 -34.19 -22.95 -30.24
CA THR A 664 -32.78 -22.90 -30.61
C THR A 664 -32.05 -21.76 -29.88
N VAL A 665 -30.79 -22.00 -29.52
CA VAL A 665 -29.93 -20.99 -28.89
C VAL A 665 -28.61 -20.92 -29.64
N LEU A 666 -28.44 -19.85 -30.41
CA LEU A 666 -27.21 -19.60 -31.16
C LEU A 666 -26.18 -18.96 -30.23
N PHE A 667 -25.07 -19.66 -29.97
CA PHE A 667 -23.94 -19.08 -29.23
C PHE A 667 -22.92 -18.53 -30.23
N ILE A 668 -22.42 -17.32 -29.97
CA ILE A 668 -21.62 -16.58 -30.94
C ILE A 668 -20.49 -15.77 -30.29
N TYR A 669 -19.34 -15.74 -30.97
CA TYR A 669 -18.34 -14.69 -30.77
C TYR A 669 -18.25 -13.89 -32.06
N GLY A 670 -17.74 -14.51 -33.13
CA GLY A 670 -17.80 -13.93 -34.48
C GLY A 670 -16.86 -12.78 -34.83
N GLY A 671 -15.95 -12.43 -33.92
CA GLY A 671 -14.97 -11.36 -34.15
C GLY A 671 -13.64 -11.90 -34.63
N PRO A 672 -12.68 -11.02 -34.95
CA PRO A 672 -11.37 -11.43 -35.44
C PRO A 672 -10.50 -12.09 -34.36
N GLN A 673 -9.51 -12.85 -34.81
CA GLN A 673 -8.51 -13.52 -33.95
C GLN A 673 -9.06 -14.67 -33.07
N VAL A 674 -10.25 -15.18 -33.41
CA VAL A 674 -10.86 -16.30 -32.67
C VAL A 674 -11.56 -17.25 -33.66
N GLN A 675 -11.38 -18.55 -33.40
CA GLN A 675 -12.12 -19.62 -34.09
C GLN A 675 -12.75 -20.48 -33.00
N LEU A 676 -14.08 -20.56 -33.00
CA LEU A 676 -14.82 -21.40 -32.05
C LEU A 676 -15.06 -22.82 -32.55
N VAL A 677 -15.08 -23.01 -33.87
CA VAL A 677 -15.42 -24.31 -34.48
C VAL A 677 -14.15 -25.02 -34.94
N ASN A 678 -13.80 -26.10 -34.24
CA ASN A 678 -12.66 -26.94 -34.59
C ASN A 678 -12.73 -28.29 -33.88
N ASN A 679 -11.85 -29.22 -34.26
CA ASN A 679 -11.83 -30.56 -33.68
C ASN A 679 -10.99 -30.58 -32.39
N ARG A 680 -11.54 -29.96 -31.35
CA ARG A 680 -10.94 -29.92 -30.00
C ARG A 680 -12.03 -30.26 -28.99
N PHE A 681 -11.61 -30.68 -27.80
CA PHE A 681 -12.55 -30.94 -26.72
C PHE A 681 -13.14 -29.62 -26.20
N LYS A 682 -14.46 -29.53 -26.20
CA LYS A 682 -15.21 -28.35 -25.76
C LYS A 682 -15.97 -28.59 -24.44
N GLY A 683 -15.79 -29.77 -23.84
CA GLY A 683 -16.53 -30.15 -22.63
C GLY A 683 -16.11 -29.52 -21.32
N VAL A 684 -15.02 -28.73 -21.33
CA VAL A 684 -14.62 -27.95 -20.16
C VAL A 684 -15.17 -26.52 -20.28
N LYS A 685 -14.69 -25.79 -21.28
CA LYS A 685 -14.99 -24.37 -21.44
C LYS A 685 -16.42 -24.12 -21.89
N TYR A 686 -16.95 -24.98 -22.75
CA TYR A 686 -18.33 -24.90 -23.24
C TYR A 686 -19.16 -26.10 -22.76
N PHE A 687 -19.01 -26.44 -21.48
CA PHE A 687 -19.78 -27.51 -20.84
C PHE A 687 -21.27 -27.20 -20.81
N ARG A 688 -21.61 -25.92 -20.60
CA ARG A 688 -23.01 -25.51 -20.45
C ARG A 688 -23.82 -25.45 -21.75
N LEU A 689 -23.15 -25.55 -22.90
CA LEU A 689 -23.86 -25.75 -24.17
C LEU A 689 -24.49 -27.15 -24.20
N ASN A 690 -23.77 -28.14 -23.67
CA ASN A 690 -24.31 -29.47 -23.42
C ASN A 690 -25.45 -29.45 -22.38
N THR A 691 -25.30 -28.64 -21.33
CA THR A 691 -26.38 -28.44 -20.34
C THR A 691 -27.64 -27.82 -20.96
N LEU A 692 -27.47 -26.89 -21.90
CA LEU A 692 -28.59 -26.36 -22.67
C LEU A 692 -29.22 -27.44 -23.56
N ALA A 693 -28.39 -28.30 -24.15
CA ALA A 693 -28.86 -29.45 -24.91
C ALA A 693 -29.65 -30.45 -24.05
N SER A 694 -29.22 -30.65 -22.81
CA SER A 694 -29.93 -31.55 -21.87
C SER A 694 -31.32 -31.03 -21.48
N LEU A 695 -31.45 -29.71 -21.34
CA LEU A 695 -32.75 -29.08 -21.04
C LEU A 695 -33.73 -29.07 -22.23
N GLY A 696 -33.22 -29.29 -23.45
CA GLY A 696 -34.04 -29.36 -24.65
C GLY A 696 -33.87 -28.20 -25.62
N TYR A 697 -32.75 -27.50 -25.58
CA TYR A 697 -32.44 -26.45 -26.55
C TYR A 697 -31.53 -27.01 -27.65
N VAL A 698 -31.76 -26.58 -28.88
CA VAL A 698 -30.81 -26.82 -29.97
C VAL A 698 -29.75 -25.75 -29.80
N VAL A 699 -28.47 -26.13 -29.78
CA VAL A 699 -27.38 -25.15 -29.68
C VAL A 699 -26.57 -25.14 -30.97
N VAL A 700 -26.36 -23.95 -31.52
CA VAL A 700 -25.63 -23.75 -32.78
C VAL A 700 -24.48 -22.77 -32.55
N VAL A 701 -23.34 -23.05 -33.17
CA VAL A 701 -22.18 -22.15 -33.17
C VAL A 701 -21.61 -22.14 -34.58
N ILE A 702 -21.45 -20.94 -35.15
CA ILE A 702 -21.01 -20.77 -36.54
C ILE A 702 -19.85 -19.77 -36.60
N ASP A 703 -18.75 -20.17 -37.23
CA ASP A 703 -17.64 -19.25 -37.52
C ASP A 703 -17.94 -18.49 -38.81
N ASN A 704 -18.52 -17.30 -38.65
CA ASN A 704 -18.77 -16.38 -39.77
C ASN A 704 -17.47 -15.83 -40.38
N ARG A 705 -17.62 -15.15 -41.51
CA ARG A 705 -16.50 -14.46 -42.16
C ARG A 705 -15.87 -13.44 -41.23
N GLY A 706 -14.53 -13.39 -41.21
CA GLY A 706 -13.77 -12.57 -40.27
C GLY A 706 -13.02 -13.35 -39.21
N SER A 707 -13.47 -14.56 -38.93
CA SER A 707 -12.87 -15.43 -37.91
C SER A 707 -11.50 -15.99 -38.34
N CYS A 708 -10.83 -16.64 -37.40
CA CYS A 708 -9.43 -17.03 -37.52
C CYS A 708 -9.19 -18.31 -38.32
N HIS A 709 -7.92 -18.52 -38.71
CA HIS A 709 -7.43 -19.77 -39.33
C HIS A 709 -7.98 -20.10 -40.73
N ARG A 710 -8.37 -19.09 -41.50
CA ARG A 710 -8.89 -19.29 -42.86
C ARG A 710 -8.25 -18.34 -43.90
N GLY A 711 -7.08 -17.80 -43.60
CA GLY A 711 -6.39 -16.86 -44.48
C GLY A 711 -6.84 -15.42 -44.32
N LEU A 712 -6.04 -14.51 -44.89
CA LEU A 712 -6.24 -13.06 -44.72
C LEU A 712 -7.42 -12.49 -45.51
N LYS A 713 -7.74 -13.07 -46.67
CA LYS A 713 -8.89 -12.63 -47.48
C LYS A 713 -10.23 -12.95 -46.79
N PHE A 714 -10.31 -14.14 -46.20
CA PHE A 714 -11.44 -14.55 -45.35
C PHE A 714 -11.58 -13.63 -44.15
N GLU A 715 -10.46 -13.34 -43.49
CA GLU A 715 -10.43 -12.48 -42.30
C GLU A 715 -10.77 -11.02 -42.65
N GLY A 716 -10.27 -10.56 -43.80
CA GLY A 716 -10.49 -9.19 -44.27
C GLY A 716 -11.90 -8.81 -44.70
N ALA A 717 -12.80 -9.79 -44.82
CA ALA A 717 -14.19 -9.58 -45.23
C ALA A 717 -14.88 -8.37 -44.58
N PHE A 718 -14.67 -8.17 -43.28
CA PHE A 718 -15.31 -7.04 -42.55
C PHE A 718 -14.45 -5.79 -42.33
N LYS A 719 -13.37 -5.60 -43.11
CA LYS A 719 -12.57 -4.37 -42.98
C LYS A 719 -13.44 -3.15 -43.29
N TYR A 720 -13.45 -2.19 -42.36
CA TYR A 720 -14.33 -1.00 -42.37
C TYR A 720 -15.83 -1.28 -42.15
N LYS A 721 -16.22 -2.55 -42.00
CA LYS A 721 -17.63 -2.96 -42.11
C LYS A 721 -18.07 -3.86 -40.94
N MET A 722 -17.51 -3.65 -39.75
CA MET A 722 -17.86 -4.48 -38.59
C MET A 722 -19.32 -4.30 -38.20
N GLY A 723 -19.98 -5.40 -37.87
CA GLY A 723 -21.41 -5.45 -37.57
C GLY A 723 -22.34 -5.67 -38.76
N GLN A 724 -21.83 -5.57 -39.99
CA GLN A 724 -22.66 -5.57 -41.19
C GLN A 724 -22.79 -6.95 -41.86
N ILE A 725 -21.69 -7.70 -41.91
CA ILE A 725 -21.66 -8.98 -42.65
C ILE A 725 -21.85 -10.25 -41.80
N GLU A 726 -21.67 -10.15 -40.48
CA GLU A 726 -21.53 -11.33 -39.62
C GLU A 726 -22.83 -12.10 -39.43
N ILE A 727 -23.94 -11.38 -39.28
CA ILE A 727 -25.24 -12.00 -39.00
C ILE A 727 -25.84 -12.65 -40.25
N ASP A 728 -25.49 -12.17 -41.45
CA ASP A 728 -25.85 -12.85 -42.70
C ASP A 728 -25.37 -14.30 -42.72
N ASP A 729 -24.13 -14.51 -42.29
CA ASP A 729 -23.54 -15.85 -42.19
C ASP A 729 -24.19 -16.70 -41.10
N GLN A 730 -24.52 -16.07 -39.98
CA GLN A 730 -25.16 -16.75 -38.85
C GLN A 730 -26.58 -17.22 -39.22
N VAL A 731 -27.34 -16.35 -39.90
CA VAL A 731 -28.69 -16.68 -40.36
C VAL A 731 -28.67 -17.72 -41.48
N GLU A 732 -27.75 -17.55 -42.45
CA GLU A 732 -27.57 -18.50 -43.54
C GLU A 732 -27.24 -19.90 -43.04
N GLY A 733 -26.33 -19.98 -42.06
CA GLY A 733 -25.98 -21.23 -41.40
C GLY A 733 -27.13 -21.82 -40.60
N LEU A 734 -27.91 -20.96 -39.95
CA LEU A 734 -29.09 -21.38 -39.20
C LEU A 734 -30.18 -21.94 -40.12
N GLN A 735 -30.38 -21.31 -41.28
CA GLN A 735 -31.37 -21.76 -42.26
C GLN A 735 -30.95 -23.02 -43.01
N TYR A 736 -29.63 -23.23 -43.18
CA TYR A 736 -29.10 -24.50 -43.69
C TYR A 736 -29.53 -25.66 -42.79
N LEU A 737 -29.32 -25.49 -41.48
CA LEU A 737 -29.71 -26.50 -40.49
C LEU A 737 -31.23 -26.67 -40.40
N ALA A 738 -31.96 -25.56 -40.54
CA ALA A 738 -33.43 -25.57 -40.46
C ALA A 738 -34.09 -26.38 -41.58
N SER A 739 -33.54 -26.31 -42.80
CA SER A 739 -34.03 -27.11 -43.93
C SER A 739 -33.60 -28.58 -43.80
N ARG A 740 -32.35 -28.79 -43.38
CA ARG A 740 -31.79 -30.15 -43.21
C ARG A 740 -32.35 -30.90 -41.98
N TYR A 741 -32.74 -30.15 -40.94
CA TYR A 741 -33.30 -30.74 -39.72
C TYR A 741 -34.61 -30.06 -39.33
N ASP A 742 -35.70 -30.83 -39.32
CA ASP A 742 -37.03 -30.31 -38.96
C ASP A 742 -37.24 -30.04 -37.45
N PHE A 743 -36.33 -30.52 -36.59
CA PHE A 743 -36.41 -30.26 -35.14
C PHE A 743 -36.03 -28.84 -34.68
N ILE A 744 -35.49 -28.02 -35.59
CA ILE A 744 -35.16 -26.61 -35.28
C ILE A 744 -36.39 -25.72 -35.48
N ASP A 745 -36.93 -25.20 -34.38
CA ASP A 745 -38.04 -24.25 -34.41
C ASP A 745 -37.50 -22.82 -34.64
N LEU A 746 -37.68 -22.31 -35.86
CA LEU A 746 -37.21 -20.95 -36.22
C LEU A 746 -38.03 -19.82 -35.59
N ASP A 747 -39.23 -20.12 -35.10
CA ASP A 747 -40.03 -19.15 -34.35
C ASP A 747 -39.49 -18.85 -32.94
N ARG A 748 -38.62 -19.72 -32.42
CA ARG A 748 -38.06 -19.55 -31.06
C ARG A 748 -36.54 -19.71 -31.07
N VAL A 749 -35.85 -18.76 -31.70
CA VAL A 749 -34.39 -18.73 -31.76
C VAL A 749 -33.85 -17.63 -30.85
N GLY A 750 -32.90 -18.00 -29.99
CA GLY A 750 -32.19 -17.05 -29.12
C GLY A 750 -30.73 -16.92 -29.54
N ILE A 751 -30.11 -15.80 -29.17
CA ILE A 751 -28.69 -15.55 -29.44
C ILE A 751 -27.98 -15.05 -28.17
N HIS A 752 -26.72 -15.44 -28.00
CA HIS A 752 -25.96 -15.12 -26.79
C HIS A 752 -24.46 -15.14 -27.03
N GLY A 753 -23.76 -14.16 -26.46
CA GLY A 753 -22.30 -14.07 -26.57
C GLY A 753 -21.69 -13.03 -25.65
N TRP A 754 -20.36 -13.12 -25.49
CA TRP A 754 -19.61 -12.17 -24.67
C TRP A 754 -18.62 -11.38 -25.52
N SER A 755 -18.43 -10.11 -25.15
CA SER A 755 -17.55 -9.17 -25.85
C SER A 755 -18.01 -8.91 -27.29
N TYR A 756 -17.27 -9.36 -28.31
CA TYR A 756 -17.71 -9.23 -29.70
C TYR A 756 -18.98 -10.06 -29.93
N GLY A 757 -19.10 -11.17 -29.19
CA GLY A 757 -20.31 -12.00 -29.18
C GLY A 757 -21.54 -11.28 -28.67
N GLY A 758 -21.37 -10.45 -27.62
CA GLY A 758 -22.44 -9.62 -27.08
C GLY A 758 -22.79 -8.49 -28.04
N TYR A 759 -21.75 -7.93 -28.66
CA TYR A 759 -21.90 -6.95 -29.74
C TYR A 759 -22.76 -7.50 -30.89
N LEU A 760 -22.43 -8.69 -31.37
CA LEU A 760 -23.19 -9.32 -32.46
C LEU A 760 -24.58 -9.79 -32.02
N SER A 761 -24.74 -10.15 -30.75
CA SER A 761 -26.05 -10.49 -30.20
C SER A 761 -27.02 -9.30 -30.26
N LEU A 762 -26.50 -8.10 -29.99
CA LEU A 762 -27.28 -6.88 -30.13
C LEU A 762 -27.58 -6.61 -31.59
N MET A 763 -26.56 -6.67 -32.44
CA MET A 763 -26.71 -6.48 -33.89
C MET A 763 -27.71 -7.46 -34.53
N ALA A 764 -27.73 -8.69 -34.05
CA ALA A 764 -28.66 -9.71 -34.54
C ALA A 764 -30.12 -9.35 -34.24
N LEU A 765 -30.38 -8.93 -33.00
CA LEU A 765 -31.71 -8.45 -32.61
C LEU A 765 -32.07 -7.13 -33.30
N MET A 766 -31.06 -6.28 -33.49
CA MET A 766 -31.25 -4.96 -34.11
C MET A 766 -31.59 -5.08 -35.60
N GLN A 767 -30.88 -5.96 -36.30
CA GLN A 767 -31.02 -6.14 -37.76
C GLN A 767 -32.10 -7.17 -38.11
N ARG A 768 -31.99 -8.36 -37.52
CA ARG A 768 -32.86 -9.49 -37.88
C ARG A 768 -33.77 -9.90 -36.71
N SER A 769 -34.66 -9.00 -36.30
CA SER A 769 -35.65 -9.30 -35.25
C SER A 769 -36.70 -10.33 -35.70
N ASP A 770 -36.88 -10.47 -37.02
CA ASP A 770 -37.71 -11.56 -37.58
C ASP A 770 -37.17 -12.96 -37.25
N ILE A 771 -35.85 -13.12 -37.24
CA ILE A 771 -35.21 -14.41 -36.96
C ILE A 771 -35.06 -14.65 -35.46
N PHE A 772 -34.47 -13.67 -34.77
CA PHE A 772 -34.08 -13.81 -33.35
C PHE A 772 -35.10 -13.23 -32.39
N ARG A 773 -35.63 -14.08 -31.49
CA ARG A 773 -36.60 -13.66 -30.48
C ARG A 773 -35.95 -12.95 -29.31
N VAL A 774 -34.88 -13.53 -28.77
CA VAL A 774 -34.16 -12.97 -27.62
C VAL A 774 -32.67 -12.84 -27.91
N ALA A 775 -32.05 -11.80 -27.33
CA ALA A 775 -30.61 -11.58 -27.39
C ALA A 775 -30.09 -11.34 -25.98
N ILE A 776 -29.07 -12.09 -25.59
CA ILE A 776 -28.39 -11.90 -24.30
C ILE A 776 -26.98 -11.42 -24.59
N ALA A 777 -26.76 -10.11 -24.46
CA ALA A 777 -25.49 -9.47 -24.79
C ALA A 777 -24.61 -9.33 -23.55
N GLY A 778 -23.45 -10.00 -23.59
CA GLY A 778 -22.49 -9.98 -22.48
C GLY A 778 -21.31 -9.07 -22.78
N ALA A 779 -21.05 -8.12 -21.87
CA ALA A 779 -19.97 -7.13 -22.02
C ALA A 779 -19.87 -6.57 -23.45
N PRO A 780 -20.99 -6.06 -24.00
CA PRO A 780 -21.04 -5.73 -25.42
C PRO A 780 -20.28 -4.45 -25.76
N VAL A 781 -19.57 -4.45 -26.89
CA VAL A 781 -19.04 -3.24 -27.48
C VAL A 781 -20.21 -2.56 -28.19
N THR A 782 -20.68 -1.45 -27.63
CA THR A 782 -21.81 -0.69 -28.17
C THR A 782 -21.42 0.54 -28.97
N LEU A 783 -20.14 0.91 -28.96
CA LEU A 783 -19.69 2.19 -29.52
C LEU A 783 -18.19 2.12 -29.77
N TRP A 784 -17.79 2.02 -31.04
CA TRP A 784 -16.39 1.74 -31.39
C TRP A 784 -15.40 2.86 -31.04
N ILE A 785 -15.88 4.10 -30.92
CA ILE A 785 -15.05 5.21 -30.40
C ILE A 785 -14.56 5.00 -28.96
N PHE A 786 -15.31 4.22 -28.17
CA PHE A 786 -14.93 3.86 -26.77
C PHE A 786 -13.88 2.76 -26.65
N TYR A 787 -13.58 2.02 -27.72
CA TYR A 787 -12.59 0.94 -27.69
C TYR A 787 -11.21 1.43 -28.16
N ASP A 788 -10.16 0.71 -27.78
CA ASP A 788 -8.77 1.19 -27.94
C ASP A 788 -8.26 1.32 -29.38
N THR A 789 -7.12 2.00 -29.52
CA THR A 789 -6.49 2.27 -30.81
C THR A 789 -6.06 1.02 -31.56
N GLY A 790 -5.27 0.17 -30.89
CA GLY A 790 -4.63 -1.00 -31.51
C GLY A 790 -5.57 -1.95 -32.21
N TYR A 791 -6.73 -2.20 -31.61
CA TYR A 791 -7.72 -3.12 -32.16
C TYR A 791 -8.61 -2.43 -33.19
N THR A 792 -9.26 -1.35 -32.77
CA THR A 792 -10.30 -0.70 -33.57
C THR A 792 -9.78 -0.14 -34.90
N GLU A 793 -8.64 0.54 -34.86
CA GLU A 793 -8.05 1.14 -36.07
C GLU A 793 -7.48 0.12 -37.05
N ARG A 794 -7.14 -1.06 -36.57
CA ARG A 794 -6.67 -2.16 -37.42
C ARG A 794 -7.77 -2.62 -38.38
N TYR A 795 -8.97 -2.80 -37.84
CA TYR A 795 -10.11 -3.34 -38.59
C TYR A 795 -11.00 -2.26 -39.20
N MET A 796 -11.17 -1.14 -38.49
CA MET A 796 -12.07 -0.06 -38.93
C MET A 796 -11.38 1.21 -39.46
N GLY A 797 -10.04 1.26 -39.40
CA GLY A 797 -9.32 2.48 -39.74
C GLY A 797 -9.58 3.60 -38.75
N HIS A 798 -9.08 4.79 -39.07
CA HIS A 798 -9.28 5.98 -38.22
C HIS A 798 -10.73 6.46 -38.38
N PRO A 799 -11.38 6.90 -37.28
CA PRO A 799 -12.78 7.39 -37.35
C PRO A 799 -13.06 8.50 -38.38
N ASP A 800 -12.17 9.49 -38.45
CA ASP A 800 -12.26 10.60 -39.43
C ASP A 800 -12.38 10.15 -40.89
N GLN A 801 -11.72 9.04 -41.23
CA GLN A 801 -11.71 8.51 -42.60
C GLN A 801 -12.70 7.36 -42.84
N ASN A 802 -13.64 7.15 -41.91
CA ASN A 802 -14.63 6.08 -42.03
C ASN A 802 -15.82 6.36 -41.12
N GLU A 803 -16.45 7.53 -41.31
CA GLU A 803 -17.55 7.98 -40.43
C GLU A 803 -18.73 7.02 -40.39
N GLN A 804 -19.16 6.53 -41.56
CA GLN A 804 -20.34 5.66 -41.62
C GLN A 804 -20.06 4.21 -41.21
N GLY A 805 -18.82 3.75 -41.39
CA GLY A 805 -18.39 2.46 -40.85
C GLY A 805 -18.57 2.41 -39.33
N TYR A 806 -18.10 3.46 -38.67
CA TYR A 806 -18.25 3.58 -37.21
C TYR A 806 -19.71 3.73 -36.77
N TYR A 807 -20.49 4.50 -37.52
CA TYR A 807 -21.93 4.68 -37.23
C TYR A 807 -22.70 3.37 -37.39
N LEU A 808 -22.54 2.73 -38.55
CA LEU A 808 -23.21 1.45 -38.82
C LEU A 808 -22.77 0.32 -37.89
N GLY A 809 -21.51 0.37 -37.43
CA GLY A 809 -20.99 -0.62 -36.50
C GLY A 809 -21.21 -0.39 -35.01
N SER A 810 -21.88 0.71 -34.64
CA SER A 810 -22.09 1.08 -33.24
C SER A 810 -23.58 1.02 -32.87
N VAL A 811 -23.94 0.07 -32.01
CA VAL A 811 -25.36 -0.17 -31.67
C VAL A 811 -25.99 0.97 -30.87
N ALA A 812 -25.16 1.70 -30.10
CA ALA A 812 -25.63 2.83 -29.29
C ALA A 812 -26.11 4.02 -30.14
N MET A 813 -25.51 4.19 -31.32
CA MET A 813 -25.98 5.21 -32.28
C MET A 813 -27.24 4.81 -33.05
N GLN A 814 -27.61 3.52 -32.99
CA GLN A 814 -28.80 3.00 -33.69
C GLN A 814 -29.79 2.37 -32.70
N ALA A 815 -30.03 3.05 -31.59
CA ALA A 815 -30.89 2.52 -30.51
C ALA A 815 -32.37 2.42 -30.93
N GLU A 816 -32.81 3.28 -31.85
CA GLU A 816 -34.18 3.24 -32.39
C GLU A 816 -34.57 1.93 -33.11
N LYS A 817 -33.58 1.20 -33.62
CA LYS A 817 -33.81 -0.07 -34.33
C LYS A 817 -34.12 -1.28 -33.44
N PHE A 818 -33.95 -1.16 -32.12
CA PHE A 818 -34.27 -2.26 -31.19
C PHE A 818 -35.79 -2.48 -31.09
N PRO A 819 -36.22 -3.68 -30.62
CA PRO A 819 -37.67 -3.96 -30.53
C PRO A 819 -38.40 -3.15 -29.47
N SER A 820 -39.68 -2.85 -29.73
CA SER A 820 -40.57 -2.26 -28.72
C SER A 820 -41.16 -3.32 -27.78
N GLU A 821 -41.08 -4.59 -28.16
CA GLU A 821 -41.48 -5.69 -27.27
C GLU A 821 -40.45 -5.88 -26.17
N PRO A 822 -40.89 -5.95 -24.89
CA PRO A 822 -39.97 -6.27 -23.81
C PRO A 822 -39.71 -7.78 -23.72
N ASN A 823 -38.83 -8.17 -22.79
CA ASN A 823 -38.39 -9.57 -22.62
C ASN A 823 -37.70 -10.16 -23.88
N ARG A 824 -37.05 -9.29 -24.65
CA ARG A 824 -36.23 -9.70 -25.80
C ARG A 824 -34.76 -9.29 -25.70
N LEU A 825 -34.43 -8.32 -24.85
CA LEU A 825 -33.08 -7.79 -24.74
C LEU A 825 -32.61 -7.93 -23.30
N LEU A 826 -31.47 -8.63 -23.12
CA LEU A 826 -30.83 -8.77 -21.82
C LEU A 826 -29.36 -8.35 -21.94
N LEU A 827 -28.98 -7.32 -21.18
CA LEU A 827 -27.59 -6.87 -21.11
C LEU A 827 -26.93 -7.45 -19.87
N LEU A 828 -25.72 -7.97 -20.03
CA LEU A 828 -24.90 -8.48 -18.93
C LEU A 828 -23.55 -7.77 -18.96
N HIS A 829 -23.08 -7.25 -17.84
CA HIS A 829 -21.78 -6.57 -17.81
C HIS A 829 -21.10 -6.66 -16.44
N GLY A 830 -19.79 -6.91 -16.45
CA GLY A 830 -18.96 -6.79 -15.27
C GLY A 830 -18.71 -5.32 -14.98
N PHE A 831 -19.06 -4.88 -13.78
CA PHE A 831 -19.02 -3.45 -13.41
C PHE A 831 -17.61 -2.86 -13.46
N LEU A 832 -16.60 -3.68 -13.16
CA LEU A 832 -15.20 -3.25 -13.07
C LEU A 832 -14.37 -3.59 -14.33
N ASP A 833 -15.06 -3.88 -15.44
CA ASP A 833 -14.40 -4.31 -16.69
C ASP A 833 -13.45 -3.22 -17.20
N GLU A 834 -12.16 -3.59 -17.33
CA GLU A 834 -11.11 -2.68 -17.81
C GLU A 834 -10.90 -2.75 -19.33
N ASN A 835 -11.41 -3.81 -19.98
CA ASN A 835 -11.26 -4.00 -21.42
C ASN A 835 -12.44 -3.38 -22.18
N VAL A 836 -13.64 -3.93 -21.97
CA VAL A 836 -14.88 -3.37 -22.52
C VAL A 836 -15.60 -2.69 -21.36
N HIS A 837 -15.37 -1.39 -21.21
CA HIS A 837 -15.84 -0.63 -20.05
CA HIS A 837 -15.83 -0.63 -20.05
C HIS A 837 -17.37 -0.60 -19.96
N PHE A 838 -17.88 -0.60 -18.74
CA PHE A 838 -19.33 -0.52 -18.46
C PHE A 838 -20.01 0.67 -19.15
N ALA A 839 -19.26 1.75 -19.38
CA ALA A 839 -19.70 2.88 -20.19
C ALA A 839 -20.38 2.50 -21.52
N HIS A 840 -19.89 1.44 -22.17
CA HIS A 840 -20.53 0.88 -23.37
C HIS A 840 -22.01 0.56 -23.09
N THR A 841 -22.25 -0.13 -21.99
CA THR A 841 -23.62 -0.48 -21.59
C THR A 841 -24.39 0.76 -21.13
N SER A 842 -23.80 1.56 -20.25
CA SER A 842 -24.50 2.73 -19.70
C SER A 842 -24.88 3.76 -20.79
N ILE A 843 -24.02 3.93 -21.80
CA ILE A 843 -24.36 4.83 -22.92
C ILE A 843 -25.40 4.23 -23.87
N LEU A 844 -25.36 2.90 -24.07
CA LEU A 844 -26.42 2.20 -24.80
C LEU A 844 -27.76 2.37 -24.09
N LEU A 845 -27.77 2.16 -22.77
CA LEU A 845 -28.97 2.36 -21.96
C LEU A 845 -29.47 3.81 -22.04
N SER A 846 -28.54 4.76 -22.07
CA SER A 846 -28.86 6.17 -22.24
C SER A 846 -29.70 6.41 -23.50
N PHE A 847 -29.28 5.84 -24.62
CA PHE A 847 -29.98 5.99 -25.90
C PHE A 847 -31.23 5.12 -26.02
N LEU A 848 -31.24 3.96 -25.37
CA LEU A 848 -32.46 3.13 -25.26
C LEU A 848 -33.58 3.83 -24.47
N VAL A 849 -33.18 4.56 -23.41
CA VAL A 849 -34.12 5.34 -22.60
C VAL A 849 -34.70 6.49 -23.43
N ARG A 850 -33.86 7.21 -24.16
CA ARG A 850 -34.32 8.28 -25.07
C ARG A 850 -35.26 7.75 -26.15
N ALA A 851 -34.93 6.58 -26.71
CA ALA A 851 -35.74 5.96 -27.76
C ALA A 851 -36.99 5.23 -27.24
N GLY A 852 -37.19 5.16 -25.92
CA GLY A 852 -38.37 4.52 -25.33
C GLY A 852 -38.41 3.00 -25.45
N LYS A 853 -37.24 2.37 -25.53
CA LYS A 853 -37.13 0.93 -25.75
C LYS A 853 -36.93 0.19 -24.42
N PRO A 854 -37.53 -1.01 -24.28
CA PRO A 854 -37.33 -1.81 -23.07
C PRO A 854 -36.02 -2.59 -23.07
N TYR A 855 -35.50 -2.88 -21.88
CA TYR A 855 -34.32 -3.72 -21.71
C TYR A 855 -34.37 -4.41 -20.34
N ASP A 856 -33.65 -5.53 -20.23
CA ASP A 856 -33.34 -6.15 -18.94
C ASP A 856 -31.82 -5.98 -18.72
N LEU A 857 -31.43 -5.87 -17.45
CA LEU A 857 -30.03 -5.64 -17.09
C LEU A 857 -29.61 -6.47 -15.88
N GLN A 858 -28.39 -7.03 -15.96
CA GLN A 858 -27.73 -7.67 -14.83
C GLN A 858 -26.30 -7.14 -14.74
N ILE A 859 -25.91 -6.69 -13.56
CA ILE A 859 -24.56 -6.23 -13.29
C ILE A 859 -23.89 -7.25 -12.37
N TYR A 860 -22.58 -7.42 -12.55
CA TYR A 860 -21.75 -8.23 -11.67
C TYR A 860 -20.71 -7.28 -11.06
N PRO A 861 -21.04 -6.67 -9.89
CA PRO A 861 -20.25 -5.59 -9.27
C PRO A 861 -18.76 -5.82 -9.00
N GLN A 862 -18.33 -7.08 -8.90
CA GLN A 862 -16.94 -7.40 -8.53
C GLN A 862 -16.26 -8.30 -9.59
N GLU A 863 -16.54 -8.03 -10.86
CA GLU A 863 -15.95 -8.76 -11.99
C GLU A 863 -15.43 -7.81 -13.06
N ARG A 864 -14.41 -8.28 -13.80
CA ARG A 864 -13.72 -7.46 -14.81
C ARG A 864 -13.30 -8.27 -16.04
N HIS A 865 -14.23 -8.43 -16.97
CA HIS A 865 -14.04 -9.18 -18.22
C HIS A 865 -13.73 -10.68 -18.03
N SER A 866 -14.18 -11.24 -16.89
CA SER A 866 -13.94 -12.65 -16.55
C SER A 866 -14.76 -13.04 -15.32
N ILE A 867 -14.70 -14.32 -14.96
CA ILE A 867 -15.27 -14.82 -13.70
C ILE A 867 -14.10 -15.25 -12.80
N ARG A 868 -13.82 -14.43 -11.78
CA ARG A 868 -12.82 -14.74 -10.77
C ARG A 868 -13.47 -15.21 -9.45
N VAL A 869 -14.55 -14.54 -9.04
CA VAL A 869 -15.35 -14.99 -7.90
C VAL A 869 -16.40 -15.99 -8.41
N PRO A 870 -16.38 -17.25 -7.91
CA PRO A 870 -17.33 -18.28 -8.38
C PRO A 870 -18.83 -17.95 -8.27
N GLU A 871 -19.20 -17.18 -7.24
CA GLU A 871 -20.61 -16.83 -6.99
C GLU A 871 -21.24 -16.03 -8.13
N SER A 872 -20.48 -15.14 -8.74
CA SER A 872 -20.95 -14.34 -9.88
C SER A 872 -21.16 -15.18 -11.14
N GLY A 873 -20.25 -16.13 -11.38
CA GLY A 873 -20.41 -17.12 -12.46
C GLY A 873 -21.63 -17.99 -12.27
N GLU A 874 -21.85 -18.45 -11.04
CA GLU A 874 -23.03 -19.25 -10.70
C GLU A 874 -24.34 -18.50 -10.89
N HIS A 875 -24.34 -17.22 -10.53
CA HIS A 875 -25.51 -16.35 -10.71
C HIS A 875 -25.80 -16.08 -12.18
N TYR A 876 -24.74 -15.88 -12.97
CA TYR A 876 -24.85 -15.71 -14.42
C TYR A 876 -25.50 -16.91 -15.11
N GLU A 877 -24.97 -18.10 -14.83
CA GLU A 877 -25.49 -19.34 -15.41
C GLU A 877 -26.95 -19.60 -15.00
N LEU A 878 -27.27 -19.30 -13.75
CA LEU A 878 -28.64 -19.45 -13.23
C LEU A 878 -29.60 -18.51 -13.93
N HIS A 879 -29.27 -17.23 -13.96
CA HIS A 879 -30.12 -16.21 -14.59
C HIS A 879 -30.29 -16.44 -16.09
N LEU A 880 -29.22 -16.84 -16.78
CA LEU A 880 -29.27 -17.11 -18.22
C LEU A 880 -30.23 -18.26 -18.55
N LEU A 881 -30.11 -19.38 -17.82
CA LEU A 881 -31.01 -20.52 -18.00
C LEU A 881 -32.46 -20.17 -17.68
N HIS A 882 -32.67 -19.43 -16.59
CA HIS A 882 -34.00 -18.99 -16.18
C HIS A 882 -34.61 -17.98 -17.16
N TYR A 883 -33.78 -17.11 -17.72
CA TYR A 883 -34.22 -16.11 -18.71
C TYR A 883 -34.66 -16.80 -20.00
N LEU A 884 -33.81 -17.71 -20.51
CA LEU A 884 -34.14 -18.50 -21.70
C LEU A 884 -35.40 -19.36 -21.50
N GLN A 885 -35.54 -19.93 -20.31
CA GLN A 885 -36.74 -20.69 -19.95
C GLN A 885 -37.99 -19.80 -20.02
N GLU A 886 -37.98 -18.71 -19.25
CA GLU A 886 -39.16 -17.84 -19.12
C GLU A 886 -39.51 -17.01 -20.36
N ASN A 887 -38.55 -16.80 -21.26
CA ASN A 887 -38.76 -15.93 -22.45
C ASN A 887 -38.44 -16.58 -23.81
N LEU A 888 -38.25 -17.91 -23.84
CA LEU A 888 -38.01 -18.62 -25.10
C LEU A 888 -38.48 -20.08 -25.06
N GLY A 889 -37.90 -20.88 -24.17
CA GLY A 889 -38.09 -22.32 -24.16
C GLY A 889 -39.42 -22.83 -23.63
N SER A 890 -39.86 -22.30 -22.49
CA SER A 890 -40.99 -22.87 -21.75
C SER A 890 -42.35 -22.62 -22.39
N ARG A 891 -43.37 -23.29 -21.85
CA ARG A 891 -44.75 -23.15 -22.26
C ARG A 891 -45.32 -21.77 -21.89
N ILE A 892 -44.89 -21.23 -20.76
CA ILE A 892 -45.31 -19.90 -20.29
C ILE A 892 -44.75 -18.81 -21.22
N ALA A 893 -43.55 -19.02 -21.76
CA ALA A 893 -42.93 -18.09 -22.71
C ALA A 893 -43.75 -17.92 -24.00
N ALA A 894 -44.38 -19.00 -24.47
CA ALA A 894 -45.26 -18.95 -25.64
C ALA A 894 -46.54 -18.14 -25.37
N LEU A 895 -47.13 -18.34 -24.19
CA LEU A 895 -48.32 -17.59 -23.77
C LEU A 895 -48.05 -16.10 -23.52
N LYS A 896 -46.80 -15.78 -23.16
CA LYS A 896 -46.41 -14.42 -22.77
C LYS A 896 -46.45 -13.37 -23.91
N VAL A 897 -46.39 -13.83 -25.16
CA VAL A 897 -46.42 -12.92 -26.32
C VAL A 897 -47.78 -12.23 -26.47
N LEU B 48 35.48 -55.83 13.80
CA LEU B 48 35.47 -54.66 14.73
C LEU B 48 34.23 -54.67 15.63
N GLU B 49 34.38 -55.18 16.85
CA GLU B 49 33.29 -55.19 17.84
C GLU B 49 33.10 -53.80 18.45
N PRO B 50 31.86 -53.49 18.88
CA PRO B 50 31.62 -52.20 19.53
C PRO B 50 32.10 -52.18 20.97
N PHE B 51 32.92 -51.18 21.33
CA PHE B 51 33.30 -50.95 22.72
C PHE B 51 32.15 -50.27 23.44
N TYR B 52 31.77 -50.81 24.60
CA TYR B 52 30.75 -50.19 25.46
C TYR B 52 31.42 -49.70 26.73
N VAL B 53 31.15 -48.44 27.09
CA VAL B 53 31.75 -47.82 28.27
C VAL B 53 31.21 -48.45 29.55
N GLU B 54 31.96 -48.32 30.64
CA GLU B 54 31.53 -48.82 31.96
C GLU B 54 30.27 -48.08 32.40
N ARG B 55 29.30 -48.83 32.92
CA ARG B 55 28.00 -48.28 33.33
C ARG B 55 28.01 -47.97 34.83
N TYR B 56 28.52 -46.80 35.18
CA TYR B 56 28.57 -46.32 36.56
C TYR B 56 27.19 -45.83 37.00
N SER B 57 26.91 -45.94 38.29
CA SER B 57 25.73 -45.30 38.88
C SER B 57 25.96 -43.79 39.00
N TRP B 58 24.88 -43.06 39.26
CA TRP B 58 24.93 -41.61 39.46
C TRP B 58 25.87 -41.22 40.59
N SER B 59 25.81 -41.95 41.70
CA SER B 59 26.71 -41.74 42.84
C SER B 59 28.18 -42.02 42.49
N GLN B 60 28.42 -43.07 41.72
CA GLN B 60 29.77 -43.44 41.29
C GLN B 60 30.40 -42.41 40.34
N LEU B 61 29.61 -41.87 39.42
CA LEU B 61 30.07 -40.80 38.52
C LEU B 61 30.40 -39.51 39.28
N LYS B 62 29.59 -39.18 40.29
CA LYS B 62 29.84 -38.02 41.14
C LYS B 62 31.18 -38.15 41.88
N LYS B 63 31.46 -39.36 42.38
CA LYS B 63 32.72 -39.67 43.06
C LYS B 63 33.91 -39.60 42.09
N LEU B 64 33.75 -40.18 40.90
CA LEU B 64 34.79 -40.18 39.86
C LEU B 64 35.16 -38.75 39.43
N LEU B 65 34.16 -37.90 39.24
CA LEU B 65 34.38 -36.51 38.87
C LEU B 65 35.04 -35.69 39.99
N ALA B 66 34.61 -35.94 41.23
CA ALA B 66 35.18 -35.25 42.40
C ALA B 66 36.67 -35.57 42.64
N ASP B 67 37.04 -36.83 42.45
CA ASP B 67 38.44 -37.28 42.61
C ASP B 67 39.36 -36.65 41.55
N THR B 68 38.91 -36.62 40.30
CA THR B 68 39.68 -36.08 39.17
C THR B 68 39.64 -34.55 39.04
N ARG B 69 38.80 -33.87 39.82
CA ARG B 69 38.71 -32.39 39.80
C ARG B 69 39.97 -31.70 40.37
N LYS B 70 40.69 -32.38 41.26
CA LYS B 70 41.89 -31.82 41.90
C LYS B 70 43.04 -31.70 40.90
N MET B 76 41.80 -22.68 38.31
CA MET B 76 43.20 -22.28 38.30
C MET B 76 43.34 -20.78 38.62
N ALA B 77 44.45 -20.43 39.26
CA ALA B 77 44.78 -19.04 39.59
C ALA B 77 45.19 -18.26 38.34
N LYS B 78 44.90 -16.96 38.33
CA LYS B 78 45.25 -16.07 37.20
C LYS B 78 46.76 -15.87 37.09
N ALA B 79 47.30 -16.07 35.89
CA ALA B 79 48.72 -15.85 35.61
C ALA B 79 49.04 -14.36 35.64
N PRO B 80 50.32 -13.99 35.93
CA PRO B 80 50.71 -12.58 35.96
C PRO B 80 50.41 -11.83 34.67
N HIS B 81 49.79 -10.65 34.79
CA HIS B 81 49.32 -9.87 33.62
C HIS B 81 49.31 -8.36 33.91
N ASP B 82 49.02 -7.58 32.86
CA ASP B 82 49.05 -6.10 32.91
C ASP B 82 50.40 -5.59 33.40
N PHE B 83 51.44 -5.99 32.68
CA PHE B 83 52.82 -5.65 33.03
C PHE B 83 53.14 -4.20 32.72
N MET B 84 54.14 -3.67 33.44
CA MET B 84 54.59 -2.30 33.28
C MET B 84 56.02 -2.19 33.76
N PHE B 85 56.90 -1.61 32.93
CA PHE B 85 58.32 -1.46 33.23
C PHE B 85 58.59 -0.02 33.65
N VAL B 86 59.26 0.15 34.80
CA VAL B 86 59.72 1.47 35.25
C VAL B 86 61.22 1.40 35.50
N LYS B 87 61.95 2.35 34.93
CA LYS B 87 63.41 2.42 35.08
C LYS B 87 63.81 2.93 36.46
N ARG B 88 64.84 2.31 37.05
CA ARG B 88 65.36 2.73 38.35
C ARG B 88 66.19 4.01 38.27
N ASN B 89 67.03 4.11 37.24
CA ASN B 89 67.96 5.23 37.05
C ASN B 89 68.93 5.35 38.23
N ASP B 90 69.53 4.22 38.59
CA ASP B 90 70.44 4.12 39.73
C ASP B 90 71.73 3.42 39.27
N PRO B 91 72.73 4.20 38.77
CA PRO B 91 74.02 3.67 38.29
C PRO B 91 74.75 2.70 39.24
N ASP B 92 74.71 2.99 40.54
CA ASP B 92 75.37 2.12 41.55
C ASP B 92 74.61 0.83 41.83
N GLY B 93 73.28 0.85 41.68
CA GLY B 93 72.43 -0.30 42.03
C GLY B 93 72.48 -1.44 41.02
N PRO B 94 72.08 -2.66 41.45
CA PRO B 94 72.14 -3.82 40.56
C PRO B 94 70.98 -3.98 39.56
N HIS B 95 69.90 -3.19 39.69
CA HIS B 95 68.69 -3.36 38.89
C HIS B 95 68.49 -2.23 37.87
N SER B 96 68.09 -2.61 36.65
CA SER B 96 67.79 -1.65 35.57
C SER B 96 66.33 -1.21 35.61
N ASP B 97 65.43 -2.18 35.76
CA ASP B 97 63.98 -1.93 35.83
C ASP B 97 63.35 -2.57 37.06
N ARG B 98 62.17 -2.06 37.42
CA ARG B 98 61.22 -2.75 38.28
C ARG B 98 59.97 -2.97 37.44
N ILE B 99 59.47 -4.22 37.42
CA ILE B 99 58.23 -4.55 36.74
C ILE B 99 57.09 -4.64 37.75
N TYR B 100 55.97 -3.99 37.45
CA TYR B 100 54.74 -4.10 38.23
C TYR B 100 53.73 -4.93 37.45
N TYR B 101 52.92 -5.71 38.15
CA TYR B 101 51.93 -6.57 37.50
C TYR B 101 50.84 -7.06 38.45
N LEU B 102 49.65 -7.31 37.90
CA LEU B 102 48.57 -7.97 38.62
C LEU B 102 48.74 -9.48 38.51
N ALA B 103 48.56 -10.17 39.62
CA ALA B 103 48.63 -11.63 39.65
C ALA B 103 47.86 -12.19 40.84
N MET B 104 47.41 -13.43 40.68
CA MET B 104 46.79 -14.18 41.75
C MET B 104 47.92 -15.01 42.36
N SER B 105 48.21 -14.79 43.64
CA SER B 105 49.29 -15.49 44.35
C SER B 105 49.18 -17.02 44.26
N GLY B 106 47.95 -17.52 44.25
CA GLY B 106 47.66 -18.94 44.10
C GLY B 106 46.48 -19.31 44.98
N GLU B 107 46.09 -20.59 44.93
CA GLU B 107 45.07 -21.15 45.82
C GLU B 107 43.70 -20.45 45.61
N ASN B 108 43.18 -19.75 46.62
CA ASN B 108 41.95 -18.95 46.49
C ASN B 108 42.17 -17.47 46.88
N ARG B 109 43.42 -17.02 46.88
CA ARG B 109 43.73 -15.62 47.23
C ARG B 109 43.32 -14.67 46.09
N GLU B 110 43.12 -13.40 46.46
CA GLU B 110 42.60 -12.40 45.51
C GLU B 110 43.68 -11.88 44.56
N ASN B 111 43.22 -11.36 43.42
CA ASN B 111 44.10 -10.78 42.40
C ASN B 111 44.58 -9.42 42.91
N THR B 112 45.90 -9.24 42.99
CA THR B 112 46.49 -8.00 43.55
C THR B 112 47.79 -7.62 42.85
N LEU B 113 48.30 -6.43 43.19
CA LEU B 113 49.53 -5.89 42.58
C LEU B 113 50.80 -6.50 43.21
N PHE B 114 51.70 -6.95 42.34
CA PHE B 114 53.02 -7.44 42.74
C PHE B 114 54.08 -6.68 41.96
N TYR B 115 55.32 -6.70 42.47
CA TYR B 115 56.48 -6.18 41.72
C TYR B 115 57.66 -7.14 41.80
N SER B 116 58.53 -7.07 40.78
CA SER B 116 59.76 -7.87 40.73
C SER B 116 60.90 -7.00 40.21
N GLU B 117 62.12 -7.38 40.59
CA GLU B 117 63.34 -6.62 40.26
C GLU B 117 64.06 -7.26 39.08
N ILE B 118 64.33 -6.47 38.04
CA ILE B 118 65.05 -6.93 36.85
C ILE B 118 66.52 -6.51 36.97
N PRO B 119 67.45 -7.47 37.18
CA PRO B 119 68.86 -7.11 37.34
C PRO B 119 69.55 -6.71 36.03
N LYS B 120 70.58 -5.87 36.15
CA LYS B 120 71.37 -5.39 35.01
C LYS B 120 72.16 -6.52 34.32
N THR B 121 72.57 -7.52 35.09
CA THR B 121 73.27 -8.70 34.57
C THR B 121 72.69 -9.98 35.19
N ILE B 122 73.00 -11.12 34.58
CA ILE B 122 72.51 -12.43 35.04
C ILE B 122 73.58 -13.52 34.95
N ASN B 123 73.47 -14.53 35.81
CA ASN B 123 74.31 -15.72 35.75
C ASN B 123 73.71 -16.66 34.70
N ARG B 124 74.30 -16.66 33.51
CA ARG B 124 73.77 -17.41 32.36
C ARG B 124 73.93 -18.93 32.46
N ALA B 125 74.70 -19.41 33.44
CA ALA B 125 74.73 -20.83 33.80
C ALA B 125 73.43 -21.26 34.47
N ALA B 126 73.00 -20.49 35.46
CA ALA B 126 71.76 -20.73 36.22
C ALA B 126 70.53 -20.16 35.51
N VAL B 127 69.36 -20.43 36.09
CA VAL B 127 68.07 -19.89 35.64
C VAL B 127 67.48 -19.04 36.76
N LEU B 128 67.40 -17.72 36.54
CA LEU B 128 66.88 -16.78 37.54
C LEU B 128 65.35 -16.86 37.63
N MET B 129 64.84 -17.20 38.81
CA MET B 129 63.40 -17.16 39.11
C MET B 129 63.10 -15.90 39.91
N LEU B 130 62.41 -14.93 39.29
CA LEU B 130 62.10 -13.65 39.95
C LEU B 130 61.09 -13.85 41.07
N SER B 131 61.42 -13.34 42.26
CA SER B 131 60.52 -13.41 43.42
C SER B 131 59.43 -12.35 43.31
N TRP B 132 58.21 -12.72 43.69
CA TRP B 132 57.05 -11.84 43.64
C TRP B 132 56.98 -11.06 44.96
N LYS B 133 57.21 -9.75 44.90
CA LYS B 133 57.12 -8.87 46.06
C LYS B 133 55.72 -8.23 46.10
N PRO B 134 54.99 -8.39 47.23
CA PRO B 134 53.69 -7.70 47.32
C PRO B 134 53.83 -6.17 47.35
N LEU B 135 53.13 -5.50 46.44
CA LEU B 135 53.12 -4.03 46.41
C LEU B 135 52.23 -3.47 47.52
N LEU B 136 51.09 -4.11 47.77
CA LEU B 136 50.09 -3.61 48.70
C LEU B 136 50.06 -4.39 50.02
N ASP B 137 49.72 -3.68 51.10
CA ASP B 137 49.47 -4.28 52.41
C ASP B 137 48.00 -4.73 52.45
N LEU B 138 47.67 -5.61 53.40
CA LEU B 138 46.30 -6.13 53.52
C LEU B 138 45.32 -5.03 53.96
N PHE B 139 44.07 -5.17 53.52
CA PHE B 139 43.03 -4.16 53.78
C PHE B 139 42.47 -4.28 55.20
N GLN B 140 41.75 -3.25 55.63
CA GLN B 140 41.15 -3.21 56.98
C GLN B 140 39.92 -4.11 57.08
N GLY B 165 39.83 -7.81 45.34
CA GLY B 165 40.29 -8.23 44.02
C GLY B 165 40.43 -7.06 43.08
N ILE B 166 41.63 -6.84 42.56
CA ILE B 166 41.92 -5.77 41.61
C ILE B 166 41.92 -6.33 40.19
N ALA B 167 41.04 -5.80 39.34
CA ALA B 167 40.91 -6.25 37.95
C ALA B 167 41.84 -5.48 37.00
N SER B 168 42.04 -4.19 37.27
CA SER B 168 42.96 -3.36 36.49
C SER B 168 43.50 -2.20 37.33
N TYR B 169 44.43 -1.43 36.77
CA TYR B 169 44.99 -0.26 37.43
C TYR B 169 45.51 0.78 36.45
N ASP B 170 45.49 2.05 36.88
CA ASP B 170 46.15 3.15 36.17
C ASP B 170 47.47 3.47 36.86
N TYR B 171 48.34 4.18 36.13
CA TYR B 171 49.64 4.62 36.64
C TYR B 171 50.02 5.93 35.98
N HIS B 172 50.52 6.87 36.78
CA HIS B 172 51.00 8.17 36.28
C HIS B 172 52.53 8.19 36.37
N GLN B 173 53.18 8.19 35.20
CA GLN B 173 54.65 8.08 35.09
C GLN B 173 55.39 9.10 35.95
N GLY B 174 55.05 10.37 35.78
CA GLY B 174 55.75 11.49 36.41
C GLY B 174 55.63 11.63 37.92
N SER B 175 54.61 11.01 38.52
CA SER B 175 54.40 11.02 39.97
C SER B 175 54.50 9.64 40.65
N GLY B 176 54.42 8.56 39.86
CA GLY B 176 54.42 7.21 40.39
C GLY B 176 53.13 6.78 41.05
N THR B 177 52.02 7.45 40.71
CA THR B 177 50.74 7.25 41.39
C THR B 177 49.94 6.11 40.74
N PHE B 178 49.69 5.05 41.51
CA PHE B 178 48.75 3.99 41.11
C PHE B 178 47.32 4.37 41.48
N LEU B 179 46.36 3.96 40.67
CA LEU B 179 44.94 4.07 41.00
C LEU B 179 44.23 2.78 40.59
N PHE B 180 43.40 2.26 41.47
CA PHE B 180 42.73 0.97 41.23
C PHE B 180 41.52 0.79 42.13
N GLN B 181 40.52 0.07 41.61
CA GLN B 181 39.36 -0.33 42.40
C GLN B 181 39.62 -1.70 43.02
N ALA B 182 39.18 -1.86 44.27
CA ALA B 182 39.31 -3.12 45.00
C ALA B 182 38.07 -3.30 45.87
N GLY B 183 37.11 -4.08 45.39
CA GLY B 183 35.80 -4.17 46.01
C GLY B 183 35.04 -2.86 45.79
N SER B 184 34.55 -2.27 46.88
CA SER B 184 33.83 -0.99 46.81
C SER B 184 34.77 0.21 46.73
N GLY B 185 35.89 0.15 47.44
CA GLY B 185 36.81 1.28 47.53
C GLY B 185 37.65 1.53 46.29
N ILE B 186 37.91 2.81 46.02
CA ILE B 186 38.93 3.23 45.07
C ILE B 186 40.13 3.63 45.91
N TYR B 187 41.31 3.11 45.57
CA TYR B 187 42.52 3.29 46.37
C TYR B 187 43.66 3.84 45.52
N HIS B 188 44.69 4.36 46.20
CA HIS B 188 45.92 4.80 45.53
C HIS B 188 47.16 4.60 46.39
N VAL B 189 48.28 4.34 45.73
CA VAL B 189 49.61 4.29 46.36
C VAL B 189 50.61 5.00 45.46
N LYS B 190 51.86 5.15 45.92
CA LYS B 190 52.91 5.75 45.11
C LYS B 190 54.19 4.91 45.12
N ASP B 191 54.74 4.67 43.93
CA ASP B 191 56.00 3.95 43.78
C ASP B 191 56.64 4.23 42.41
N GLY B 192 57.96 4.41 42.39
CA GLY B 192 58.72 4.60 41.16
C GLY B 192 58.69 5.98 40.52
N GLY B 193 58.20 6.97 41.25
CA GLY B 193 58.21 8.37 40.79
C GLY B 193 59.41 9.10 41.36
N PRO B 194 59.30 10.44 41.55
CA PRO B 194 60.28 11.22 42.28
C PRO B 194 60.52 10.75 43.72
N GLN B 195 59.47 10.25 44.37
CA GLN B 195 59.54 9.76 45.75
C GLN B 195 60.33 8.45 45.93
N GLY B 196 60.57 7.72 44.83
CA GLY B 196 61.47 6.56 44.82
C GLY B 196 60.77 5.22 44.93
N PHE B 197 61.55 4.19 45.25
CA PHE B 197 61.10 2.79 45.21
C PHE B 197 61.05 2.18 46.62
N THR B 198 59.88 1.70 47.01
CA THR B 198 59.69 1.02 48.30
C THR B 198 60.36 -0.36 48.32
N GLN B 199 60.80 -0.75 49.52
CA GLN B 199 61.31 -2.10 49.79
C GLN B 199 60.36 -2.92 50.67
N GLN B 200 59.16 -2.38 50.95
CA GLN B 200 58.14 -3.08 51.73
C GLN B 200 56.74 -2.78 51.19
N PRO B 201 55.74 -3.62 51.52
CA PRO B 201 54.36 -3.38 51.06
C PRO B 201 53.79 -2.03 51.51
N LEU B 202 53.20 -1.30 50.56
CA LEU B 202 52.62 0.02 50.82
C LEU B 202 51.17 -0.11 51.27
N ARG B 203 50.72 0.85 52.09
CA ARG B 203 49.35 0.90 52.57
C ARG B 203 48.48 1.57 51.52
N PRO B 204 47.42 0.90 51.04
CA PRO B 204 46.52 1.54 50.07
C PRO B 204 45.67 2.63 50.73
N ASN B 205 45.67 3.82 50.12
CA ASN B 205 44.96 4.98 50.65
C ASN B 205 43.59 5.11 50.00
N LEU B 206 42.53 5.00 50.81
CA LEU B 206 41.15 5.09 50.33
C LEU B 206 40.82 6.50 49.84
N VAL B 207 40.23 6.58 48.65
CA VAL B 207 39.65 7.83 48.16
C VAL B 207 38.27 7.93 48.82
N GLU B 208 38.12 8.89 49.73
CA GLU B 208 36.89 9.04 50.51
C GLU B 208 35.80 9.62 49.61
N THR B 209 34.54 9.38 49.99
CA THR B 209 33.41 9.81 49.17
C THR B 209 32.14 10.07 50.00
N SER B 210 31.27 10.93 49.48
CA SER B 210 29.93 11.15 50.01
C SER B 210 28.86 10.45 49.14
N CYS B 211 29.28 9.79 48.07
CA CYS B 211 28.37 9.07 47.18
C CYS B 211 27.80 7.83 47.87
N PRO B 212 26.46 7.64 47.82
CA PRO B 212 25.84 6.51 48.52
C PRO B 212 26.05 5.11 47.89
N ASN B 213 26.41 5.04 46.61
CA ASN B 213 26.42 3.79 45.85
C ASN B 213 27.84 3.42 45.41
N ILE B 214 27.96 2.21 44.86
CA ILE B 214 29.25 1.68 44.37
C ILE B 214 29.81 2.57 43.25
N ARG B 215 31.09 2.91 43.36
CA ARG B 215 31.79 3.71 42.35
C ARG B 215 32.45 2.79 41.32
N MET B 216 32.23 3.06 40.04
CA MET B 216 32.69 2.20 38.94
C MET B 216 33.63 2.95 38.00
N ASP B 217 34.57 2.22 37.41
CA ASP B 217 35.45 2.71 36.34
C ASP B 217 36.29 3.95 36.73
N PRO B 218 37.15 3.81 37.76
CA PRO B 218 38.03 4.92 38.13
C PRO B 218 39.17 5.13 37.14
N LYS B 219 39.50 6.39 36.86
CA LYS B 219 40.62 6.75 35.98
C LYS B 219 41.39 7.97 36.49
N LEU B 220 42.72 7.86 36.52
CA LEU B 220 43.59 9.02 36.82
C LEU B 220 43.57 10.01 35.66
N CYS B 221 43.57 11.30 36.00
CA CYS B 221 43.79 12.35 35.01
C CYS B 221 45.29 12.37 34.69
N PRO B 222 45.66 12.13 33.41
CA PRO B 222 47.09 12.19 33.07
C PRO B 222 47.73 13.58 33.21
N ALA B 223 46.93 14.63 33.03
CA ALA B 223 47.40 16.02 33.17
C ALA B 223 47.57 16.49 34.62
N ASP B 224 46.98 15.77 35.58
CA ASP B 224 47.08 16.13 37.01
C ASP B 224 46.71 14.92 37.88
N PRO B 225 47.73 14.21 38.45
CA PRO B 225 47.46 12.99 39.22
C PRO B 225 46.80 13.17 40.60
N ASP B 226 46.53 14.42 41.01
CA ASP B 226 45.64 14.66 42.16
C ASP B 226 44.19 14.33 41.83
N TRP B 227 43.79 14.51 40.56
CA TRP B 227 42.38 14.31 40.13
C TRP B 227 42.12 12.92 39.58
N ILE B 228 40.98 12.34 39.97
CA ILE B 228 40.45 11.13 39.34
C ILE B 228 39.03 11.40 38.85
N ALA B 229 38.50 10.45 38.09
CA ALA B 229 37.10 10.46 37.68
C ALA B 229 36.54 9.05 37.86
N PHE B 230 35.23 8.96 38.02
CA PHE B 230 34.55 7.68 38.15
C PHE B 230 33.07 7.81 37.82
N ILE B 231 32.42 6.66 37.62
CA ILE B 231 30.99 6.60 37.38
C ILE B 231 30.27 6.29 38.69
N HIS B 232 29.19 7.01 38.95
CA HIS B 232 28.29 6.73 40.07
C HIS B 232 26.87 6.93 39.58
N SER B 233 26.07 5.86 39.62
CA SER B 233 24.68 5.88 39.17
C SER B 233 24.52 6.48 37.77
N ASN B 234 25.34 5.98 36.84
CA ASN B 234 25.32 6.39 35.43
C ASN B 234 25.58 7.89 35.18
N ASP B 235 26.42 8.49 36.02
CA ASP B 235 26.85 9.88 35.85
C ASP B 235 28.32 10.01 36.22
N ILE B 236 28.99 10.99 35.61
CA ILE B 236 30.42 11.17 35.79
C ILE B 236 30.68 12.11 36.97
N TRP B 237 31.50 11.65 37.91
CA TRP B 237 31.98 12.47 39.02
C TRP B 237 33.49 12.61 38.90
N ILE B 238 34.03 13.63 39.58
CA ILE B 238 35.47 13.77 39.77
C ILE B 238 35.79 13.92 41.24
N SER B 239 37.04 13.65 41.61
CA SER B 239 37.47 13.67 43.00
C SER B 239 38.97 13.94 43.10
N ASN B 240 39.33 14.81 44.03
CA ASN B 240 40.73 15.17 44.28
C ASN B 240 41.22 14.35 45.47
N ILE B 241 42.28 13.57 45.27
CA ILE B 241 42.81 12.69 46.32
C ILE B 241 43.65 13.41 47.40
N VAL B 242 43.98 14.68 47.20
CA VAL B 242 44.70 15.49 48.19
C VAL B 242 43.73 16.40 48.95
N THR B 243 43.00 17.24 48.23
CA THR B 243 42.05 18.19 48.83
C THR B 243 40.72 17.57 49.27
N ARG B 244 40.42 16.35 48.80
CA ARG B 244 39.17 15.63 49.10
C ARG B 244 37.90 16.27 48.51
N GLU B 245 38.07 17.17 47.53
CA GLU B 245 36.94 17.80 46.85
C GLU B 245 36.29 16.78 45.93
N GLU B 246 34.97 16.86 45.80
CA GLU B 246 34.19 15.90 45.04
C GLU B 246 33.04 16.61 44.33
N ARG B 247 32.95 16.43 43.02
CA ARG B 247 31.97 17.12 42.19
C ARG B 247 31.34 16.19 41.17
N ARG B 248 30.03 16.36 40.95
CA ARG B 248 29.28 15.65 39.93
C ARG B 248 29.28 16.49 38.65
N LEU B 249 29.76 15.90 37.55
CA LEU B 249 29.87 16.60 36.27
C LEU B 249 28.62 16.52 35.39
N THR B 250 27.89 15.41 35.49
CA THR B 250 26.69 15.18 34.67
C THR B 250 25.47 14.89 35.55
N TYR B 251 24.32 15.46 35.16
CA TYR B 251 23.06 15.29 35.90
C TYR B 251 22.01 14.65 34.97
N VAL B 252 22.42 13.56 34.34
CA VAL B 252 21.64 12.89 33.29
C VAL B 252 20.69 11.82 33.87
N HIS B 253 21.12 11.14 34.93
CA HIS B 253 20.37 10.06 35.56
C HIS B 253 19.86 10.44 36.95
N ASN B 254 18.71 9.89 37.32
CA ASN B 254 18.12 10.05 38.65
C ASN B 254 17.92 8.66 39.27
N GLU B 255 18.61 8.41 40.38
CA GLU B 255 18.57 7.10 41.07
C GLU B 255 17.19 6.73 41.62
N LEU B 256 16.42 7.74 42.05
CA LEU B 256 15.08 7.51 42.61
C LEU B 256 14.05 7.05 41.57
N ALA B 257 14.11 7.64 40.37
CA ALA B 257 13.14 7.34 39.30
C ALA B 257 13.32 5.93 38.71
N ASN B 258 12.25 5.42 38.12
CA ASN B 258 12.26 4.10 37.49
C ASN B 258 12.98 4.14 36.15
N MET B 259 13.50 2.99 35.72
CA MET B 259 14.31 2.90 34.49
C MET B 259 13.49 2.98 33.19
N GLU B 260 12.18 2.78 33.27
CA GLU B 260 11.27 2.99 32.13
C GLU B 260 11.19 4.46 31.74
N GLU B 261 11.05 5.34 32.74
CA GLU B 261 11.03 6.79 32.53
C GLU B 261 12.43 7.32 32.25
N ASP B 262 13.32 7.16 33.23
CA ASP B 262 14.69 7.67 33.17
C ASP B 262 15.64 6.61 32.60
N ALA B 263 15.93 6.71 31.29
CA ALA B 263 16.76 5.74 30.58
C ALA B 263 17.94 6.40 29.87
N ARG B 264 18.59 7.33 30.56
CA ARG B 264 19.80 7.99 30.06
C ARG B 264 21.00 7.72 30.95
N SER B 265 22.19 7.82 30.35
CA SER B 265 23.45 7.59 31.06
C SER B 265 24.60 8.38 30.41
N ALA B 266 25.65 8.59 31.20
CA ALA B 266 26.83 9.34 30.75
C ALA B 266 28.11 8.66 31.21
N GLY B 267 29.09 8.57 30.33
CA GLY B 267 30.38 7.96 30.63
C GLY B 267 30.39 6.44 30.70
N VAL B 268 29.31 5.79 30.23
CA VAL B 268 29.12 4.35 30.38
C VAL B 268 28.80 3.72 29.03
N ALA B 269 29.51 2.65 28.68
CA ALA B 269 29.22 1.85 27.49
C ALA B 269 28.00 0.97 27.77
N THR B 270 27.03 0.98 26.84
CA THR B 270 25.80 0.22 26.97
C THR B 270 26.03 -1.27 26.65
N PHE B 271 25.01 -2.09 26.86
CA PHE B 271 25.10 -3.56 26.73
C PHE B 271 25.84 -4.05 25.48
N VAL B 272 25.38 -3.62 24.31
CA VAL B 272 25.91 -4.09 23.02
C VAL B 272 27.38 -3.70 22.83
N LEU B 273 27.75 -2.51 23.28
CA LEU B 273 29.13 -2.03 23.20
C LEU B 273 30.09 -2.83 24.08
N GLN B 274 29.62 -3.23 25.27
CA GLN B 274 30.40 -4.09 26.16
C GLN B 274 30.44 -5.53 25.65
N GLU B 275 29.27 -6.05 25.28
CA GLU B 275 29.13 -7.46 24.92
C GLU B 275 29.70 -7.82 23.54
N GLU B 276 29.52 -6.95 22.55
CA GLU B 276 29.88 -7.25 21.15
C GLU B 276 31.08 -6.49 20.56
N PHE B 277 31.47 -5.37 21.18
CA PHE B 277 32.62 -4.57 20.73
C PHE B 277 33.76 -4.46 21.75
N ASP B 278 33.60 -5.07 22.93
CA ASP B 278 34.60 -5.03 24.01
C ASP B 278 35.08 -3.61 24.37
N ARG B 279 34.14 -2.67 24.43
CA ARG B 279 34.38 -1.34 24.98
C ARG B 279 33.62 -1.23 26.29
N TYR B 280 34.36 -1.02 27.38
CA TYR B 280 33.79 -0.99 28.74
C TYR B 280 33.73 0.42 29.35
N SER B 281 34.56 1.34 28.87
CA SER B 281 34.53 2.74 29.32
C SER B 281 33.80 3.63 28.32
N GLY B 282 33.17 4.69 28.83
CA GLY B 282 32.47 5.67 28.00
C GLY B 282 32.92 7.11 28.17
N TYR B 283 34.06 7.31 28.85
CA TYR B 283 34.64 8.64 29.02
C TYR B 283 36.17 8.57 28.97
N TRP B 284 36.80 9.66 28.54
CA TRP B 284 38.25 9.69 28.30
C TRP B 284 38.84 11.04 28.72
N TRP B 285 39.79 11.00 29.66
CA TRP B 285 40.52 12.20 30.10
C TRP B 285 41.35 12.77 28.96
N CYS B 286 41.36 14.09 28.82
CA CYS B 286 42.30 14.78 27.94
C CYS B 286 43.68 14.73 28.62
N PRO B 287 44.72 14.22 27.92
CA PRO B 287 46.00 13.96 28.58
C PRO B 287 46.82 15.20 28.97
N LYS B 288 46.47 16.37 28.44
CA LYS B 288 47.16 17.63 28.76
C LYS B 288 46.17 18.68 29.26
N ALA B 289 46.67 19.63 30.05
CA ALA B 289 45.87 20.70 30.63
C ALA B 289 46.20 22.04 29.97
N GLU B 290 45.17 22.80 29.64
CA GLU B 290 45.32 24.16 29.13
C GLU B 290 45.50 25.11 30.33
N THR B 291 46.62 25.84 30.36
CA THR B 291 46.92 26.80 31.43
C THR B 291 46.12 28.09 31.22
N THR B 292 45.62 28.67 32.31
CA THR B 292 44.84 29.91 32.28
C THR B 292 45.71 31.13 32.64
N PRO B 293 45.24 32.36 32.32
CA PRO B 293 45.92 33.59 32.76
C PRO B 293 46.03 33.77 34.29
N SER B 294 45.08 33.21 35.04
CA SER B 294 45.06 33.31 36.50
C SER B 294 46.07 32.40 37.23
N GLY B 295 46.81 31.57 36.49
CA GLY B 295 47.74 30.60 37.08
C GLY B 295 47.10 29.24 37.39
N GLY B 296 45.86 29.04 36.93
CA GLY B 296 45.15 27.78 37.09
C GLY B 296 45.25 26.93 35.83
N LYS B 297 44.21 26.14 35.57
CA LYS B 297 44.15 25.30 34.37
C LYS B 297 42.74 24.79 34.05
N ILE B 298 42.57 24.33 32.81
CA ILE B 298 41.33 23.74 32.34
C ILE B 298 41.56 22.27 32.01
N LEU B 299 40.95 21.37 32.80
CA LEU B 299 40.94 19.94 32.51
C LEU B 299 39.71 19.60 31.68
N ARG B 300 39.81 18.55 30.89
CA ARG B 300 38.75 18.14 29.96
C ARG B 300 38.47 16.64 30.01
N ILE B 301 37.20 16.27 29.89
CA ILE B 301 36.79 14.87 29.75
C ILE B 301 35.81 14.77 28.59
N LEU B 302 36.22 14.08 27.52
CA LEU B 302 35.31 13.64 26.48
C LEU B 302 34.48 12.50 27.05
N TYR B 303 33.19 12.46 26.73
CA TYR B 303 32.34 11.35 27.15
C TYR B 303 31.15 11.08 26.22
N GLU B 304 30.71 9.82 26.22
CA GLU B 304 29.54 9.38 25.47
C GLU B 304 28.31 9.58 26.35
N GLU B 305 27.26 10.19 25.79
CA GLU B 305 25.97 10.27 26.45
C GLU B 305 24.98 9.40 25.67
N ASN B 306 24.35 8.45 26.38
CA ASN B 306 23.42 7.50 25.78
C ASN B 306 21.99 7.76 26.25
N ASP B 307 21.04 7.56 25.33
CA ASP B 307 19.62 7.60 25.63
C ASP B 307 18.99 6.30 25.13
N GLU B 308 18.56 5.45 26.05
CA GLU B 308 18.00 4.14 25.73
C GLU B 308 16.47 4.08 25.84
N SER B 309 15.81 5.23 25.70
CA SER B 309 14.34 5.33 25.82
C SER B 309 13.60 4.48 24.79
N GLU B 310 14.06 4.55 23.53
CA GLU B 310 13.42 3.84 22.42
C GLU B 310 13.89 2.40 22.24
N VAL B 311 14.86 1.96 23.06
CA VAL B 311 15.38 0.59 23.00
C VAL B 311 14.37 -0.34 23.68
N GLU B 312 14.25 -1.56 23.15
CA GLU B 312 13.30 -2.56 23.67
C GLU B 312 13.66 -2.95 25.11
N ILE B 313 12.63 -3.14 25.93
CA ILE B 313 12.79 -3.60 27.31
C ILE B 313 12.39 -5.07 27.38
N ILE B 314 13.22 -5.86 28.07
CA ILE B 314 12.93 -7.27 28.32
C ILE B 314 13.04 -7.58 29.81
N HIS B 315 12.31 -8.59 30.25
CA HIS B 315 12.30 -9.00 31.65
C HIS B 315 12.99 -10.35 31.81
N VAL B 316 14.17 -10.33 32.45
CA VAL B 316 14.90 -11.54 32.83
C VAL B 316 14.64 -11.80 34.31
N THR B 317 14.47 -13.07 34.68
CA THR B 317 14.18 -13.48 36.06
C THR B 317 15.32 -13.03 37.00
N SER B 318 14.95 -12.44 38.13
CA SER B 318 15.93 -11.94 39.11
C SER B 318 16.54 -13.10 39.91
N PRO B 319 17.81 -12.96 40.34
CA PRO B 319 18.49 -14.04 41.09
C PRO B 319 17.76 -14.48 42.37
N MET B 320 17.15 -13.52 43.07
CA MET B 320 16.35 -13.80 44.27
C MET B 320 15.04 -14.47 43.85
N LEU B 321 15.08 -15.79 43.67
CA LEU B 321 13.92 -16.56 43.19
C LEU B 321 12.74 -16.56 44.17
N GLU B 322 13.05 -16.46 45.47
CA GLU B 322 12.03 -16.30 46.52
C GLU B 322 11.10 -15.10 46.29
N THR B 323 11.67 -13.97 45.82
CA THR B 323 10.89 -12.82 45.39
C THR B 323 10.62 -13.01 43.90
N ARG B 324 9.48 -13.63 43.59
CA ARG B 324 9.19 -14.11 42.24
C ARG B 324 8.99 -12.95 41.25
N ARG B 325 10.11 -12.39 40.83
CA ARG B 325 10.15 -11.16 40.04
C ARG B 325 11.10 -11.29 38.85
N ALA B 326 11.08 -10.27 37.99
CA ALA B 326 11.99 -10.17 36.86
C ALA B 326 12.55 -8.75 36.75
N ASP B 327 13.86 -8.65 36.55
CA ASP B 327 14.55 -7.37 36.37
C ASP B 327 14.43 -6.89 34.93
N SER B 328 14.16 -5.60 34.76
CA SER B 328 14.13 -4.98 33.44
C SER B 328 15.54 -4.53 33.03
N PHE B 329 15.90 -4.73 31.77
CA PHE B 329 17.02 -4.00 31.16
C PHE B 329 16.86 -3.82 29.66
N ARG B 330 17.63 -2.87 29.12
CA ARG B 330 17.53 -2.46 27.72
C ARG B 330 18.34 -3.40 26.85
N TYR B 331 17.65 -4.11 25.95
CA TYR B 331 18.29 -5.07 25.04
C TYR B 331 17.89 -4.70 23.61
N PRO B 332 18.83 -4.14 22.83
CA PRO B 332 18.49 -3.87 21.43
C PRO B 332 18.50 -5.16 20.62
N LYS B 333 17.32 -5.73 20.37
CA LYS B 333 17.20 -6.94 19.55
C LYS B 333 17.39 -6.57 18.08
N THR B 334 17.86 -7.53 17.28
CA THR B 334 18.17 -7.29 15.86
C THR B 334 16.99 -6.67 15.10
N GLY B 335 17.29 -5.65 14.28
CA GLY B 335 16.27 -4.92 13.53
C GLY B 335 15.51 -3.83 14.27
N THR B 336 15.87 -3.55 15.53
CA THR B 336 15.18 -2.53 16.35
C THR B 336 16.18 -1.43 16.76
N ALA B 337 15.69 -0.41 17.45
CA ALA B 337 16.49 0.78 17.76
C ALA B 337 17.66 0.50 18.71
N ASN B 338 18.84 1.00 18.34
CA ASN B 338 19.99 1.07 19.24
C ASN B 338 19.86 2.36 20.07
N PRO B 339 20.68 2.49 21.13
CA PRO B 339 20.65 3.74 21.91
C PRO B 339 21.00 4.97 21.07
N LYS B 340 20.35 6.10 21.34
CA LYS B 340 20.70 7.37 20.70
C LYS B 340 21.99 7.86 21.37
N VAL B 341 23.04 8.05 20.57
CA VAL B 341 24.37 8.40 21.09
C VAL B 341 24.81 9.78 20.64
N THR B 342 25.67 10.39 21.45
CA THR B 342 26.33 11.64 21.08
C THR B 342 27.60 11.82 21.90
N PHE B 343 28.50 12.66 21.39
CA PHE B 343 29.66 13.09 22.16
C PHE B 343 29.33 14.35 22.94
N LYS B 344 29.87 14.42 24.16
CA LYS B 344 29.76 15.59 25.01
C LYS B 344 31.16 15.87 25.56
N MET B 345 31.35 17.06 26.13
CA MET B 345 32.61 17.37 26.81
C MET B 345 32.39 18.19 28.07
N SER B 346 32.98 17.73 29.18
CA SER B 346 32.94 18.44 30.44
C SER B 346 34.23 19.24 30.57
N GLU B 347 34.09 20.56 30.67
CA GLU B 347 35.23 21.48 30.77
C GLU B 347 35.34 21.95 32.23
N ILE B 348 36.47 21.66 32.87
CA ILE B 348 36.63 21.82 34.32
C ILE B 348 37.73 22.85 34.63
N MET B 349 37.32 24.02 35.11
CA MET B 349 38.26 25.09 35.52
C MET B 349 38.73 24.87 36.96
N ILE B 350 40.05 24.75 37.14
CA ILE B 350 40.68 24.61 38.46
C ILE B 350 41.57 25.84 38.70
N ASP B 351 41.49 26.42 39.90
CA ASP B 351 42.32 27.59 40.27
C ASP B 351 43.76 27.20 40.61
N ALA B 352 44.57 28.19 40.98
CA ALA B 352 46.02 27.99 41.23
C ALA B 352 46.42 26.92 42.25
N GLU B 353 45.52 26.57 43.17
CA GLU B 353 45.81 25.57 44.21
C GLU B 353 44.77 24.43 44.27
N GLY B 354 44.46 23.87 43.10
CA GLY B 354 43.69 22.63 43.00
C GLY B 354 42.22 22.65 43.40
N ARG B 355 41.60 23.83 43.42
CA ARG B 355 40.19 23.98 43.78
C ARG B 355 39.38 24.33 42.53
N ILE B 356 38.19 23.73 42.40
CA ILE B 356 37.35 23.92 41.22
C ILE B 356 36.70 25.31 41.25
N ILE B 357 36.79 26.02 40.13
CA ILE B 357 36.13 27.31 39.95
C ILE B 357 34.73 27.05 39.43
N ASP B 358 34.65 26.39 38.27
CA ASP B 358 33.37 26.11 37.61
C ASP B 358 33.49 24.87 36.71
N VAL B 359 32.34 24.28 36.38
CA VAL B 359 32.25 23.16 35.44
C VAL B 359 31.23 23.53 34.35
N ILE B 360 31.71 23.62 33.11
CA ILE B 360 30.87 23.91 31.95
C ILE B 360 30.69 22.61 31.16
N ASP B 361 29.47 22.08 31.15
CA ASP B 361 29.11 20.94 30.31
C ASP B 361 28.86 21.46 28.90
N LYS B 362 29.40 20.75 27.90
CA LYS B 362 29.39 21.23 26.52
C LYS B 362 28.91 20.15 25.54
N GLU B 363 28.09 20.57 24.57
CA GLU B 363 27.53 19.67 23.55
C GLU B 363 28.07 20.07 22.17
N LEU B 364 27.88 19.18 21.19
CA LEU B 364 28.34 19.43 19.82
C LEU B 364 27.58 20.60 19.19
N ILE B 365 28.29 21.38 18.37
CA ILE B 365 27.73 22.57 17.70
C ILE B 365 26.54 22.25 16.79
N GLN B 366 26.59 21.07 16.14
CA GLN B 366 25.47 20.53 15.39
C GLN B 366 25.22 19.10 15.88
N PRO B 367 24.01 18.55 15.66
CA PRO B 367 23.71 17.19 16.13
C PRO B 367 24.66 16.09 15.63
N PHE B 368 24.75 15.01 16.39
CA PHE B 368 25.60 13.86 16.05
C PHE B 368 25.23 13.24 14.70
N GLU B 369 23.93 13.18 14.41
CA GLU B 369 23.43 12.63 13.14
C GLU B 369 23.89 13.44 11.91
N ILE B 370 24.03 14.76 12.08
CA ILE B 370 24.44 15.65 11.00
C ILE B 370 25.97 15.59 10.77
N LEU B 371 26.73 15.77 11.85
CA LEU B 371 28.20 15.79 11.77
C LEU B 371 28.85 14.44 11.41
N PHE B 372 28.23 13.34 11.84
CA PHE B 372 28.74 11.99 11.60
C PHE B 372 27.66 11.17 10.89
N GLU B 373 27.46 11.47 9.61
CA GLU B 373 26.37 10.88 8.81
C GLU B 373 26.49 9.34 8.72
N GLY B 374 25.38 8.66 9.00
CA GLY B 374 25.29 7.21 8.88
C GLY B 374 25.92 6.37 9.99
N VAL B 375 26.36 7.02 11.08
CA VAL B 375 27.07 6.35 12.17
C VAL B 375 26.10 5.82 13.24
N GLU B 376 26.19 4.52 13.52
CA GLU B 376 25.41 3.89 14.60
C GLU B 376 26.22 3.72 15.88
N TYR B 377 27.41 3.14 15.76
CA TYR B 377 28.21 2.72 16.91
C TYR B 377 29.50 3.54 17.06
N ILE B 378 29.76 4.01 18.27
CA ILE B 378 31.05 4.56 18.65
C ILE B 378 31.89 3.37 19.15
N ALA B 379 32.68 2.79 18.25
CA ALA B 379 33.44 1.57 18.54
C ALA B 379 34.59 1.81 19.52
N ARG B 380 35.37 2.85 19.25
CA ARG B 380 36.50 3.25 20.09
C ARG B 380 36.59 4.77 20.16
N ALA B 381 37.26 5.27 21.19
CA ALA B 381 37.55 6.70 21.30
C ALA B 381 38.74 6.97 22.22
N GLY B 382 39.27 8.19 22.11
CA GLY B 382 40.44 8.61 22.88
C GLY B 382 40.92 9.99 22.49
N TRP B 383 42.17 10.30 22.83
CA TRP B 383 42.80 11.57 22.52
C TRP B 383 44.14 11.36 21.82
N THR B 384 44.59 12.38 21.09
CA THR B 384 45.93 12.41 20.51
C THR B 384 46.95 12.65 21.63
N PRO B 385 48.23 12.28 21.41
CA PRO B 385 49.27 12.43 22.45
C PRO B 385 49.39 13.83 23.10
N GLU B 386 49.24 14.89 22.31
CA GLU B 386 49.34 16.28 22.80
C GLU B 386 48.01 16.86 23.29
N GLY B 387 46.91 16.12 23.10
CA GLY B 387 45.59 16.55 23.55
C GLY B 387 44.92 17.60 22.68
N LYS B 388 45.38 17.75 21.43
CA LYS B 388 44.84 18.76 20.51
C LYS B 388 43.49 18.32 19.96
N TYR B 389 43.42 17.07 19.49
CA TYR B 389 42.19 16.47 18.97
C TYR B 389 41.76 15.29 19.83
N ALA B 390 40.45 15.08 19.93
CA ALA B 390 39.88 13.81 20.34
C ALA B 390 39.67 12.99 19.08
N TRP B 391 39.88 11.67 19.16
CA TRP B 391 39.65 10.78 18.02
C TRP B 391 38.56 9.77 18.33
N SER B 392 38.00 9.17 17.28
CA SER B 392 36.99 8.13 17.43
C SER B 392 36.89 7.25 16.20
N ILE B 393 36.81 5.94 16.43
CA ILE B 393 36.55 4.96 15.37
C ILE B 393 35.05 4.72 15.34
N LEU B 394 34.43 5.02 14.20
CA LEU B 394 32.97 5.02 14.07
C LEU B 394 32.49 4.03 13.01
N LEU B 395 31.39 3.35 13.30
CA LEU B 395 30.82 2.33 12.42
C LEU B 395 29.42 2.70 11.97
N ASP B 396 29.05 2.24 10.78
CA ASP B 396 27.66 2.32 10.32
C ASP B 396 26.87 1.11 10.82
N ARG B 397 25.56 1.08 10.58
CA ARG B 397 24.70 0.01 11.11
C ARG B 397 25.05 -1.38 10.59
N SER B 398 25.31 -1.48 9.29
CA SER B 398 25.67 -2.76 8.67
C SER B 398 27.09 -3.23 9.02
N GLN B 399 27.90 -2.34 9.58
CA GLN B 399 29.27 -2.64 10.04
C GLN B 399 30.17 -3.03 8.86
N THR B 400 29.93 -2.38 7.72
CA THR B 400 30.72 -2.51 6.52
C THR B 400 31.54 -1.24 6.22
N ARG B 401 31.27 -0.13 6.93
CA ARG B 401 32.03 1.11 6.78
C ARG B 401 32.62 1.52 8.12
N LEU B 402 33.95 1.73 8.14
CA LEU B 402 34.66 2.26 9.30
C LEU B 402 35.20 3.65 8.97
N GLN B 403 35.15 4.55 9.95
CA GLN B 403 35.70 5.90 9.83
C GLN B 403 36.55 6.21 11.07
N ILE B 404 37.69 6.86 10.87
CA ILE B 404 38.50 7.39 11.97
C ILE B 404 38.39 8.91 11.87
N VAL B 405 37.79 9.53 12.88
CA VAL B 405 37.41 10.94 12.82
C VAL B 405 38.04 11.73 13.97
N LEU B 406 38.80 12.77 13.64
CA LEU B 406 39.33 13.71 14.64
C LEU B 406 38.28 14.76 14.97
N ILE B 407 38.11 15.03 16.26
CA ILE B 407 37.08 15.93 16.77
C ILE B 407 37.79 16.95 17.67
N SER B 408 37.83 18.20 17.22
CA SER B 408 38.44 19.28 17.99
C SER B 408 37.53 19.66 19.18
N PRO B 409 38.13 20.06 20.31
CA PRO B 409 37.33 20.64 21.40
C PRO B 409 36.50 21.87 21.02
N GLU B 410 36.96 22.63 20.02
CA GLU B 410 36.24 23.81 19.53
C GLU B 410 34.87 23.52 18.90
N LEU B 411 34.64 22.28 18.46
CA LEU B 411 33.31 21.83 18.02
C LEU B 411 32.26 21.79 19.15
N PHE B 412 32.70 21.73 20.40
CA PHE B 412 31.79 21.70 21.55
C PHE B 412 31.54 23.11 22.09
N ILE B 413 30.25 23.44 22.30
CA ILE B 413 29.83 24.70 22.91
C ILE B 413 29.00 24.43 24.17
N PRO B 414 28.92 25.41 25.10
CA PRO B 414 28.12 25.20 26.33
C PRO B 414 26.64 24.92 26.07
N VAL B 415 26.01 24.18 26.98
CA VAL B 415 24.59 23.85 26.87
C VAL B 415 23.79 25.07 27.33
N GLU B 416 22.89 25.54 26.46
CA GLU B 416 22.07 26.73 26.71
C GLU B 416 20.64 26.52 26.20
N ASP B 417 19.70 26.34 27.13
CA ASP B 417 18.27 26.25 26.79
C ASP B 417 17.70 27.58 26.24
N ASP B 418 18.31 28.70 26.63
CA ASP B 418 17.97 30.02 26.06
C ASP B 418 18.44 30.10 24.60
N VAL B 419 17.49 30.22 23.67
CA VAL B 419 17.78 30.18 22.23
C VAL B 419 18.58 31.39 21.71
N MET B 420 18.45 32.54 22.38
CA MET B 420 19.17 33.76 21.98
C MET B 420 20.66 33.65 22.23
N GLU B 421 21.04 33.27 23.45
CA GLU B 421 22.44 33.06 23.84
C GLU B 421 23.07 31.86 23.12
N ARG B 422 22.26 30.84 22.84
CA ARG B 422 22.70 29.66 22.08
C ARG B 422 23.11 30.02 20.66
N GLN B 423 22.31 30.87 20.00
CA GLN B 423 22.60 31.33 18.64
C GLN B 423 23.89 32.14 18.54
N ARG B 424 24.22 32.89 19.59
CA ARG B 424 25.47 33.65 19.66
C ARG B 424 26.70 32.73 19.75
N LEU B 425 26.59 31.67 20.56
CA LEU B 425 27.66 30.68 20.73
C LEU B 425 27.98 29.88 19.46
N ILE B 426 26.95 29.62 18.64
CA ILE B 426 27.13 28.89 17.37
C ILE B 426 27.89 29.73 16.35
N GLU B 427 27.54 31.01 16.26
CA GLU B 427 28.20 31.96 15.35
C GLU B 427 29.65 32.27 15.75
N SER B 428 29.94 32.23 17.05
CA SER B 428 31.30 32.50 17.56
C SER B 428 32.33 31.43 17.20
N VAL B 429 31.89 30.21 16.89
CA VAL B 429 32.78 29.14 16.45
C VAL B 429 33.11 29.34 14.96
N PRO B 430 34.40 29.22 14.57
CA PRO B 430 34.74 29.35 13.14
C PRO B 430 34.18 28.24 12.24
N ASP B 431 34.05 28.54 10.95
CA ASP B 431 33.63 27.55 9.94
C ASP B 431 34.73 26.52 9.65
N SER B 432 36.00 26.94 9.77
CA SER B 432 37.14 26.02 9.58
C SER B 432 37.19 24.90 10.62
N VAL B 433 36.64 25.15 11.81
CA VAL B 433 36.47 24.10 12.84
C VAL B 433 35.42 23.11 12.36
N THR B 434 35.84 21.87 12.14
CA THR B 434 35.01 20.86 11.48
C THR B 434 35.52 19.44 11.81
N PRO B 435 34.62 18.42 11.78
CA PRO B 435 35.12 17.06 11.91
C PRO B 435 36.07 16.68 10.77
N LEU B 436 37.13 15.96 11.10
CA LEU B 436 38.17 15.60 10.13
C LEU B 436 38.26 14.07 10.04
N ILE B 437 37.65 13.51 9.00
CA ILE B 437 37.68 12.07 8.76
C ILE B 437 39.02 11.71 8.13
N ILE B 438 39.98 11.35 8.99
CA ILE B 438 41.36 11.06 8.57
C ILE B 438 41.56 9.70 7.89
N TYR B 439 40.57 8.82 7.98
CA TYR B 439 40.64 7.50 7.35
C TYR B 439 39.25 6.95 7.13
N GLU B 440 39.06 6.24 6.02
CA GLU B 440 37.79 5.58 5.71
C GLU B 440 38.02 4.34 4.85
N GLU B 441 37.30 3.27 5.18
CA GLU B 441 37.41 2.00 4.48
C GLU B 441 36.06 1.32 4.42
N THR B 442 35.91 0.40 3.47
CA THR B 442 34.69 -0.37 3.29
C THR B 442 35.00 -1.83 3.01
N THR B 443 33.97 -2.67 3.13
CA THR B 443 34.09 -4.11 2.88
C THR B 443 32.73 -4.72 2.57
N ASP B 444 32.74 -5.84 1.85
CA ASP B 444 31.53 -6.59 1.52
C ASP B 444 31.29 -7.74 2.49
N ILE B 445 32.21 -7.95 3.44
CA ILE B 445 32.07 -8.98 4.48
C ILE B 445 31.69 -8.26 5.78
N TRP B 446 32.66 -7.86 6.61
CA TRP B 446 32.38 -7.05 7.80
C TRP B 446 33.64 -6.46 8.39
N ILE B 447 33.48 -5.36 9.12
CA ILE B 447 34.58 -4.74 9.86
C ILE B 447 34.73 -5.47 11.19
N ASN B 448 35.95 -5.92 11.49
CA ASN B 448 36.30 -6.47 12.79
C ASN B 448 37.04 -5.38 13.57
N ILE B 449 36.39 -4.85 14.60
CA ILE B 449 36.99 -3.83 15.47
C ILE B 449 38.13 -4.45 16.28
N HIS B 450 39.20 -3.66 16.45
CA HIS B 450 40.38 -4.06 17.21
C HIS B 450 40.90 -2.89 18.04
N ASP B 451 41.93 -3.14 18.86
CA ASP B 451 42.48 -2.12 19.77
C ASP B 451 43.79 -1.47 19.27
N ILE B 452 44.21 -1.79 18.04
CA ILE B 452 45.40 -1.18 17.42
C ILE B 452 45.08 0.18 16.78
N PHE B 453 45.70 1.23 17.32
CA PHE B 453 45.66 2.58 16.74
C PHE B 453 46.71 3.44 17.43
N HIS B 454 47.74 3.86 16.69
CA HIS B 454 48.85 4.62 17.24
C HIS B 454 49.06 5.93 16.47
N VAL B 455 48.91 7.05 17.17
CA VAL B 455 49.09 8.39 16.59
C VAL B 455 50.46 8.92 16.98
N PHE B 456 51.29 9.25 15.97
CA PHE B 456 52.62 9.84 16.20
C PHE B 456 52.52 11.30 16.62
N PRO B 457 53.59 11.86 17.22
CA PRO B 457 53.66 13.30 17.49
C PRO B 457 53.49 14.17 16.25
N GLN B 458 52.80 15.30 16.39
CA GLN B 458 52.45 16.16 15.27
C GLN B 458 53.63 17.07 14.91
N SER B 459 54.22 16.84 13.73
CA SER B 459 55.35 17.65 13.24
C SER B 459 54.85 18.82 12.40
N HIS B 460 54.05 18.51 11.38
CA HIS B 460 53.42 19.52 10.52
C HIS B 460 52.05 19.86 11.10
N GLU B 461 51.70 21.15 11.13
CA GLU B 461 50.39 21.62 11.60
C GLU B 461 49.21 21.05 10.80
N GLU B 462 49.41 20.89 9.49
CA GLU B 462 48.35 20.48 8.56
C GLU B 462 48.39 18.99 8.18
N GLU B 463 49.03 18.15 9.00
CA GLU B 463 49.12 16.71 8.75
C GLU B 463 49.05 15.91 10.05
N ILE B 464 48.60 14.66 9.94
CA ILE B 464 48.62 13.71 11.06
C ILE B 464 49.09 12.33 10.56
N GLU B 465 49.96 11.71 11.35
CA GLU B 465 50.66 10.48 10.99
C GLU B 465 50.27 9.40 11.99
N PHE B 466 49.88 8.22 11.50
CA PHE B 466 49.43 7.14 12.39
C PHE B 466 49.54 5.73 11.80
N ILE B 467 49.63 4.74 12.69
CA ILE B 467 49.56 3.32 12.33
C ILE B 467 48.16 2.80 12.64
N PHE B 468 47.64 1.97 11.72
CA PHE B 468 46.33 1.33 11.87
C PHE B 468 46.38 -0.06 11.24
N ALA B 469 45.53 -0.97 11.73
CA ALA B 469 45.43 -2.32 11.18
C ALA B 469 44.11 -2.48 10.41
N SER B 470 44.15 -3.26 9.33
CA SER B 470 42.96 -3.46 8.49
C SER B 470 42.99 -4.75 7.67
N GLU B 471 41.81 -5.33 7.48
CA GLU B 471 41.58 -6.48 6.60
C GLU B 471 40.99 -6.08 5.24
N CYS B 472 40.62 -4.81 5.08
CA CYS B 472 39.83 -4.37 3.92
C CYS B 472 40.57 -4.31 2.57
N LYS B 473 41.90 -4.32 2.59
CA LYS B 473 42.70 -4.27 1.36
C LYS B 473 42.94 -5.68 0.81
N THR B 474 43.61 -6.51 1.61
CA THR B 474 44.06 -7.85 1.17
C THR B 474 43.21 -9.03 1.68
N GLY B 475 42.35 -8.79 2.68
CA GLY B 475 41.57 -9.87 3.31
C GLY B 475 42.22 -10.51 4.53
N PHE B 476 43.41 -10.02 4.91
CA PHE B 476 44.07 -10.39 6.16
C PHE B 476 44.47 -9.11 6.90
N ARG B 477 44.45 -9.16 8.24
CA ARG B 477 44.71 -7.95 9.04
C ARG B 477 46.18 -7.60 8.99
N HIS B 478 46.50 -6.42 8.47
CA HIS B 478 47.88 -5.97 8.36
C HIS B 478 48.02 -4.51 8.79
N LEU B 479 49.21 -4.17 9.28
CA LEU B 479 49.51 -2.81 9.73
C LEU B 479 49.83 -1.91 8.53
N TYR B 480 49.31 -0.69 8.59
CA TYR B 480 49.54 0.33 7.54
C TYR B 480 49.89 1.66 8.19
N LYS B 481 51.01 2.25 7.80
CA LYS B 481 51.35 3.62 8.20
C LYS B 481 50.65 4.57 7.24
N ILE B 482 49.87 5.49 7.79
CA ILE B 482 49.03 6.40 7.00
C ILE B 482 49.31 7.84 7.43
N THR B 483 49.40 8.73 6.44
CA THR B 483 49.53 10.18 6.67
C THR B 483 48.38 10.87 5.94
N SER B 484 47.59 11.66 6.68
CA SER B 484 46.40 12.32 6.15
C SER B 484 46.53 13.83 6.28
N ILE B 485 46.05 14.56 5.27
CA ILE B 485 46.18 16.02 5.22
C ILE B 485 44.94 16.66 5.85
N LEU B 486 45.16 17.43 6.92
CA LEU B 486 44.07 18.11 7.63
C LEU B 486 43.67 19.39 6.88
N LYS B 487 42.87 19.21 5.83
CA LYS B 487 42.39 20.31 5.00
C LYS B 487 41.29 21.10 5.70
N GLU B 488 41.14 22.35 5.31
CA GLU B 488 39.94 23.13 5.66
C GLU B 488 38.80 22.57 4.82
N SER B 489 37.64 22.36 5.45
CA SER B 489 36.52 21.71 4.78
C SER B 489 35.83 22.64 3.78
N LYS B 490 35.29 22.02 2.72
CA LYS B 490 34.51 22.73 1.70
C LYS B 490 33.16 23.21 2.27
N TYR B 491 32.60 22.44 3.20
CA TYR B 491 31.37 22.81 3.88
C TYR B 491 31.58 24.01 4.82
N LYS B 492 30.70 25.00 4.69
CA LYS B 492 30.70 26.19 5.55
C LYS B 492 29.39 26.23 6.34
N ARG B 493 29.50 26.31 7.66
CA ARG B 493 28.35 26.29 8.57
C ARG B 493 27.52 27.59 8.52
N SER B 494 28.16 28.68 8.11
CA SER B 494 27.48 29.99 7.98
C SER B 494 26.35 30.01 6.95
N SER B 495 26.53 29.26 5.85
CA SER B 495 25.52 29.17 4.79
C SER B 495 24.14 28.69 5.27
N GLY B 496 24.12 27.84 6.29
CA GLY B 496 22.87 27.36 6.90
C GLY B 496 22.25 26.19 6.18
N GLY B 497 23.10 25.28 5.69
CA GLY B 497 22.66 24.04 5.03
C GLY B 497 23.30 22.83 5.67
N LEU B 498 22.94 21.65 5.19
CA LEU B 498 23.46 20.39 5.72
C LEU B 498 24.68 19.92 4.89
N PRO B 499 25.69 19.34 5.55
CA PRO B 499 26.89 18.86 4.83
C PRO B 499 26.63 17.59 4.00
N ALA B 500 27.31 17.49 2.87
CA ALA B 500 27.28 16.30 2.00
C ALA B 500 28.09 15.16 2.63
N PRO B 501 27.94 13.92 2.11
CA PRO B 501 28.67 12.76 2.67
C PRO B 501 30.20 12.88 2.73
N SER B 502 30.80 13.45 1.68
CA SER B 502 32.27 13.50 1.55
C SER B 502 32.92 14.83 1.98
N ASP B 503 32.15 15.77 2.54
CA ASP B 503 32.66 17.10 2.90
C ASP B 503 33.71 17.10 4.03
N PHE B 504 33.64 16.12 4.93
CA PHE B 504 34.58 16.00 6.04
C PHE B 504 35.76 15.07 5.79
N LYS B 505 35.84 14.46 4.61
CA LYS B 505 36.93 13.52 4.28
C LYS B 505 38.26 14.24 4.07
N CYS B 506 39.32 13.67 4.65
CA CYS B 506 40.69 14.18 4.50
C CYS B 506 41.41 13.40 3.39
N PRO B 507 42.18 14.10 2.53
CA PRO B 507 42.97 13.38 1.52
C PRO B 507 44.12 12.56 2.14
N ILE B 508 44.34 11.37 1.59
CA ILE B 508 45.42 10.48 2.04
C ILE B 508 46.69 10.83 1.26
N LYS B 509 47.68 11.39 1.95
CA LYS B 509 48.97 11.73 1.32
C LYS B 509 49.82 10.48 1.10
N GLU B 510 49.84 9.59 2.10
CA GLU B 510 50.68 8.39 2.08
C GLU B 510 49.93 7.21 2.71
N GLU B 511 50.23 6.00 2.22
CA GLU B 511 49.69 4.77 2.81
C GLU B 511 50.64 3.60 2.57
N ILE B 512 51.70 3.52 3.37
CA ILE B 512 52.69 2.45 3.27
C ILE B 512 52.16 1.22 4.01
N ALA B 513 52.29 0.04 3.40
CA ALA B 513 51.95 -1.23 4.03
C ALA B 513 53.16 -1.74 4.80
N ILE B 514 53.00 -1.91 6.11
CA ILE B 514 54.08 -2.36 6.99
C ILE B 514 54.22 -3.88 6.94
N THR B 515 53.09 -4.60 6.89
CA THR B 515 53.08 -6.06 6.78
C THR B 515 52.17 -6.52 5.64
N SER B 516 52.38 -7.77 5.21
CA SER B 516 51.57 -8.39 4.15
C SER B 516 51.73 -9.90 4.12
N GLY B 517 50.76 -10.58 3.50
CA GLY B 517 50.79 -12.04 3.34
C GLY B 517 49.49 -12.74 3.71
N GLU B 518 49.52 -14.07 3.63
CA GLU B 518 48.37 -14.92 3.94
C GLU B 518 48.39 -15.31 5.42
N TRP B 519 48.26 -14.28 6.26
CA TRP B 519 48.36 -14.39 7.72
C TRP B 519 47.99 -13.04 8.32
N GLU B 520 47.55 -13.01 9.57
CA GLU B 520 47.01 -11.77 10.17
C GLU B 520 47.79 -11.26 11.38
N VAL B 521 47.73 -9.95 11.58
CA VAL B 521 48.18 -9.29 12.81
C VAL B 521 47.01 -9.34 13.80
N LEU B 522 47.33 -9.56 15.07
CA LEU B 522 46.33 -9.71 16.13
C LEU B 522 46.14 -8.40 16.90
N GLY B 523 44.88 -7.97 17.03
CA GLY B 523 44.54 -6.72 17.71
C GLY B 523 43.40 -6.80 18.72
N ARG B 524 43.14 -8.00 19.25
CA ARG B 524 42.07 -8.23 20.24
C ARG B 524 42.55 -9.05 21.43
N HIS B 525 41.80 -8.99 22.52
CA HIS B 525 42.02 -9.79 23.73
C HIS B 525 43.39 -9.60 24.38
N GLY B 526 43.90 -8.37 24.35
CA GLY B 526 45.23 -8.06 24.88
C GLY B 526 46.31 -7.88 23.82
N SER B 527 46.15 -8.52 22.67
CA SER B 527 47.08 -8.35 21.54
C SER B 527 47.01 -6.92 21.02
N ASN B 528 48.18 -6.31 20.85
CA ASN B 528 48.30 -4.92 20.40
C ASN B 528 49.71 -4.70 19.85
N ILE B 529 50.05 -3.47 19.53
CA ILE B 529 51.40 -3.12 19.08
C ILE B 529 52.15 -2.28 20.10
N GLN B 530 53.48 -2.30 20.02
CA GLN B 530 54.34 -1.36 20.73
C GLN B 530 55.24 -0.69 19.70
N VAL B 531 55.11 0.64 19.58
CA VAL B 531 55.84 1.41 18.58
C VAL B 531 57.07 2.06 19.20
N ASP B 532 58.25 1.59 18.80
CA ASP B 532 59.53 2.21 19.16
C ASP B 532 59.76 3.41 18.24
N GLU B 533 59.47 4.61 18.74
CA GLU B 533 59.64 5.85 17.95
C GLU B 533 61.11 6.29 17.80
N VAL B 534 62.00 5.79 18.65
CA VAL B 534 63.43 6.12 18.57
C VAL B 534 64.08 5.36 17.40
N ARG B 535 64.09 4.02 17.50
CA ARG B 535 64.63 3.16 16.44
C ARG B 535 63.70 2.98 15.23
N ARG B 536 62.47 3.51 15.33
CA ARG B 536 61.49 3.50 14.24
C ARG B 536 61.09 2.06 13.84
N LEU B 537 60.71 1.30 14.86
CA LEU B 537 60.26 -0.08 14.73
C LEU B 537 58.85 -0.22 15.30
N VAL B 538 58.22 -1.35 15.01
CA VAL B 538 56.91 -1.68 15.58
C VAL B 538 56.84 -3.18 15.92
N TYR B 539 56.58 -3.46 17.20
CA TYR B 539 56.40 -4.84 17.67
C TYR B 539 54.92 -5.19 17.55
N PHE B 540 54.62 -6.45 17.20
CA PHE B 540 53.24 -6.91 17.01
C PHE B 540 53.14 -8.43 17.10
N GLU B 541 51.93 -8.92 17.37
CA GLU B 541 51.66 -10.36 17.38
C GLU B 541 50.94 -10.75 16.10
N GLY B 542 51.22 -11.96 15.61
CA GLY B 542 50.63 -12.45 14.36
C GLY B 542 50.70 -13.95 14.15
N THR B 543 50.13 -14.39 13.04
CA THR B 543 50.05 -15.82 12.68
C THR B 543 50.94 -16.20 11.48
N LYS B 544 52.07 -15.50 11.31
CA LYS B 544 52.91 -15.66 10.11
C LYS B 544 53.51 -17.06 9.98
N ASP B 545 54.08 -17.56 11.07
CA ASP B 545 54.64 -18.91 11.09
C ASP B 545 53.57 -20.02 11.06
N SER B 546 52.42 -19.78 11.71
CA SER B 546 51.34 -20.77 11.78
C SER B 546 50.04 -20.13 12.25
N PRO B 547 48.88 -20.65 11.77
CA PRO B 547 47.59 -20.24 12.33
C PRO B 547 47.26 -20.92 13.67
N LEU B 548 48.06 -21.92 14.07
CA LEU B 548 47.91 -22.59 15.37
C LEU B 548 48.75 -21.97 16.50
N GLU B 549 49.58 -20.98 16.18
CA GLU B 549 50.49 -20.36 17.17
C GLU B 549 50.57 -18.86 16.98
N HIS B 550 50.40 -18.11 18.07
CA HIS B 550 50.65 -16.67 18.06
C HIS B 550 52.12 -16.42 18.40
N HIS B 551 52.76 -15.51 17.68
CA HIS B 551 54.18 -15.20 17.88
C HIS B 551 54.43 -13.70 17.86
N LEU B 552 55.45 -13.27 18.59
CA LEU B 552 55.87 -11.87 18.60
C LEU B 552 56.82 -11.60 17.44
N TYR B 553 56.53 -10.54 16.69
CA TYR B 553 57.35 -10.12 15.55
C TYR B 553 57.75 -8.67 15.70
N VAL B 554 58.72 -8.24 14.90
CA VAL B 554 59.17 -6.84 14.86
C VAL B 554 59.57 -6.46 13.43
N VAL B 555 59.34 -5.21 13.08
CA VAL B 555 59.58 -4.71 11.73
C VAL B 555 59.68 -3.18 11.72
N SER B 556 60.40 -2.63 10.75
CA SER B 556 60.47 -1.18 10.55
C SER B 556 59.16 -0.65 9.97
N TYR B 557 58.81 0.59 10.31
CA TYR B 557 57.63 1.25 9.72
C TYR B 557 57.97 2.40 8.75
N VAL B 558 59.25 2.70 8.57
CA VAL B 558 59.72 3.71 7.60
C VAL B 558 60.06 3.01 6.29
N ASN B 559 60.95 2.02 6.37
CA ASN B 559 61.35 1.18 5.24
C ASN B 559 61.04 -0.27 5.59
N PRO B 560 59.75 -0.66 5.51
CA PRO B 560 59.35 -2.02 5.91
C PRO B 560 59.84 -3.10 4.96
N GLY B 561 60.20 -4.26 5.50
CA GLY B 561 60.67 -5.38 4.70
C GLY B 561 60.72 -6.68 5.48
N GLU B 562 61.86 -6.95 6.10
CA GLU B 562 62.06 -8.19 6.86
C GLU B 562 61.28 -8.18 8.18
N VAL B 563 60.33 -9.11 8.30
CA VAL B 563 59.63 -9.36 9.55
C VAL B 563 60.46 -10.38 10.34
N THR B 564 60.79 -10.05 11.59
CA THR B 564 61.68 -10.86 12.42
C THR B 564 60.92 -11.46 13.61
N ARG B 565 60.77 -12.78 13.61
CA ARG B 565 60.14 -13.50 14.73
C ARG B 565 61.06 -13.47 15.96
N LEU B 566 60.51 -13.06 17.10
CA LEU B 566 61.24 -12.99 18.37
C LEU B 566 60.95 -14.16 19.33
N THR B 567 59.80 -14.83 19.16
CA THR B 567 59.40 -15.93 20.06
C THR B 567 59.70 -17.30 19.45
N ASP B 568 59.96 -18.29 20.32
CA ASP B 568 60.40 -19.63 19.90
C ASP B 568 59.23 -20.48 19.42
N ARG B 569 59.44 -21.20 18.32
CA ARG B 569 58.42 -22.11 17.76
C ARG B 569 58.15 -23.31 18.65
N GLY B 570 57.01 -23.97 18.40
CA GLY B 570 56.52 -25.07 19.24
C GLY B 570 55.70 -24.62 20.44
N TYR B 571 55.43 -23.32 20.52
CA TYR B 571 54.59 -22.72 21.57
C TYR B 571 53.73 -21.62 20.96
N SER B 572 52.60 -21.33 21.60
CA SER B 572 51.79 -20.16 21.28
C SER B 572 52.02 -19.11 22.38
N HIS B 573 52.22 -17.86 21.98
CA HIS B 573 52.66 -16.80 22.88
C HIS B 573 51.67 -15.64 22.95
N SER B 574 51.34 -15.22 24.17
CA SER B 574 50.69 -13.95 24.42
C SER B 574 51.74 -13.05 25.09
N CYS B 575 52.03 -11.91 24.48
CA CYS B 575 53.19 -11.10 24.87
C CYS B 575 52.85 -9.66 25.27
N CYS B 576 53.69 -9.12 26.16
CA CYS B 576 53.65 -7.72 26.55
C CYS B 576 55.05 -7.14 26.37
N ILE B 577 55.15 -6.02 25.66
CA ILE B 577 56.44 -5.38 25.39
C ILE B 577 56.57 -4.17 26.29
N SER B 578 57.77 -3.95 26.83
CA SER B 578 58.09 -2.79 27.66
C SER B 578 57.88 -1.49 26.89
N GLN B 579 57.52 -0.43 27.61
CA GLN B 579 57.40 0.91 27.03
C GLN B 579 58.74 1.44 26.49
N HIS B 580 59.84 0.98 27.08
CA HIS B 580 61.19 1.38 26.65
C HIS B 580 61.76 0.51 25.51
N CYS B 581 61.05 -0.56 25.15
CA CYS B 581 61.38 -1.42 24.00
C CYS B 581 62.75 -2.14 24.08
N ASP B 582 63.18 -2.42 25.31
CA ASP B 582 64.39 -3.21 25.57
C ASP B 582 64.09 -4.52 26.32
N PHE B 583 62.80 -4.82 26.52
CA PHE B 583 62.35 -6.04 27.19
C PHE B 583 60.96 -6.43 26.66
N PHE B 584 60.65 -7.72 26.73
CA PHE B 584 59.28 -8.19 26.53
C PHE B 584 59.03 -9.44 27.37
N ILE B 585 57.79 -9.58 27.83
CA ILE B 585 57.35 -10.74 28.59
C ILE B 585 56.41 -11.55 27.70
N SER B 586 56.51 -12.86 27.79
CA SER B 586 55.66 -13.78 27.04
C SER B 586 55.01 -14.78 27.98
N LYS B 587 53.68 -14.83 27.96
CA LYS B 587 52.93 -15.95 28.53
C LYS B 587 52.74 -16.96 27.41
N TYR B 588 53.24 -18.18 27.61
CA TYR B 588 53.28 -19.17 26.53
C TYR B 588 52.98 -20.59 27.01
N SER B 589 52.44 -21.40 26.09
CA SER B 589 52.12 -22.80 26.34
C SER B 589 52.09 -23.58 25.04
N ASN B 590 51.94 -24.89 25.17
CA ASN B 590 51.58 -25.74 24.03
C ASN B 590 50.68 -26.89 24.50
N GLN B 591 50.28 -27.76 23.58
CA GLN B 591 49.34 -28.84 23.87
C GLN B 591 49.79 -29.77 25.02
N LYS B 592 51.10 -29.92 25.21
CA LYS B 592 51.66 -30.84 26.22
C LYS B 592 52.00 -30.14 27.55
N ASN B 593 52.60 -28.95 27.47
CA ASN B 593 53.08 -28.21 28.65
C ASN B 593 52.13 -27.06 29.05
N PRO B 594 51.78 -26.96 30.36
CA PRO B 594 51.01 -25.82 30.89
C PRO B 594 51.63 -24.43 30.69
N HIS B 595 50.89 -23.40 31.09
CA HIS B 595 51.27 -22.01 30.87
C HIS B 595 52.51 -21.60 31.67
N CYS B 596 53.47 -20.97 30.99
CA CYS B 596 54.65 -20.35 31.60
C CYS B 596 54.64 -18.86 31.31
N VAL B 597 55.32 -18.09 32.17
CA VAL B 597 55.55 -16.66 31.93
C VAL B 597 57.04 -16.39 32.15
N SER B 598 57.69 -15.83 31.12
CA SER B 598 59.14 -15.59 31.14
C SER B 598 59.49 -14.21 30.60
N LEU B 599 60.56 -13.63 31.14
CA LEU B 599 61.08 -12.33 30.70
C LEU B 599 62.22 -12.52 29.71
N TYR B 600 62.21 -11.73 28.63
CA TYR B 600 63.23 -11.77 27.60
C TYR B 600 63.77 -10.36 27.35
N LYS B 601 65.10 -10.22 27.36
CA LYS B 601 65.76 -8.96 27.04
C LYS B 601 65.95 -8.83 25.54
N LEU B 602 65.86 -7.60 25.03
CA LEU B 602 66.02 -7.29 23.61
C LEU B 602 67.28 -6.48 23.37
N SER B 603 67.97 -6.76 22.27
CA SER B 603 69.16 -6.00 21.87
C SER B 603 69.48 -6.20 20.39
N SER B 604 70.31 -5.30 19.86
CA SER B 604 70.74 -5.34 18.46
C SER B 604 72.22 -5.71 18.38
N PRO B 605 72.67 -6.24 17.23
CA PRO B 605 74.11 -6.31 16.96
C PRO B 605 74.72 -4.90 16.77
N GLU B 606 76.01 -4.79 17.03
CA GLU B 606 76.74 -3.50 16.91
C GLU B 606 76.66 -2.95 15.49
N ASP B 607 76.82 -3.83 14.49
CA ASP B 607 76.81 -3.44 13.08
C ASP B 607 75.46 -2.97 12.52
N ASP B 608 74.35 -3.45 13.09
CA ASP B 608 73.00 -3.15 12.58
C ASP B 608 71.96 -2.98 13.71
N PRO B 609 71.59 -1.72 14.03
CA PRO B 609 70.51 -1.46 14.99
C PRO B 609 69.09 -1.88 14.53
N THR B 610 68.89 -2.04 13.22
CA THR B 610 67.61 -2.51 12.67
C THR B 610 67.29 -3.95 13.05
N CYS B 611 68.30 -4.81 13.05
CA CYS B 611 68.13 -6.23 13.41
C CYS B 611 67.98 -6.37 14.93
N LYS B 612 66.92 -7.05 15.36
CA LYS B 612 66.63 -7.27 16.77
C LYS B 612 66.78 -8.75 17.13
N THR B 613 67.50 -9.00 18.23
CA THR B 613 67.64 -10.35 18.80
C THR B 613 67.10 -10.32 20.23
N LYS B 614 66.93 -11.51 20.80
CA LYS B 614 66.46 -11.63 22.18
C LYS B 614 67.24 -12.67 22.96
N GLU B 615 67.20 -12.54 24.29
CA GLU B 615 67.86 -13.46 25.21
C GLU B 615 66.95 -13.72 26.41
N PHE B 616 66.93 -14.96 26.88
CA PHE B 616 66.20 -15.33 28.08
C PHE B 616 66.86 -14.66 29.29
N TRP B 617 66.08 -13.90 30.06
CA TRP B 617 66.57 -13.16 31.22
C TRP B 617 66.19 -13.84 32.53
N ALA B 618 64.89 -14.10 32.71
CA ALA B 618 64.39 -14.73 33.94
C ALA B 618 62.99 -15.34 33.80
N THR B 619 62.64 -16.20 34.75
CA THR B 619 61.32 -16.80 34.86
C THR B 619 60.48 -15.99 35.86
N ILE B 620 59.23 -15.69 35.47
CA ILE B 620 58.25 -15.04 36.35
C ILE B 620 57.32 -16.08 36.95
N LEU B 621 56.72 -16.90 36.09
CA LEU B 621 55.93 -18.06 36.50
C LEU B 621 56.49 -19.32 35.85
N ASP B 622 56.85 -20.29 36.68
CA ASP B 622 57.30 -21.60 36.21
C ASP B 622 56.08 -22.49 36.03
N SER B 623 56.13 -23.38 35.04
CA SER B 623 55.07 -24.37 34.82
C SER B 623 55.06 -25.40 35.95
N ALA B 624 53.87 -25.91 36.26
CA ALA B 624 53.73 -27.04 37.20
C ALA B 624 54.30 -28.34 36.60
N GLY B 625 54.31 -28.41 35.26
CA GLY B 625 54.87 -29.55 34.53
C GLY B 625 53.76 -30.37 33.90
N PRO B 626 54.11 -31.30 32.99
CA PRO B 626 53.09 -32.17 32.40
C PRO B 626 52.54 -33.14 33.45
N LEU B 627 51.42 -32.76 34.07
CA LEU B 627 50.79 -33.58 35.12
C LEU B 627 50.25 -34.91 34.53
N PRO B 628 50.40 -36.02 35.29
CA PRO B 628 50.18 -37.37 34.75
C PRO B 628 48.71 -37.74 34.45
N ASP B 629 47.78 -37.12 35.17
CA ASP B 629 46.34 -37.38 34.99
C ASP B 629 45.70 -36.80 33.69
N TYR B 630 46.44 -35.96 32.97
CA TYR B 630 45.97 -35.37 31.70
C TYR B 630 46.76 -35.89 30.50
N THR B 631 46.07 -36.58 29.58
CA THR B 631 46.60 -36.96 28.28
C THR B 631 46.05 -35.99 27.22
N PRO B 632 46.94 -35.21 26.57
CA PRO B 632 46.47 -34.21 25.60
C PRO B 632 46.03 -34.80 24.26
N PRO B 633 45.36 -34.00 23.41
CA PRO B 633 44.96 -34.42 22.08
C PRO B 633 46.04 -34.19 21.03
N GLU B 634 45.85 -34.77 19.85
CA GLU B 634 46.73 -34.56 18.69
C GLU B 634 46.04 -33.60 17.73
N ILE B 635 46.77 -32.59 17.28
CA ILE B 635 46.26 -31.67 16.25
C ILE B 635 46.38 -32.39 14.90
N PHE B 636 45.26 -32.51 14.20
CA PHE B 636 45.23 -33.04 12.83
C PHE B 636 44.74 -31.97 11.86
N SER B 637 44.83 -32.29 10.57
CA SER B 637 44.33 -31.42 9.51
C SER B 637 43.92 -32.24 8.29
N PHE B 638 43.06 -31.64 7.45
CA PHE B 638 42.58 -32.29 6.24
C PHE B 638 42.22 -31.26 5.18
N GLU B 639 42.48 -31.59 3.92
CA GLU B 639 42.18 -30.71 2.81
C GLU B 639 40.69 -30.83 2.47
N SER B 640 39.94 -29.78 2.76
CA SER B 640 38.50 -29.78 2.56
C SER B 640 38.14 -29.58 1.09
N THR B 641 37.00 -30.13 0.69
CA THR B 641 36.43 -29.89 -0.65
C THR B 641 36.01 -28.43 -0.86
N THR B 642 35.84 -27.68 0.23
CA THR B 642 35.59 -26.23 0.18
C THR B 642 36.78 -25.41 -0.31
N GLY B 643 38.00 -25.96 -0.22
CA GLY B 643 39.22 -25.30 -0.70
C GLY B 643 40.16 -24.80 0.38
N PHE B 644 39.79 -25.00 1.66
CA PHE B 644 40.60 -24.60 2.81
C PHE B 644 41.13 -25.81 3.55
N THR B 645 42.30 -25.66 4.16
CA THR B 645 42.80 -26.64 5.14
C THR B 645 42.06 -26.39 6.45
N LEU B 646 41.33 -27.38 6.95
CA LEU B 646 40.59 -27.28 8.21
C LEU B 646 41.29 -28.09 9.28
N TYR B 647 41.59 -27.45 10.41
CA TYR B 647 42.32 -28.10 11.51
C TYR B 647 41.35 -28.67 12.55
N GLY B 648 41.85 -29.60 13.35
CA GLY B 648 41.05 -30.25 14.38
C GLY B 648 41.88 -30.87 15.49
N MET B 649 41.22 -31.25 16.58
CA MET B 649 41.86 -31.93 17.71
C MET B 649 41.20 -33.28 17.91
N LEU B 650 42.00 -34.29 18.23
CA LEU B 650 41.54 -35.66 18.42
C LEU B 650 42.04 -36.19 19.76
N TYR B 651 41.11 -36.61 20.62
CA TYR B 651 41.43 -37.32 21.84
C TYR B 651 41.15 -38.80 21.61
N LYS B 652 42.21 -39.59 21.47
CA LYS B 652 42.07 -41.04 21.35
C LYS B 652 41.58 -41.61 22.69
N PRO B 653 40.76 -42.68 22.66
CA PRO B 653 40.38 -43.35 23.90
C PRO B 653 41.57 -43.92 24.68
N HIS B 654 41.54 -43.79 26.00
CA HIS B 654 42.60 -44.30 26.87
C HIS B 654 42.47 -45.83 26.94
N ASP B 655 43.61 -46.51 26.95
CA ASP B 655 43.69 -47.98 26.83
C ASP B 655 42.98 -48.43 25.55
N LEU B 656 43.52 -47.98 24.42
CA LEU B 656 42.93 -48.27 23.10
C LEU B 656 43.10 -49.75 22.77
N GLN B 657 41.99 -50.47 22.71
CA GLN B 657 42.00 -51.91 22.46
C GLN B 657 42.03 -52.16 20.95
N PRO B 658 42.79 -53.18 20.51
CA PRO B 658 42.83 -53.50 19.08
C PRO B 658 41.57 -54.23 18.63
N GLY B 659 41.14 -53.98 17.40
CA GLY B 659 39.96 -54.62 16.82
C GLY B 659 38.65 -54.23 17.48
N LYS B 660 38.53 -52.96 17.88
CA LYS B 660 37.32 -52.44 18.51
C LYS B 660 37.04 -51.00 18.07
N LYS B 661 35.76 -50.64 18.02
CA LYS B 661 35.32 -49.30 17.63
C LYS B 661 34.59 -48.62 18.80
N TYR B 662 34.88 -47.34 19.00
CA TYR B 662 34.47 -46.59 20.18
C TYR B 662 33.44 -45.51 19.83
N PRO B 663 32.56 -45.15 20.79
CA PRO B 663 31.62 -44.04 20.56
C PRO B 663 32.34 -42.69 20.51
N THR B 664 31.83 -41.76 19.73
CA THR B 664 32.52 -40.49 19.45
C THR B 664 31.69 -39.27 19.88
N VAL B 665 32.24 -38.44 20.75
CA VAL B 665 31.63 -37.16 21.14
C VAL B 665 32.31 -36.02 20.40
N LEU B 666 31.56 -35.36 19.53
CA LEU B 666 32.04 -34.15 18.85
C LEU B 666 31.74 -32.95 19.73
N PHE B 667 32.79 -32.31 20.26
CA PHE B 667 32.65 -31.04 20.97
C PHE B 667 32.79 -29.90 19.95
N ILE B 668 31.90 -28.90 20.06
CA ILE B 668 31.79 -27.86 19.04
C ILE B 668 31.47 -26.48 19.64
N TYR B 669 32.05 -25.44 19.04
CA TYR B 669 31.56 -24.07 19.18
C TYR B 669 31.15 -23.63 17.76
N GLY B 670 32.13 -23.47 16.86
CA GLY B 670 31.87 -23.26 15.44
C GLY B 670 31.43 -21.88 14.97
N GLY B 671 31.19 -20.95 15.89
CA GLY B 671 30.81 -19.57 15.55
C GLY B 671 31.99 -18.64 15.34
N PRO B 672 31.70 -17.38 14.94
CA PRO B 672 32.76 -16.40 14.68
C PRO B 672 33.45 -15.90 15.94
N GLN B 673 34.64 -15.34 15.75
CA GLN B 673 35.47 -14.76 16.82
C GLN B 673 36.04 -15.77 17.84
N VAL B 674 36.10 -17.04 17.47
CA VAL B 674 36.66 -18.09 18.33
C VAL B 674 37.44 -19.11 17.50
N GLN B 675 38.62 -19.49 17.98
CA GLN B 675 39.39 -20.63 17.47
C GLN B 675 39.61 -21.57 18.64
N LEU B 676 39.06 -22.79 18.55
CA LEU B 676 39.28 -23.82 19.55
C LEU B 676 40.57 -24.61 19.32
N VAL B 677 40.95 -24.78 18.06
CA VAL B 677 42.06 -25.65 17.67
C VAL B 677 43.32 -24.84 17.44
N ASN B 678 44.29 -25.03 18.32
CA ASN B 678 45.59 -24.36 18.25
C ASN B 678 46.57 -25.04 19.19
N ASN B 679 47.85 -24.66 19.12
CA ASN B 679 48.89 -25.26 19.96
C ASN B 679 48.99 -24.50 21.29
N ARG B 680 47.96 -24.68 22.12
CA ARG B 680 47.88 -24.13 23.47
C ARG B 680 47.51 -25.26 24.41
N PHE B 681 47.80 -25.07 25.71
CA PHE B 681 47.43 -26.07 26.71
C PHE B 681 45.92 -26.03 26.96
N LYS B 682 45.26 -27.18 26.77
CA LYS B 682 43.82 -27.32 26.93
C LYS B 682 43.41 -28.11 28.18
N GLY B 683 44.37 -28.40 29.06
CA GLY B 683 44.14 -29.21 30.26
C GLY B 683 43.53 -28.54 31.47
N VAL B 684 43.21 -27.24 31.35
CA VAL B 684 42.48 -26.53 32.41
C VAL B 684 41.01 -26.35 31.99
N LYS B 685 40.79 -25.58 30.92
CA LYS B 685 39.44 -25.22 30.47
C LYS B 685 38.70 -26.39 29.83
N TYR B 686 39.42 -27.23 29.08
CA TYR B 686 38.85 -28.42 28.43
C TYR B 686 39.42 -29.72 29.03
N PHE B 687 39.54 -29.76 30.36
CA PHE B 687 40.03 -30.95 31.07
C PHE B 687 39.07 -32.13 30.94
N ARG B 688 37.77 -31.86 30.88
CA ARG B 688 36.77 -32.92 30.83
C ARG B 688 36.61 -33.60 29.46
N LEU B 689 37.24 -33.06 28.42
CA LEU B 689 37.37 -33.78 27.14
C LEU B 689 38.35 -34.95 27.31
N ASN B 690 39.38 -34.75 28.14
CA ASN B 690 40.27 -35.83 28.56
C ASN B 690 39.53 -36.87 29.43
N THR B 691 38.69 -36.40 30.35
CA THR B 691 37.87 -37.28 31.19
C THR B 691 36.92 -38.17 30.36
N LEU B 692 36.37 -37.62 29.27
CA LEU B 692 35.58 -38.41 28.31
C LEU B 692 36.45 -39.49 27.66
N ALA B 693 37.67 -39.12 27.28
CA ALA B 693 38.62 -40.08 26.71
C ALA B 693 39.02 -41.22 27.67
N SER B 694 39.11 -40.90 28.97
CA SER B 694 39.43 -41.92 29.98
C SER B 694 38.32 -42.96 30.18
N LEU B 695 37.07 -42.57 29.93
CA LEU B 695 35.92 -43.49 29.99
C LEU B 695 35.75 -44.33 28.72
N GLY B 696 36.42 -43.93 27.64
CA GLY B 696 36.36 -44.64 26.36
C GLY B 696 35.47 -43.99 25.32
N TYR B 697 35.55 -42.66 25.21
CA TYR B 697 34.91 -41.92 24.12
C TYR B 697 36.02 -41.35 23.23
N VAL B 698 35.80 -41.35 21.92
CA VAL B 698 36.63 -40.56 21.02
C VAL B 698 36.08 -39.15 21.12
N VAL B 699 36.95 -38.16 21.29
CA VAL B 699 36.52 -36.76 21.34
C VAL B 699 37.15 -35.99 20.19
N VAL B 700 36.31 -35.29 19.44
CA VAL B 700 36.73 -34.55 18.24
C VAL B 700 36.34 -33.09 18.38
N VAL B 701 37.23 -32.19 17.97
CA VAL B 701 36.96 -30.75 17.87
C VAL B 701 37.46 -30.29 16.51
N ILE B 702 36.63 -29.54 15.78
CA ILE B 702 36.99 -29.06 14.44
C ILE B 702 36.62 -27.58 14.32
N ASP B 703 37.57 -26.77 13.88
CA ASP B 703 37.32 -25.36 13.54
C ASP B 703 36.82 -25.27 12.10
N ASN B 704 35.51 -25.22 11.96
CA ASN B 704 34.86 -25.07 10.65
C ASN B 704 35.03 -23.67 10.06
N ARG B 705 34.63 -23.53 8.79
CA ARG B 705 34.60 -22.24 8.11
C ARG B 705 33.77 -21.23 8.90
N GLY B 706 34.27 -20.00 9.00
CA GLY B 706 33.67 -18.98 9.86
C GLY B 706 34.45 -18.70 11.13
N SER B 707 35.27 -19.66 11.57
CA SER B 707 36.04 -19.54 12.80
C SER B 707 37.22 -18.55 12.66
N CYS B 708 37.92 -18.32 13.76
CA CYS B 708 38.86 -17.20 13.88
C CYS B 708 40.28 -17.50 13.37
N HIS B 709 41.05 -16.43 13.17
CA HIS B 709 42.50 -16.48 12.85
C HIS B 709 42.86 -17.15 11.52
N ARG B 710 42.00 -17.04 10.51
CA ARG B 710 42.25 -17.59 9.17
C ARG B 710 41.96 -16.62 8.02
N GLY B 711 41.81 -15.32 8.32
CA GLY B 711 41.50 -14.31 7.32
C GLY B 711 40.01 -14.04 7.18
N LEU B 712 39.69 -12.91 6.56
CA LEU B 712 38.31 -12.42 6.44
C LEU B 712 37.44 -13.25 5.49
N LYS B 713 38.05 -13.80 4.43
CA LYS B 713 37.32 -14.63 3.45
C LYS B 713 36.87 -15.97 4.06
N PHE B 714 37.76 -16.59 4.83
CA PHE B 714 37.44 -17.78 5.62
C PHE B 714 36.31 -17.50 6.64
N GLU B 715 36.39 -16.33 7.27
CA GLU B 715 35.39 -15.92 8.27
C GLU B 715 34.05 -15.58 7.60
N GLY B 716 34.11 -14.98 6.41
CA GLY B 716 32.92 -14.59 5.65
C GLY B 716 32.08 -15.70 5.03
N ALA B 717 32.58 -16.94 5.06
CA ALA B 717 31.90 -18.09 4.44
C ALA B 717 30.40 -18.22 4.79
N PHE B 718 30.05 -17.95 6.05
CA PHE B 718 28.64 -18.02 6.49
C PHE B 718 27.91 -16.67 6.60
N LYS B 719 28.32 -15.67 5.82
CA LYS B 719 27.60 -14.39 5.82
C LYS B 719 26.20 -14.60 5.24
N TYR B 720 25.19 -14.06 5.93
CA TYR B 720 23.76 -14.27 5.62
C TYR B 720 23.27 -15.73 5.73
N LYS B 721 24.13 -16.65 6.18
CA LYS B 721 23.91 -18.09 6.00
C LYS B 721 24.32 -18.91 7.24
N MET B 722 24.14 -18.32 8.44
CA MET B 722 24.50 -19.00 9.68
C MET B 722 23.64 -20.25 9.88
N GLY B 723 24.30 -21.35 10.27
CA GLY B 723 23.66 -22.65 10.40
C GLY B 723 23.77 -23.58 9.20
N GLN B 724 24.05 -23.02 8.02
CA GLN B 724 23.95 -23.76 6.76
C GLN B 724 25.22 -24.50 6.31
N ILE B 725 26.40 -23.97 6.65
CA ILE B 725 27.68 -24.53 6.19
C ILE B 725 28.54 -25.24 7.26
N GLU B 726 28.23 -25.04 8.53
CA GLU B 726 29.12 -25.47 9.62
C GLU B 726 29.17 -26.98 9.80
N ILE B 727 28.00 -27.61 9.74
CA ILE B 727 27.88 -29.06 9.97
C ILE B 727 28.47 -29.87 8.81
N ASP B 728 28.46 -29.31 7.60
CA ASP B 728 29.15 -29.93 6.45
C ASP B 728 30.65 -30.11 6.74
N ASP B 729 31.28 -29.09 7.33
CA ASP B 729 32.69 -29.14 7.72
C ASP B 729 32.95 -30.13 8.85
N GLN B 730 32.05 -30.19 9.82
CA GLN B 730 32.17 -31.09 10.98
C GLN B 730 32.07 -32.54 10.54
N VAL B 731 31.08 -32.83 9.70
CA VAL B 731 30.85 -34.19 9.17
C VAL B 731 32.00 -34.61 8.24
N GLU B 732 32.48 -33.68 7.42
CA GLU B 732 33.63 -33.92 6.54
C GLU B 732 34.87 -34.32 7.32
N GLY B 733 35.19 -33.53 8.35
CA GLY B 733 36.31 -33.83 9.25
C GLY B 733 36.11 -35.12 10.04
N LEU B 734 34.87 -35.40 10.41
CA LEU B 734 34.52 -36.64 11.11
C LEU B 734 34.71 -37.86 10.20
N GLN B 735 34.31 -37.74 8.94
CA GLN B 735 34.48 -38.81 7.94
C GLN B 735 35.94 -38.98 7.48
N TYR B 736 36.71 -37.88 7.51
CA TYR B 736 38.17 -37.95 7.29
C TYR B 736 38.84 -38.81 8.36
N LEU B 737 38.48 -38.57 9.62
CA LEU B 737 39.01 -39.34 10.75
C LEU B 737 38.55 -40.80 10.75
N ALA B 738 37.31 -41.05 10.33
CA ALA B 738 36.73 -42.41 10.38
C ALA B 738 37.38 -43.38 9.39
N SER B 739 37.62 -42.92 8.17
CA SER B 739 38.35 -43.71 7.17
C SER B 739 39.83 -43.88 7.51
N ARG B 740 40.41 -42.87 8.18
CA ARG B 740 41.81 -42.90 8.61
C ARG B 740 42.02 -43.74 9.88
N TYR B 741 41.06 -43.72 10.80
CA TYR B 741 41.12 -44.48 12.05
C TYR B 741 39.92 -45.41 12.19
N ASP B 742 40.18 -46.71 12.18
CA ASP B 742 39.12 -47.74 12.28
C ASP B 742 38.37 -47.77 13.64
N PHE B 743 38.97 -47.22 14.69
CA PHE B 743 38.37 -47.21 16.03
C PHE B 743 37.24 -46.18 16.26
N ILE B 744 36.91 -45.35 15.27
CA ILE B 744 35.75 -44.47 15.34
C ILE B 744 34.48 -45.22 14.90
N ASP B 745 33.50 -45.31 15.81
CA ASP B 745 32.21 -45.93 15.52
C ASP B 745 31.21 -44.84 15.11
N LEU B 746 30.97 -44.74 13.80
CA LEU B 746 30.04 -43.74 13.24
C LEU B 746 28.55 -44.02 13.53
N ASP B 747 28.22 -45.23 13.99
CA ASP B 747 26.85 -45.53 14.43
C ASP B 747 26.48 -44.81 15.73
N ARG B 748 27.48 -44.51 16.56
CA ARG B 748 27.27 -43.87 17.86
C ARG B 748 28.06 -42.57 17.99
N VAL B 749 27.59 -41.52 17.34
CA VAL B 749 28.20 -40.18 17.41
C VAL B 749 27.30 -39.21 18.16
N GLY B 750 27.86 -38.55 19.17
CA GLY B 750 27.19 -37.48 19.91
C GLY B 750 27.79 -36.12 19.58
N ILE B 751 27.03 -35.06 19.82
CA ILE B 751 27.51 -33.68 19.62
C ILE B 751 27.12 -32.80 20.81
N HIS B 752 28.03 -31.91 21.22
CA HIS B 752 27.81 -31.05 22.39
C HIS B 752 28.52 -29.70 22.29
N GLY B 753 27.82 -28.64 22.65
CA GLY B 753 28.39 -27.30 22.66
C GLY B 753 27.55 -26.30 23.44
N TRP B 754 28.14 -25.16 23.76
CA TRP B 754 27.46 -24.07 24.46
C TRP B 754 27.36 -22.83 23.57
N SER B 755 26.28 -22.09 23.75
CA SER B 755 26.00 -20.85 23.00
C SER B 755 25.84 -21.14 21.49
N TYR B 756 26.78 -20.68 20.66
CA TYR B 756 26.78 -21.00 19.23
C TYR B 756 27.02 -22.51 19.01
N GLY B 757 27.77 -23.12 19.92
CA GLY B 757 27.95 -24.58 19.94
C GLY B 757 26.68 -25.36 20.21
N GLY B 758 25.83 -24.83 21.09
CA GLY B 758 24.52 -25.42 21.39
C GLY B 758 23.58 -25.26 20.21
N TYR B 759 23.60 -24.07 19.61
CA TYR B 759 22.92 -23.79 18.35
C TYR B 759 23.28 -24.80 17.25
N LEU B 760 24.58 -25.02 17.06
CA LEU B 760 25.05 -25.98 16.05
C LEU B 760 24.74 -27.43 16.41
N SER B 761 24.73 -27.76 17.71
CA SER B 761 24.33 -29.09 18.17
C SER B 761 22.88 -29.41 17.81
N LEU B 762 22.01 -28.40 17.90
CA LEU B 762 20.61 -28.53 17.46
C LEU B 762 20.53 -28.66 15.94
N MET B 763 21.25 -27.79 15.23
CA MET B 763 21.32 -27.85 13.76
C MET B 763 21.90 -29.18 13.24
N ALA B 764 22.83 -29.77 13.98
CA ALA B 764 23.44 -31.06 13.62
C ALA B 764 22.42 -32.20 13.66
N LEU B 765 21.67 -32.28 14.76
CA LEU B 765 20.60 -33.28 14.90
C LEU B 765 19.45 -33.05 13.92
N MET B 766 19.19 -31.78 13.60
CA MET B 766 18.11 -31.41 12.68
C MET B 766 18.46 -31.76 11.24
N GLN B 767 19.65 -31.34 10.81
CA GLN B 767 20.11 -31.53 9.42
C GLN B 767 20.63 -32.94 9.15
N ARG B 768 21.46 -33.45 10.07
CA ARG B 768 22.17 -34.72 9.87
C ARG B 768 21.89 -35.72 11.00
N SER B 769 20.62 -36.12 11.15
CA SER B 769 20.23 -37.17 12.10
C SER B 769 20.81 -38.55 11.72
N ASP B 770 21.12 -38.75 10.44
CA ASP B 770 21.85 -39.94 9.96
C ASP B 770 23.26 -40.08 10.56
N ILE B 771 23.92 -38.95 10.83
CA ILE B 771 25.26 -38.93 11.42
C ILE B 771 25.22 -38.93 12.94
N PHE B 772 24.42 -38.03 13.52
CA PHE B 772 24.43 -37.75 14.97
C PHE B 772 23.28 -38.43 15.71
N ARG B 773 23.62 -39.30 16.67
CA ARG B 773 22.63 -39.98 17.51
C ARG B 773 22.04 -39.05 18.56
N VAL B 774 22.90 -38.39 19.33
CA VAL B 774 22.49 -37.53 20.44
C VAL B 774 23.06 -36.12 20.30
N ALA B 775 22.30 -35.14 20.78
CA ALA B 775 22.72 -33.74 20.76
C ALA B 775 22.42 -33.10 22.11
N ILE B 776 23.47 -32.58 22.77
CA ILE B 776 23.33 -31.84 24.01
C ILE B 776 23.59 -30.36 23.72
N ALA B 777 22.51 -29.58 23.62
CA ALA B 777 22.59 -28.15 23.28
C ALA B 777 22.53 -27.29 24.54
N GLY B 778 23.64 -26.64 24.85
CA GLY B 778 23.74 -25.74 26.00
C GLY B 778 23.52 -24.30 25.59
N ALA B 779 22.61 -23.62 26.30
CA ALA B 779 22.26 -22.21 26.05
C ALA B 779 22.20 -21.85 24.55
N PRO B 780 21.40 -22.61 23.77
CA PRO B 780 21.42 -22.45 22.32
C PRO B 780 20.67 -21.21 21.83
N VAL B 781 21.21 -20.57 20.79
CA VAL B 781 20.48 -19.55 20.05
C VAL B 781 19.54 -20.26 19.09
N THR B 782 18.25 -20.28 19.43
CA THR B 782 17.23 -20.94 18.63
C THR B 782 16.49 -20.04 17.64
N LEU B 783 16.70 -18.73 17.72
CA LEU B 783 15.89 -17.76 16.98
C LEU B 783 16.65 -16.43 16.89
N TRP B 784 17.18 -16.14 15.71
CA TRP B 784 18.09 -15.00 15.55
C TRP B 784 17.46 -13.61 15.74
N ILE B 785 16.14 -13.51 15.56
CA ILE B 785 15.41 -12.26 15.88
C ILE B 785 15.45 -11.86 17.37
N PHE B 786 15.70 -12.83 18.26
CA PHE B 786 15.87 -12.55 19.70
C PHE B 786 17.26 -12.02 20.08
N TYR B 787 18.30 -12.33 19.31
CA TYR B 787 19.66 -11.91 19.66
C TYR B 787 19.89 -10.44 19.26
N ASP B 788 20.93 -9.83 19.81
CA ASP B 788 21.13 -8.37 19.70
C ASP B 788 21.54 -7.85 18.32
N THR B 789 21.48 -6.52 18.17
CA THR B 789 21.79 -5.83 16.91
C THR B 789 23.24 -5.98 16.49
N GLY B 790 24.15 -5.58 17.36
CA GLY B 790 25.59 -5.55 17.08
C GLY B 790 26.17 -6.85 16.54
N TYR B 791 25.77 -7.98 17.12
CA TYR B 791 26.27 -9.28 16.70
C TYR B 791 25.55 -9.77 15.46
N THR B 792 24.22 -9.88 15.55
CA THR B 792 23.42 -10.54 14.52
C THR B 792 23.47 -9.80 13.17
N GLU B 793 23.27 -8.48 13.19
CA GLU B 793 23.27 -7.67 11.98
C GLU B 793 24.63 -7.62 11.26
N ARG B 794 25.72 -7.81 12.00
CA ARG B 794 27.06 -7.92 11.42
C ARG B 794 27.17 -9.11 10.47
N TYR B 795 26.75 -10.27 10.96
CA TYR B 795 26.91 -11.55 10.24
C TYR B 795 25.71 -11.92 9.36
N MET B 796 24.51 -11.48 9.73
CA MET B 796 23.26 -11.83 9.02
C MET B 796 22.49 -10.64 8.38
N GLY B 797 22.93 -9.41 8.63
CA GLY B 797 22.23 -8.22 8.12
C GLY B 797 20.90 -7.94 8.79
N HIS B 798 20.18 -6.97 8.26
CA HIS B 798 18.84 -6.61 8.77
C HIS B 798 17.85 -7.70 8.34
N PRO B 799 16.94 -8.14 9.24
CA PRO B 799 15.98 -9.23 8.95
C PRO B 799 15.19 -9.14 7.63
N ASP B 800 14.85 -7.92 7.21
CA ASP B 800 14.12 -7.66 5.96
C ASP B 800 14.97 -7.94 4.70
N GLN B 801 16.27 -7.71 4.78
CA GLN B 801 17.21 -7.98 3.68
C GLN B 801 17.75 -9.43 3.68
N ASN B 802 17.27 -10.28 4.59
CA ASN B 802 17.70 -11.68 4.67
C ASN B 802 16.61 -12.54 5.32
N GLU B 803 15.40 -12.46 4.78
CA GLU B 803 14.25 -13.21 5.29
C GLU B 803 14.49 -14.72 5.33
N GLN B 804 15.07 -15.26 4.25
CA GLN B 804 15.32 -16.70 4.14
C GLN B 804 16.46 -17.17 5.04
N GLY B 805 17.52 -16.39 5.14
CA GLY B 805 18.66 -16.71 6.00
C GLY B 805 18.30 -16.78 7.48
N TYR B 806 17.51 -15.79 7.93
CA TYR B 806 16.97 -15.79 9.30
C TYR B 806 16.06 -16.98 9.60
N TYR B 807 15.19 -17.34 8.65
CA TYR B 807 14.30 -18.49 8.82
C TYR B 807 15.09 -19.79 8.89
N LEU B 808 15.90 -20.04 7.86
CA LEU B 808 16.71 -21.26 7.78
C LEU B 808 17.77 -21.36 8.88
N GLY B 809 18.24 -20.21 9.37
CA GLY B 809 19.20 -20.15 10.48
C GLY B 809 18.63 -20.33 11.88
N SER B 810 17.29 -20.32 12.02
CA SER B 810 16.63 -20.43 13.32
C SER B 810 16.03 -21.82 13.52
N VAL B 811 16.52 -22.57 14.51
CA VAL B 811 16.03 -23.94 14.77
C VAL B 811 14.59 -23.98 15.28
N ALA B 812 14.16 -22.93 15.97
CA ALA B 812 12.80 -22.84 16.51
C ALA B 812 11.72 -22.84 15.41
N MET B 813 12.03 -22.21 14.28
CA MET B 813 11.11 -22.20 13.14
C MET B 813 11.03 -23.53 12.37
N GLN B 814 11.96 -24.45 12.64
CA GLN B 814 12.03 -25.74 11.95
C GLN B 814 12.00 -26.90 12.96
N ALA B 815 11.02 -26.85 13.86
CA ALA B 815 10.87 -27.87 14.92
C ALA B 815 10.44 -29.23 14.35
N GLU B 816 9.58 -29.19 13.35
CA GLU B 816 9.16 -30.39 12.59
C GLU B 816 10.31 -31.28 12.09
N LYS B 817 11.48 -30.70 11.81
CA LYS B 817 12.63 -31.44 11.30
C LYS B 817 13.41 -32.24 12.34
N PHE B 818 13.15 -32.00 13.63
CA PHE B 818 13.79 -32.79 14.71
C PHE B 818 13.31 -34.25 14.70
N PRO B 819 14.09 -35.17 15.31
CA PRO B 819 13.68 -36.57 15.30
C PRO B 819 12.45 -36.86 16.15
N SER B 820 11.69 -37.89 15.76
CA SER B 820 10.55 -38.37 16.54
C SER B 820 10.95 -39.46 17.55
N GLU B 821 12.24 -39.78 17.65
CA GLU B 821 12.76 -40.69 18.67
C GLU B 821 13.17 -39.90 19.91
N PRO B 822 12.83 -40.39 21.11
CA PRO B 822 13.31 -39.74 22.34
C PRO B 822 14.74 -40.16 22.67
N ASN B 823 15.30 -39.52 23.71
CA ASN B 823 16.68 -39.76 24.17
C ASN B 823 17.78 -39.37 23.16
N ARG B 824 17.45 -38.46 22.25
CA ARG B 824 18.39 -37.91 21.27
C ARG B 824 18.66 -36.40 21.42
N LEU B 825 17.77 -35.68 22.11
CA LEU B 825 17.85 -34.23 22.25
C LEU B 825 17.85 -33.85 23.73
N LEU B 826 18.88 -33.12 24.15
CA LEU B 826 18.99 -32.62 25.52
C LEU B 826 19.27 -31.12 25.49
N LEU B 827 18.42 -30.34 26.16
CA LEU B 827 18.58 -28.89 26.24
C LEU B 827 19.07 -28.51 27.64
N LEU B 828 20.15 -27.73 27.68
CA LEU B 828 20.69 -27.17 28.92
C LEU B 828 20.62 -25.66 28.82
N HIS B 829 20.23 -24.97 29.89
CA HIS B 829 20.18 -23.51 29.88
C HIS B 829 20.18 -22.95 31.30
N GLY B 830 21.00 -21.91 31.52
CA GLY B 830 20.94 -21.11 32.74
C GLY B 830 19.67 -20.26 32.72
N PHE B 831 18.92 -20.30 33.81
CA PHE B 831 17.60 -19.67 33.87
C PHE B 831 17.67 -18.13 33.88
N LEU B 832 18.77 -17.58 34.39
CA LEU B 832 18.94 -16.12 34.55
C LEU B 832 19.82 -15.51 33.46
N ASP B 833 19.94 -16.19 32.32
CA ASP B 833 20.88 -15.81 31.27
C ASP B 833 20.47 -14.48 30.63
N GLU B 834 21.39 -13.51 30.68
CA GLU B 834 21.17 -12.17 30.13
C GLU B 834 21.69 -11.99 28.69
N ASN B 835 22.54 -12.92 28.24
CA ASN B 835 23.14 -12.89 26.90
C ASN B 835 22.28 -13.70 25.93
N VAL B 836 22.22 -15.02 26.13
CA VAL B 836 21.33 -15.90 25.37
C VAL B 836 20.15 -16.23 26.29
N HIS B 837 19.07 -15.46 26.15
CA HIS B 837 17.94 -15.53 27.08
CA HIS B 837 17.91 -15.51 27.07
C HIS B 837 17.26 -16.90 27.04
N PHE B 838 16.70 -17.31 28.19
CA PHE B 838 16.01 -18.59 28.33
C PHE B 838 14.85 -18.76 27.33
N ALA B 839 14.25 -17.64 26.94
CA ALA B 839 13.21 -17.61 25.89
C ALA B 839 13.55 -18.38 24.62
N HIS B 840 14.82 -18.39 24.23
CA HIS B 840 15.31 -19.24 23.13
C HIS B 840 14.93 -20.70 23.35
N THR B 841 15.19 -21.21 24.55
CA THR B 841 14.82 -22.57 24.91
C THR B 841 13.29 -22.71 25.05
N SER B 842 12.66 -21.77 25.76
CA SER B 842 11.21 -21.87 26.00
C SER B 842 10.40 -21.83 24.70
N ILE B 843 10.79 -20.98 23.76
CA ILE B 843 10.10 -20.89 22.46
C ILE B 843 10.39 -22.12 21.58
N LEU B 844 11.60 -22.66 21.66
CA LEU B 844 11.94 -23.92 20.97
C LEU B 844 11.08 -25.07 21.48
N LEU B 845 10.97 -25.17 22.81
CA LEU B 845 10.10 -26.18 23.44
C LEU B 845 8.65 -26.00 23.04
N SER B 846 8.20 -24.74 22.96
CA SER B 846 6.83 -24.42 22.55
C SER B 846 6.48 -24.99 21.18
N PHE B 847 7.40 -24.85 20.22
CA PHE B 847 7.22 -25.41 18.88
C PHE B 847 7.43 -26.93 18.83
N LEU B 848 8.37 -27.44 19.64
CA LEU B 848 8.57 -28.88 19.79
C LEU B 848 7.33 -29.59 20.33
N VAL B 849 6.66 -28.95 21.29
CA VAL B 849 5.40 -29.46 21.84
C VAL B 849 4.29 -29.48 20.77
N ARG B 850 4.20 -28.40 19.98
CA ARG B 850 3.25 -28.34 18.86
C ARG B 850 3.53 -29.39 17.79
N ALA B 851 4.81 -29.62 17.50
CA ALA B 851 5.23 -30.63 16.52
C ALA B 851 5.12 -32.08 17.01
N GLY B 852 4.92 -32.29 18.31
CA GLY B 852 4.83 -33.63 18.90
C GLY B 852 6.17 -34.33 19.03
N LYS B 853 7.24 -33.55 19.24
CA LYS B 853 8.61 -34.05 19.29
C LYS B 853 9.10 -34.16 20.73
N PRO B 854 9.88 -35.22 21.04
CA PRO B 854 10.40 -35.39 22.40
C PRO B 854 11.64 -34.55 22.68
N TYR B 855 11.88 -34.29 23.96
CA TYR B 855 13.07 -33.57 24.41
C TYR B 855 13.37 -33.92 25.87
N ASP B 856 14.63 -33.75 26.25
CA ASP B 856 15.05 -33.75 27.65
C ASP B 856 15.57 -32.35 27.97
N LEU B 857 15.37 -31.94 29.22
CA LEU B 857 15.66 -30.56 29.63
C LEU B 857 16.30 -30.53 31.02
N GLN B 858 17.36 -29.72 31.15
CA GLN B 858 17.95 -29.40 32.44
C GLN B 858 18.07 -27.88 32.55
N ILE B 859 17.60 -27.33 33.67
CA ILE B 859 17.69 -25.91 33.97
C ILE B 859 18.67 -25.73 35.13
N TYR B 860 19.42 -24.64 35.10
CA TYR B 860 20.31 -24.24 36.19
C TYR B 860 19.83 -22.88 36.70
N PRO B 861 18.92 -22.89 37.71
CA PRO B 861 18.22 -21.66 38.17
C PRO B 861 19.08 -20.49 38.65
N GLN B 862 20.32 -20.74 39.05
CA GLN B 862 21.19 -19.69 39.61
C GLN B 862 22.23 -19.12 38.64
N GLU B 863 22.28 -19.63 37.40
CA GLU B 863 23.34 -19.29 36.45
C GLU B 863 22.89 -18.34 35.35
N ARG B 864 23.86 -17.68 34.73
CA ARG B 864 23.62 -16.72 33.64
C ARG B 864 24.76 -16.67 32.61
N HIS B 865 24.77 -17.65 31.71
CA HIS B 865 25.77 -17.77 30.64
C HIS B 865 27.20 -18.06 31.14
N SER B 866 27.32 -18.63 32.34
CA SER B 866 28.61 -18.94 32.96
C SER B 866 28.42 -19.82 34.19
N ILE B 867 29.51 -20.45 34.65
CA ILE B 867 29.51 -21.19 35.92
C ILE B 867 30.02 -20.23 36.99
N ARG B 868 29.21 -20.01 38.02
CA ARG B 868 29.60 -19.18 39.17
C ARG B 868 29.42 -19.90 40.51
N VAL B 869 28.29 -20.57 40.68
CA VAL B 869 28.10 -21.52 41.79
C VAL B 869 28.72 -22.86 41.33
N PRO B 870 29.70 -23.40 42.08
CA PRO B 870 30.32 -24.69 41.70
C PRO B 870 29.37 -25.90 41.63
N GLU B 871 28.30 -25.90 42.43
CA GLU B 871 27.35 -27.01 42.49
C GLU B 871 26.64 -27.28 41.16
N SER B 872 26.29 -26.20 40.44
CA SER B 872 25.63 -26.32 39.14
C SER B 872 26.59 -26.76 38.02
N GLY B 873 27.87 -26.41 38.16
CA GLY B 873 28.92 -26.94 37.29
C GLY B 873 29.12 -28.44 37.50
N GLU B 874 29.18 -28.84 38.77
CA GLU B 874 29.29 -30.26 39.13
C GLU B 874 28.08 -31.07 38.69
N HIS B 875 26.88 -30.50 38.81
CA HIS B 875 25.65 -31.15 38.39
C HIS B 875 25.57 -31.29 36.86
N TYR B 876 26.04 -30.27 36.15
CA TYR B 876 26.10 -30.30 34.68
C TYR B 876 27.04 -31.39 34.17
N GLU B 877 28.25 -31.42 34.70
CA GLU B 877 29.23 -32.45 34.33
C GLU B 877 28.74 -33.86 34.66
N LEU B 878 28.12 -34.00 35.83
CA LEU B 878 27.55 -35.29 36.26
C LEU B 878 26.42 -35.75 35.33
N HIS B 879 25.49 -34.84 35.02
CA HIS B 879 24.38 -35.17 34.12
C HIS B 879 24.85 -35.47 32.69
N LEU B 880 25.84 -34.72 32.20
CA LEU B 880 26.33 -34.88 30.83
C LEU B 880 26.96 -36.26 30.61
N LEU B 881 27.89 -36.63 31.49
CA LEU B 881 28.51 -37.96 31.47
C LEU B 881 27.49 -39.09 31.57
N HIS B 882 26.52 -38.92 32.46
CA HIS B 882 25.46 -39.90 32.64
C HIS B 882 24.52 -40.00 31.42
N TYR B 883 24.23 -38.86 30.79
CA TYR B 883 23.38 -38.84 29.60
C TYR B 883 24.06 -39.55 28.43
N LEU B 884 25.33 -39.24 28.21
CA LEU B 884 26.15 -39.90 27.20
C LEU B 884 26.29 -41.40 27.47
N GLN B 885 26.43 -41.77 28.75
CA GLN B 885 26.52 -43.17 29.15
C GLN B 885 25.24 -43.93 28.77
N GLU B 886 24.10 -43.43 29.22
CA GLU B 886 22.82 -44.13 29.06
C GLU B 886 22.24 -44.08 27.64
N ASN B 887 22.66 -43.11 26.83
CA ASN B 887 22.10 -42.91 25.48
C ASN B 887 23.10 -42.95 24.32
N LEU B 888 24.38 -43.22 24.60
CA LEU B 888 25.41 -43.31 23.56
C LEU B 888 26.44 -44.41 23.86
N GLY B 889 27.17 -44.27 24.96
CA GLY B 889 28.33 -45.09 25.25
C GLY B 889 28.07 -46.53 25.65
N SER B 890 27.24 -46.73 26.67
CA SER B 890 27.10 -48.05 27.31
C SER B 890 26.36 -49.09 26.46
N ARG B 891 26.34 -50.32 26.96
CA ARG B 891 25.63 -51.44 26.32
C ARG B 891 24.11 -51.26 26.36
N ILE B 892 23.61 -50.67 27.45
CA ILE B 892 22.16 -50.41 27.61
C ILE B 892 21.69 -49.42 26.52
N ALA B 893 22.52 -48.43 26.19
CA ALA B 893 22.22 -47.48 25.11
C ALA B 893 22.00 -48.14 23.76
N ALA B 894 22.77 -49.19 23.47
CA ALA B 894 22.60 -49.99 22.25
C ALA B 894 21.31 -50.81 22.28
N LEU B 895 21.00 -51.39 23.44
CA LEU B 895 19.74 -52.15 23.64
C LEU B 895 18.50 -51.27 23.67
N LYS B 896 18.65 -49.99 24.01
CA LYS B 896 17.54 -49.05 24.14
C LYS B 896 16.84 -48.72 22.81
N VAL B 897 17.58 -48.79 21.70
CA VAL B 897 17.02 -48.47 20.37
C VAL B 897 16.07 -49.58 19.88
N LEU C 48 -65.97 -13.85 -4.24
CA LEU C 48 -65.08 -12.70 -4.63
C LEU C 48 -64.09 -13.12 -5.73
N GLU C 49 -64.39 -12.77 -6.98
CA GLU C 49 -63.52 -13.06 -8.11
C GLU C 49 -62.36 -12.07 -8.16
N PRO C 50 -61.16 -12.53 -8.57
CA PRO C 50 -60.04 -11.61 -8.73
C PRO C 50 -60.14 -10.79 -10.02
N PHE C 51 -60.09 -9.46 -9.89
CA PHE C 51 -60.00 -8.57 -11.05
C PHE C 51 -58.58 -8.61 -11.59
N TYR C 52 -58.46 -8.64 -12.93
CA TYR C 52 -57.18 -8.57 -13.62
C TYR C 52 -57.15 -7.34 -14.51
N VAL C 53 -56.05 -6.60 -14.47
CA VAL C 53 -55.88 -5.38 -15.28
C VAL C 53 -55.73 -5.74 -16.75
N GLU C 54 -56.14 -4.82 -17.62
CA GLU C 54 -56.01 -5.00 -19.06
C GLU C 54 -54.54 -5.12 -19.45
N ARG C 55 -54.20 -6.20 -20.16
CA ARG C 55 -52.83 -6.47 -20.56
C ARG C 55 -52.47 -5.71 -21.84
N TYR C 56 -52.05 -4.45 -21.66
CA TYR C 56 -51.59 -3.62 -22.76
C TYR C 56 -50.16 -4.01 -23.13
N SER C 57 -49.79 -3.77 -24.40
CA SER C 57 -48.40 -3.93 -24.85
C SER C 57 -47.57 -2.73 -24.39
N TRP C 58 -46.26 -2.81 -24.61
CA TRP C 58 -45.33 -1.73 -24.29
C TRP C 58 -45.66 -0.47 -25.09
N SER C 59 -45.92 -0.63 -26.38
CA SER C 59 -46.31 0.48 -27.26
C SER C 59 -47.66 1.11 -26.89
N GLN C 60 -48.61 0.28 -26.45
CA GLN C 60 -49.93 0.76 -26.03
C GLN C 60 -49.90 1.54 -24.71
N LEU C 61 -49.09 1.07 -23.75
CA LEU C 61 -48.88 1.79 -22.48
C LEU C 61 -48.21 3.16 -22.69
N LYS C 62 -47.24 3.20 -23.59
CA LYS C 62 -46.56 4.45 -23.97
C LYS C 62 -47.55 5.46 -24.55
N LYS C 63 -48.44 4.97 -25.41
CA LYS C 63 -49.49 5.79 -26.02
C LYS C 63 -50.51 6.27 -24.97
N LEU C 64 -50.92 5.38 -24.08
CA LEU C 64 -51.84 5.72 -22.98
C LEU C 64 -51.26 6.78 -22.03
N LEU C 65 -49.98 6.63 -21.70
CA LEU C 65 -49.28 7.59 -20.84
C LEU C 65 -49.12 8.96 -21.51
N ALA C 66 -48.77 8.95 -22.81
CA ALA C 66 -48.60 10.19 -23.58
C ALA C 66 -49.89 11.00 -23.73
N ASP C 67 -51.02 10.31 -23.93
CA ASP C 67 -52.33 10.97 -24.06
C ASP C 67 -52.78 11.63 -22.74
N THR C 68 -52.57 10.94 -21.62
CA THR C 68 -52.95 11.45 -20.30
C THR C 68 -51.96 12.47 -19.70
N ARG C 69 -50.75 12.57 -20.25
CA ARG C 69 -49.73 13.52 -19.76
C ARG C 69 -50.04 14.99 -20.11
N LYS C 70 -50.74 15.22 -21.22
CA LYS C 70 -50.96 16.58 -21.77
C LYS C 70 -51.64 17.52 -20.77
N MET C 76 -45.31 21.38 -14.19
CA MET C 76 -46.14 22.56 -14.00
C MET C 76 -45.28 23.81 -13.84
N ALA C 77 -45.85 24.96 -14.21
CA ALA C 77 -45.21 26.27 -14.01
C ALA C 77 -45.08 26.60 -12.52
N LYS C 78 -43.96 27.20 -12.14
CA LYS C 78 -43.75 27.69 -10.76
C LYS C 78 -44.75 28.79 -10.44
N ALA C 79 -45.53 28.60 -9.37
CA ALA C 79 -46.51 29.58 -8.93
C ALA C 79 -45.80 30.79 -8.31
N PRO C 80 -46.46 31.96 -8.32
CA PRO C 80 -45.89 33.18 -7.73
C PRO C 80 -45.33 32.98 -6.32
N HIS C 81 -44.06 33.38 -6.13
CA HIS C 81 -43.36 33.23 -4.85
C HIS C 81 -42.33 34.36 -4.65
N ASP C 82 -41.69 34.37 -3.48
CA ASP C 82 -40.75 35.44 -3.07
C ASP C 82 -41.39 36.82 -3.20
N PHE C 83 -42.49 37.02 -2.49
CA PHE C 83 -43.25 38.27 -2.55
C PHE C 83 -42.57 39.39 -1.78
N MET C 84 -42.85 40.61 -2.20
CA MET C 84 -42.35 41.81 -1.55
C MET C 84 -43.31 42.96 -1.84
N PHE C 85 -43.66 43.72 -0.80
CA PHE C 85 -44.64 44.80 -0.89
C PHE C 85 -43.93 46.14 -0.76
N VAL C 86 -43.99 46.96 -1.81
CA VAL C 86 -43.42 48.30 -1.78
C VAL C 86 -44.56 49.31 -1.86
N LYS C 87 -44.56 50.27 -0.94
CA LYS C 87 -45.60 51.31 -0.89
C LYS C 87 -45.38 52.35 -2.00
N ARG C 88 -46.48 52.83 -2.56
CA ARG C 88 -46.45 53.86 -3.62
C ARG C 88 -46.18 55.26 -3.08
N ASN C 89 -46.79 55.59 -1.93
CA ASN C 89 -46.70 56.93 -1.31
C ASN C 89 -47.19 58.05 -2.24
N ASP C 90 -48.31 57.81 -2.93
CA ASP C 90 -48.86 58.74 -3.91
C ASP C 90 -50.35 58.97 -3.60
N PRO C 91 -50.68 60.01 -2.79
CA PRO C 91 -52.06 60.34 -2.39
C PRO C 91 -53.09 60.44 -3.52
N ASP C 92 -52.66 60.95 -4.69
CA ASP C 92 -53.57 61.14 -5.84
C ASP C 92 -53.80 59.86 -6.65
N GLY C 93 -52.84 58.92 -6.61
CA GLY C 93 -52.92 57.69 -7.41
C GLY C 93 -53.89 56.65 -6.86
N PRO C 94 -54.27 55.66 -7.69
CA PRO C 94 -55.25 54.65 -7.28
C PRO C 94 -54.68 53.42 -6.55
N HIS C 95 -53.35 53.32 -6.42
CA HIS C 95 -52.70 52.14 -5.84
C HIS C 95 -51.96 52.43 -4.54
N SER C 96 -52.12 51.55 -3.56
CA SER C 96 -51.42 51.64 -2.27
C SER C 96 -50.05 50.98 -2.33
N ASP C 97 -50.00 49.79 -2.93
CA ASP C 97 -48.79 48.98 -3.01
C ASP C 97 -48.51 48.49 -4.42
N ARG C 98 -47.24 48.19 -4.68
CA ARG C 98 -46.83 47.35 -5.80
C ARG C 98 -46.21 46.09 -5.20
N ILE C 99 -46.68 44.93 -5.63
CA ILE C 99 -46.10 43.64 -5.21
C ILE C 99 -45.17 43.12 -6.30
N TYR C 100 -43.94 42.80 -5.91
CA TYR C 100 -42.98 42.15 -6.80
C TYR C 100 -42.88 40.68 -6.41
N TYR C 101 -42.70 39.81 -7.40
CA TYR C 101 -42.60 38.37 -7.15
C TYR C 101 -41.97 37.61 -8.31
N LEU C 102 -41.43 36.43 -8.01
CA LEU C 102 -40.90 35.52 -9.02
C LEU C 102 -41.96 34.52 -9.44
N ALA C 103 -42.03 34.24 -10.74
CA ALA C 103 -42.96 33.24 -11.27
C ALA C 103 -42.54 32.78 -12.66
N MET C 104 -43.16 31.68 -13.08
CA MET C 104 -43.04 31.17 -14.43
C MET C 104 -44.41 31.43 -15.08
N SER C 105 -44.41 32.21 -16.18
CA SER C 105 -45.66 32.62 -16.84
C SER C 105 -46.41 31.45 -17.51
N GLY C 106 -45.65 30.46 -17.97
CA GLY C 106 -46.20 29.24 -18.58
C GLY C 106 -45.28 28.05 -18.31
N GLU C 107 -45.54 26.94 -18.98
CA GLU C 107 -44.76 25.71 -18.76
C GLU C 107 -43.36 25.76 -19.39
N ASN C 108 -43.27 26.28 -20.62
CA ASN C 108 -41.99 26.41 -21.33
C ASN C 108 -41.16 27.64 -20.93
N ARG C 109 -41.76 28.60 -20.22
CA ARG C 109 -41.10 29.86 -19.89
C ARG C 109 -40.04 29.69 -18.81
N GLU C 110 -39.17 30.69 -18.69
CA GLU C 110 -38.16 30.75 -17.63
C GLU C 110 -38.70 31.54 -16.43
N ASN C 111 -38.16 31.26 -15.25
CA ASN C 111 -38.57 31.91 -14.00
C ASN C 111 -38.01 33.33 -13.97
N THR C 112 -38.88 34.32 -13.77
CA THR C 112 -38.48 35.74 -13.81
C THR C 112 -39.32 36.65 -12.90
N LEU C 113 -38.85 37.87 -12.72
CA LEU C 113 -39.51 38.88 -11.87
C LEU C 113 -40.75 39.44 -12.55
N PHE C 114 -41.83 39.55 -11.78
CA PHE C 114 -43.09 40.16 -12.21
C PHE C 114 -43.53 41.16 -11.16
N TYR C 115 -44.43 42.07 -11.55
CA TYR C 115 -45.09 42.96 -10.59
C TYR C 115 -46.57 43.13 -10.88
N SER C 116 -47.32 43.49 -9.83
CA SER C 116 -48.75 43.76 -9.91
C SER C 116 -49.12 44.92 -8.99
N GLU C 117 -50.16 45.66 -9.38
CA GLU C 117 -50.58 46.87 -8.65
C GLU C 117 -51.71 46.52 -7.69
N ILE C 118 -51.55 46.89 -6.42
CA ILE C 118 -52.58 46.69 -5.40
C ILE C 118 -53.39 47.97 -5.26
N PRO C 119 -54.69 47.93 -5.63
CA PRO C 119 -55.50 49.15 -5.57
C PRO C 119 -55.91 49.54 -4.15
N LYS C 120 -56.09 50.84 -3.93
CA LYS C 120 -56.53 51.38 -2.63
C LYS C 120 -57.95 50.93 -2.24
N THR C 121 -58.80 50.69 -3.24
CA THR C 121 -60.16 50.19 -3.03
C THR C 121 -60.53 49.20 -4.14
N ILE C 122 -61.60 48.43 -3.92
CA ILE C 122 -62.08 47.44 -4.89
C ILE C 122 -63.59 47.43 -5.01
N ASN C 123 -64.07 46.97 -6.16
CA ASN C 123 -65.50 46.72 -6.38
C ASN C 123 -65.81 45.35 -5.76
N ARG C 124 -66.41 45.37 -4.57
CA ARG C 124 -66.65 44.15 -3.79
C ARG C 124 -67.70 43.20 -4.38
N ALA C 125 -68.53 43.71 -5.29
CA ALA C 125 -69.46 42.86 -6.06
C ALA C 125 -68.71 41.93 -7.03
N ALA C 126 -67.62 42.43 -7.61
CA ALA C 126 -66.79 41.67 -8.57
C ALA C 126 -65.56 41.05 -7.91
N VAL C 127 -64.86 40.22 -8.69
CA VAL C 127 -63.60 39.60 -8.28
C VAL C 127 -62.48 40.16 -9.16
N LEU C 128 -61.42 40.67 -8.53
CA LEU C 128 -60.32 41.33 -9.24
C LEU C 128 -59.18 40.34 -9.52
N MET C 129 -58.87 40.14 -10.79
CA MET C 129 -57.68 39.39 -11.22
C MET C 129 -56.58 40.40 -11.48
N LEU C 130 -55.49 40.34 -10.71
CA LEU C 130 -54.34 41.20 -10.93
C LEU C 130 -53.59 40.71 -12.16
N SER C 131 -53.25 41.63 -13.07
CA SER C 131 -52.46 41.30 -14.25
C SER C 131 -50.97 41.22 -13.87
N TRP C 132 -50.25 40.31 -14.52
CA TRP C 132 -48.83 40.09 -14.26
C TRP C 132 -48.03 40.98 -15.20
N LYS C 133 -47.34 41.98 -14.64
CA LYS C 133 -46.53 42.92 -15.43
C LYS C 133 -45.07 42.45 -15.38
N PRO C 134 -44.45 42.15 -16.55
CA PRO C 134 -43.02 41.81 -16.53
C PRO C 134 -42.15 42.97 -16.07
N LEU C 135 -41.24 42.71 -15.12
CA LEU C 135 -40.31 43.72 -14.64
C LEU C 135 -39.08 43.84 -15.53
N LEU C 136 -38.68 42.74 -16.17
CA LEU C 136 -37.41 42.68 -16.92
C LEU C 136 -37.60 42.42 -18.42
N ASP C 137 -36.56 42.77 -19.18
CA ASP C 137 -36.47 42.47 -20.61
C ASP C 137 -35.00 42.11 -20.92
N LEU C 138 -34.70 40.81 -20.80
CA LEU C 138 -33.32 40.31 -20.90
C LEU C 138 -32.96 39.84 -22.31
N PHE C 139 -31.77 40.23 -22.77
CA PHE C 139 -31.20 39.74 -24.05
C PHE C 139 -29.69 39.51 -23.90
N GLY C 165 -33.13 32.98 -16.36
CA GLY C 165 -33.70 32.19 -15.26
C GLY C 165 -33.26 32.67 -13.90
N ILE C 166 -34.18 33.27 -13.14
CA ILE C 166 -33.89 33.87 -11.84
C ILE C 166 -34.45 32.99 -10.72
N ALA C 167 -33.57 32.53 -9.83
CA ALA C 167 -33.96 31.70 -8.68
C ALA C 167 -34.33 32.56 -7.46
N SER C 168 -33.57 33.63 -7.24
CA SER C 168 -33.85 34.58 -6.15
C SER C 168 -33.39 35.99 -6.51
N TYR C 169 -33.76 36.95 -5.66
CA TYR C 169 -33.34 38.35 -5.83
C TYR C 169 -33.12 39.05 -4.50
N ASP C 170 -32.23 40.03 -4.51
CA ASP C 170 -31.96 40.90 -3.38
C ASP C 170 -32.57 42.27 -3.69
N TYR C 171 -32.84 43.06 -2.67
CA TYR C 171 -33.47 44.37 -2.82
C TYR C 171 -33.09 45.32 -1.68
N HIS C 172 -32.87 46.58 -2.02
CA HIS C 172 -32.54 47.63 -1.05
C HIS C 172 -33.66 48.67 -1.06
N GLN C 173 -34.36 48.78 0.06
CA GLN C 173 -35.58 49.62 0.16
C GLN C 173 -35.31 51.11 -0.12
N GLY C 174 -34.25 51.64 0.49
CA GLY C 174 -33.91 53.07 0.40
C GLY C 174 -33.60 53.59 -0.99
N SER C 175 -33.01 52.74 -1.84
CA SER C 175 -32.61 53.09 -3.20
C SER C 175 -33.53 52.50 -4.27
N GLY C 176 -34.15 51.36 -3.97
CA GLY C 176 -34.99 50.64 -4.92
C GLY C 176 -34.22 49.74 -5.86
N THR C 177 -33.01 49.34 -5.46
CA THR C 177 -32.11 48.57 -6.30
C THR C 177 -32.38 47.07 -6.17
N PHE C 178 -32.75 46.44 -7.29
CA PHE C 178 -32.78 44.97 -7.38
C PHE C 178 -31.40 44.45 -7.73
N LEU C 179 -31.05 43.28 -7.19
CA LEU C 179 -29.82 42.57 -7.54
C LEU C 179 -30.12 41.08 -7.65
N PHE C 180 -29.73 40.49 -8.77
CA PHE C 180 -30.06 39.09 -9.05
C PHE C 180 -29.10 38.48 -10.07
N GLN C 181 -28.95 37.17 -9.99
CA GLN C 181 -28.20 36.39 -10.98
C GLN C 181 -29.20 35.84 -12.01
N ALA C 182 -28.81 35.90 -13.27
CA ALA C 182 -29.61 35.35 -14.38
C ALA C 182 -28.67 34.74 -15.41
N GLY C 183 -28.51 33.42 -15.35
CA GLY C 183 -27.49 32.73 -16.14
C GLY C 183 -26.12 32.96 -15.54
N SER C 184 -25.14 33.25 -16.40
CA SER C 184 -23.77 33.53 -15.96
C SER C 184 -23.58 34.96 -15.39
N GLY C 185 -24.49 35.87 -15.73
CA GLY C 185 -24.35 37.28 -15.34
C GLY C 185 -25.04 37.64 -14.04
N ILE C 186 -24.53 38.68 -13.38
CA ILE C 186 -25.17 39.32 -12.23
C ILE C 186 -25.64 40.69 -12.71
N TYR C 187 -26.93 40.98 -12.53
CA TYR C 187 -27.55 42.21 -13.04
C TYR C 187 -28.13 43.07 -11.92
N HIS C 188 -28.36 44.33 -12.24
CA HIS C 188 -29.06 45.25 -11.33
C HIS C 188 -29.94 46.24 -12.09
N VAL C 189 -31.08 46.58 -11.46
CA VAL C 189 -31.97 47.65 -11.92
C VAL C 189 -32.66 48.27 -10.72
N LYS C 190 -33.17 49.49 -10.91
CA LYS C 190 -33.90 50.20 -9.86
C LYS C 190 -35.39 50.26 -10.18
N ASP C 191 -36.21 50.08 -9.15
CA ASP C 191 -37.66 50.33 -9.24
C ASP C 191 -38.25 50.49 -7.84
N GLY C 192 -39.18 51.44 -7.71
CA GLY C 192 -39.88 51.69 -6.46
C GLY C 192 -39.06 52.35 -5.36
N GLY C 193 -38.03 53.11 -5.75
CA GLY C 193 -37.23 53.91 -4.82
C GLY C 193 -37.55 55.38 -5.02
N PRO C 194 -36.57 56.27 -4.73
CA PRO C 194 -36.67 57.69 -5.10
C PRO C 194 -36.84 57.97 -6.60
N GLN C 195 -36.32 57.08 -7.46
CA GLN C 195 -36.41 57.24 -8.91
C GLN C 195 -37.73 56.73 -9.54
N GLY C 196 -38.69 56.32 -8.71
CA GLY C 196 -40.07 56.10 -9.16
C GLY C 196 -40.38 54.69 -9.65
N PHE C 197 -41.59 54.53 -10.19
CA PHE C 197 -42.14 53.23 -10.59
C PHE C 197 -42.32 53.15 -12.11
N THR C 198 -41.67 52.16 -12.72
CA THR C 198 -41.78 51.94 -14.17
C THR C 198 -43.18 51.45 -14.55
N GLN C 199 -43.63 51.80 -15.76
CA GLN C 199 -44.87 51.30 -16.35
C GLN C 199 -44.62 50.33 -17.52
N GLN C 200 -43.36 49.90 -17.69
CA GLN C 200 -42.99 48.93 -18.72
C GLN C 200 -41.75 48.13 -18.30
N PRO C 201 -41.46 46.99 -18.98
CA PRO C 201 -40.31 46.18 -18.57
C PRO C 201 -38.96 46.92 -18.66
N LEU C 202 -38.11 46.71 -17.65
CA LEU C 202 -36.78 47.33 -17.56
C LEU C 202 -35.71 46.44 -18.17
N ARG C 203 -34.81 47.03 -18.95
CA ARG C 203 -33.63 46.34 -19.45
C ARG C 203 -32.57 46.41 -18.34
N PRO C 204 -32.12 45.25 -17.82
CA PRO C 204 -31.19 45.24 -16.70
C PRO C 204 -29.75 45.59 -17.07
N ASN C 205 -29.00 46.10 -16.09
CA ASN C 205 -27.61 46.51 -16.27
C ASN C 205 -26.67 45.38 -15.82
N LEU C 206 -25.78 44.96 -16.72
CA LEU C 206 -24.80 43.91 -16.41
C LEU C 206 -23.69 44.45 -15.50
N VAL C 207 -23.39 43.74 -14.43
CA VAL C 207 -22.28 44.08 -13.53
C VAL C 207 -20.97 43.60 -14.15
N GLU C 208 -19.99 44.50 -14.25
CA GLU C 208 -18.67 44.17 -14.82
C GLU C 208 -17.85 43.29 -13.89
N THR C 209 -17.02 42.44 -14.49
CA THR C 209 -16.08 41.60 -13.74
C THR C 209 -14.86 41.21 -14.60
N SER C 210 -13.72 41.06 -13.94
CA SER C 210 -12.52 40.49 -14.54
C SER C 210 -12.37 38.99 -14.24
N CYS C 211 -13.28 38.45 -13.43
CA CYS C 211 -13.24 37.03 -13.05
C CYS C 211 -13.66 36.12 -14.22
N PRO C 212 -12.92 35.02 -14.46
CA PRO C 212 -13.23 34.11 -15.58
C PRO C 212 -14.41 33.15 -15.35
N ASN C 213 -14.55 32.67 -14.11
CA ASN C 213 -15.51 31.62 -13.77
C ASN C 213 -16.87 32.17 -13.31
N ILE C 214 -17.82 31.24 -13.17
CA ILE C 214 -19.17 31.55 -12.69
C ILE C 214 -19.15 32.23 -11.31
N ARG C 215 -19.92 33.31 -11.18
CA ARG C 215 -20.09 34.02 -9.90
C ARG C 215 -21.39 33.55 -9.25
N MET C 216 -21.33 33.25 -7.95
CA MET C 216 -22.44 32.68 -7.19
C MET C 216 -22.83 33.57 -6.01
N ASP C 217 -24.09 33.48 -5.61
CA ASP C 217 -24.60 34.04 -4.35
C ASP C 217 -24.35 35.56 -4.21
N PRO C 218 -24.87 36.36 -5.15
CA PRO C 218 -24.70 37.81 -5.06
C PRO C 218 -25.61 38.45 -4.00
N LYS C 219 -25.08 39.41 -3.24
CA LYS C 219 -25.85 40.12 -2.22
C LYS C 219 -25.49 41.61 -2.16
N LEU C 220 -26.50 42.48 -2.17
CA LEU C 220 -26.30 43.91 -1.92
C LEU C 220 -25.87 44.12 -0.47
N CYS C 221 -24.97 45.07 -0.25
CA CYS C 221 -24.65 45.54 1.10
C CYS C 221 -25.84 46.36 1.58
N PRO C 222 -26.51 45.95 2.68
CA PRO C 222 -27.68 46.72 3.15
C PRO C 222 -27.38 48.16 3.59
N ALA C 223 -26.15 48.41 4.03
CA ALA C 223 -25.71 49.76 4.44
C ALA C 223 -25.31 50.66 3.25
N ASP C 224 -25.05 50.07 2.08
CA ASP C 224 -24.63 50.82 0.89
C ASP C 224 -24.95 50.03 -0.39
N PRO C 225 -25.98 50.44 -1.15
CA PRO C 225 -26.40 49.67 -2.34
C PRO C 225 -25.46 49.76 -3.56
N ASP C 226 -24.43 50.61 -3.51
CA ASP C 226 -23.39 50.62 -4.55
C ASP C 226 -22.51 49.36 -4.49
N TRP C 227 -22.29 48.83 -3.27
CA TRP C 227 -21.46 47.64 -3.06
C TRP C 227 -22.26 46.34 -3.08
N ILE C 228 -21.78 45.37 -3.86
CA ILE C 228 -22.27 43.99 -3.80
C ILE C 228 -21.13 43.07 -3.35
N ALA C 229 -21.51 41.88 -2.88
CA ALA C 229 -20.57 40.80 -2.63
C ALA C 229 -21.02 39.59 -3.44
N PHE C 230 -20.07 38.69 -3.71
CA PHE C 230 -20.37 37.43 -4.38
C PHE C 230 -19.23 36.43 -4.18
N ILE C 231 -19.51 35.16 -4.50
CA ILE C 231 -18.52 34.11 -4.42
C ILE C 231 -17.99 33.84 -5.82
N HIS C 232 -16.67 33.61 -5.90
CA HIS C 232 -16.04 33.17 -7.13
C HIS C 232 -14.90 32.21 -6.77
N SER C 233 -14.98 30.98 -7.29
CA SER C 233 -13.97 29.94 -7.01
C SER C 233 -13.70 29.77 -5.51
N ASN C 234 -14.79 29.67 -4.73
CA ASN C 234 -14.74 29.44 -3.27
C ASN C 234 -14.02 30.53 -2.46
N ASP C 235 -14.05 31.77 -2.96
CA ASP C 235 -13.53 32.93 -2.24
C ASP C 235 -14.50 34.10 -2.40
N ILE C 236 -14.51 34.99 -1.41
CA ILE C 236 -15.44 36.11 -1.41
C ILE C 236 -14.82 37.29 -2.16
N TRP C 237 -15.58 37.86 -3.08
CA TRP C 237 -15.22 39.09 -3.79
C TRP C 237 -16.27 40.16 -3.47
N ILE C 238 -15.90 41.42 -3.68
CA ILE C 238 -16.86 42.54 -3.69
C ILE C 238 -16.64 43.41 -4.91
N SER C 239 -17.72 44.07 -5.33
CA SER C 239 -17.71 44.90 -6.54
C SER C 239 -18.64 46.10 -6.34
N ASN C 240 -18.23 47.26 -6.87
CA ASN C 240 -19.02 48.48 -6.80
C ASN C 240 -19.73 48.68 -8.14
N ILE C 241 -21.06 48.75 -8.13
CA ILE C 241 -21.84 48.90 -9.37
C ILE C 241 -21.82 50.33 -9.96
N VAL C 242 -21.37 51.31 -9.18
CA VAL C 242 -21.21 52.69 -9.66
C VAL C 242 -19.78 52.93 -10.16
N THR C 243 -18.80 52.80 -9.26
CA THR C 243 -17.39 53.08 -9.57
C THR C 243 -16.66 51.97 -10.35
N ARG C 244 -17.24 50.76 -10.40
CA ARG C 244 -16.66 49.59 -11.10
C ARG C 244 -15.43 48.96 -10.42
N GLU C 245 -15.14 49.34 -9.18
CA GLU C 245 -14.01 48.76 -8.44
C GLU C 245 -14.37 47.33 -8.03
N GLU C 246 -13.45 46.40 -8.28
CA GLU C 246 -13.62 44.98 -7.93
C GLU C 246 -12.43 44.53 -7.09
N ARG C 247 -12.70 43.87 -5.97
CA ARG C 247 -11.66 43.46 -5.01
C ARG C 247 -11.93 42.07 -4.44
N ARG C 248 -10.92 41.21 -4.49
CA ARG C 248 -10.96 39.90 -3.83
C ARG C 248 -10.71 40.10 -2.34
N LEU C 249 -11.60 39.54 -1.50
CA LEU C 249 -11.51 39.67 -0.04
C LEU C 249 -10.78 38.51 0.65
N THR C 250 -10.90 37.30 0.10
CA THR C 250 -10.29 36.09 0.69
C THR C 250 -9.38 35.39 -0.32
N TYR C 251 -8.27 34.85 0.17
CA TYR C 251 -7.27 34.15 -0.64
C TYR C 251 -7.07 32.73 -0.10
N VAL C 252 -8.19 32.04 0.10
CA VAL C 252 -8.23 30.73 0.76
C VAL C 252 -8.17 29.56 -0.24
N HIS C 253 -8.60 29.77 -1.48
CA HIS C 253 -8.66 28.73 -2.51
C HIS C 253 -7.83 29.13 -3.73
N ASN C 254 -6.98 28.21 -4.19
CA ASN C 254 -6.29 28.33 -5.48
C ASN C 254 -7.00 27.44 -6.49
N GLU C 255 -7.66 28.06 -7.47
CA GLU C 255 -8.41 27.34 -8.51
C GLU C 255 -7.57 26.43 -9.41
N LEU C 256 -6.30 26.79 -9.61
CA LEU C 256 -5.42 26.05 -10.53
C LEU C 256 -4.99 24.67 -10.01
N ALA C 257 -4.67 24.59 -8.72
CA ALA C 257 -4.21 23.34 -8.11
C ALA C 257 -5.34 22.32 -7.93
N ASN C 258 -4.95 21.07 -7.67
CA ASN C 258 -5.91 19.97 -7.50
C ASN C 258 -6.60 20.03 -6.13
N MET C 259 -7.79 19.44 -6.06
CA MET C 259 -8.65 19.52 -4.87
C MET C 259 -8.23 18.63 -3.69
N GLU C 260 -7.34 17.67 -3.92
CA GLU C 260 -6.78 16.83 -2.84
C GLU C 260 -5.89 17.63 -1.88
N GLU C 261 -5.08 18.53 -2.43
CA GLU C 261 -4.21 19.39 -1.62
C GLU C 261 -5.00 20.54 -1.02
N ASP C 262 -5.65 21.33 -1.89
CA ASP C 262 -6.40 22.52 -1.50
C ASP C 262 -7.90 22.21 -1.43
N ALA C 263 -8.40 22.07 -0.20
CA ALA C 263 -9.82 21.82 0.05
C ALA C 263 -10.41 22.84 1.03
N ARG C 264 -9.99 24.10 0.90
CA ARG C 264 -10.49 25.19 1.73
C ARG C 264 -11.42 26.11 0.94
N SER C 265 -12.35 26.74 1.65
CA SER C 265 -13.36 27.63 1.05
C SER C 265 -13.85 28.67 2.04
N ALA C 266 -14.29 29.82 1.50
CA ALA C 266 -14.78 30.93 2.30
C ALA C 266 -16.11 31.46 1.75
N GLY C 267 -17.08 31.66 2.63
CA GLY C 267 -18.39 32.20 2.25
C GLY C 267 -19.37 31.23 1.59
N VAL C 268 -19.06 29.94 1.60
CA VAL C 268 -19.87 28.91 0.95
C VAL C 268 -20.27 27.85 1.96
N ALA C 269 -21.54 27.48 1.97
CA ALA C 269 -22.01 26.35 2.79
C ALA C 269 -21.56 25.05 2.13
N THR C 270 -21.01 24.14 2.93
CA THR C 270 -20.54 22.84 2.43
C THR C 270 -21.72 21.90 2.15
N PHE C 271 -21.43 20.73 1.57
CA PHE C 271 -22.44 19.77 1.12
C PHE C 271 -23.53 19.49 2.17
N VAL C 272 -23.12 19.06 3.35
CA VAL C 272 -24.05 18.62 4.41
C VAL C 272 -24.99 19.74 4.86
N LEU C 273 -24.48 20.96 4.94
CA LEU C 273 -25.29 22.11 5.38
C LEU C 273 -26.32 22.56 4.35
N GLN C 274 -26.00 22.46 3.06
CA GLN C 274 -26.98 22.71 2.01
C GLN C 274 -28.00 21.58 1.91
N GLU C 275 -27.51 20.33 1.96
CA GLU C 275 -28.37 19.17 1.72
C GLU C 275 -29.20 18.75 2.95
N GLU C 276 -28.63 18.87 4.15
CA GLU C 276 -29.29 18.39 5.39
C GLU C 276 -29.72 19.45 6.40
N PHE C 277 -29.26 20.69 6.25
CA PHE C 277 -29.70 21.81 7.09
C PHE C 277 -30.35 22.97 6.33
N ASP C 278 -30.39 22.88 5.00
CA ASP C 278 -30.95 23.94 4.13
C ASP C 278 -30.39 25.35 4.40
N ARG C 279 -29.09 25.43 4.65
CA ARG C 279 -28.36 26.70 4.63
C ARG C 279 -27.53 26.73 3.36
N TYR C 280 -27.83 27.70 2.48
CA TYR C 280 -27.20 27.79 1.16
C TYR C 280 -26.12 28.88 1.07
N SER C 281 -26.18 29.90 1.93
CA SER C 281 -25.18 30.97 1.97
C SER C 281 -24.24 30.79 3.16
N GLY C 282 -23.00 31.23 2.99
CA GLY C 282 -21.96 31.16 4.03
C GLY C 282 -21.31 32.49 4.40
N TYR C 283 -21.91 33.61 3.98
CA TYR C 283 -21.42 34.94 4.35
C TYR C 283 -22.60 35.91 4.55
N TRP C 284 -22.40 36.90 5.42
CA TRP C 284 -23.48 37.81 5.82
C TRP C 284 -22.97 39.24 6.00
N TRP C 285 -23.46 40.15 5.15
CA TRP C 285 -23.17 41.59 5.29
C TRP C 285 -23.61 42.12 6.66
N CYS C 286 -22.79 42.98 7.25
CA CYS C 286 -23.22 43.77 8.41
C CYS C 286 -24.23 44.80 7.89
N PRO C 287 -25.42 44.89 8.53
CA PRO C 287 -26.48 45.75 8.00
C PRO C 287 -26.22 47.27 8.10
N LYS C 288 -25.31 47.69 8.97
CA LYS C 288 -24.97 49.11 9.16
C LYS C 288 -23.48 49.36 8.97
N ALA C 289 -23.15 50.56 8.50
CA ALA C 289 -21.76 51.00 8.32
C ALA C 289 -21.31 51.82 9.53
N GLU C 290 -20.03 51.67 9.89
CA GLU C 290 -19.40 52.46 10.96
C GLU C 290 -18.67 53.64 10.32
N THR C 291 -19.09 54.87 10.64
CA THR C 291 -18.49 56.08 10.07
C THR C 291 -17.10 56.32 10.67
N THR C 292 -16.14 56.64 9.80
CA THR C 292 -14.77 56.94 10.23
C THR C 292 -14.58 58.45 10.45
N PRO C 293 -13.52 58.85 11.19
CA PRO C 293 -13.16 60.27 11.30
C PRO C 293 -12.78 60.95 9.97
N SER C 294 -12.28 60.18 9.00
CA SER C 294 -11.93 60.70 7.67
C SER C 294 -13.11 61.25 6.87
N GLY C 295 -14.32 60.75 7.13
CA GLY C 295 -15.51 61.08 6.34
C GLY C 295 -16.01 59.90 5.51
N GLY C 296 -15.26 58.79 5.53
CA GLY C 296 -15.66 57.55 4.87
C GLY C 296 -16.42 56.63 5.82
N LYS C 297 -16.21 55.32 5.67
CA LYS C 297 -16.92 54.32 6.50
C LYS C 297 -16.27 52.94 6.46
N ILE C 298 -16.71 52.08 7.38
CA ILE C 298 -16.25 50.69 7.47
C ILE C 298 -17.44 49.75 7.24
N LEU C 299 -17.36 48.94 6.19
CA LEU C 299 -18.33 47.86 5.94
C LEU C 299 -17.74 46.53 6.41
N ARG C 300 -18.61 45.68 6.95
CA ARG C 300 -18.19 44.38 7.51
C ARG C 300 -18.93 43.21 6.84
N ILE C 301 -18.23 42.09 6.70
CA ILE C 301 -18.83 40.83 6.23
C ILE C 301 -18.40 39.71 7.17
N LEU C 302 -19.36 39.15 7.91
CA LEU C 302 -19.16 37.90 8.64
C LEU C 302 -19.17 36.77 7.61
N TYR C 303 -18.28 35.80 7.77
CA TYR C 303 -18.28 34.62 6.92
C TYR C 303 -17.73 33.36 7.58
N GLU C 304 -18.11 32.23 7.00
CA GLU C 304 -17.63 30.91 7.43
C GLU C 304 -16.42 30.56 6.58
N GLU C 305 -15.33 30.16 7.22
CA GLU C 305 -14.19 29.55 6.54
C GLU C 305 -14.21 28.06 6.85
N ASN C 306 -14.13 27.23 5.79
CA ASN C 306 -14.19 25.79 5.92
C ASN C 306 -12.92 25.14 5.39
N ASP C 307 -12.48 24.08 6.06
CA ASP C 307 -11.34 23.27 5.64
C ASP C 307 -11.80 21.81 5.53
N GLU C 308 -11.94 21.34 4.30
CA GLU C 308 -12.42 19.98 4.03
C GLU C 308 -11.29 18.96 3.76
N SER C 309 -10.07 19.27 4.20
CA SER C 309 -8.90 18.40 3.96
C SER C 309 -9.03 16.99 4.55
N GLU C 310 -9.61 16.90 5.74
CA GLU C 310 -9.80 15.62 6.45
C GLU C 310 -11.10 14.88 6.08
N VAL C 311 -11.95 15.51 5.25
CA VAL C 311 -13.23 14.93 4.85
C VAL C 311 -13.00 13.88 3.76
N GLU C 312 -13.78 12.80 3.81
CA GLU C 312 -13.64 11.69 2.86
C GLU C 312 -13.95 12.15 1.43
N ILE C 313 -13.18 11.67 0.46
CA ILE C 313 -13.38 11.98 -0.95
C ILE C 313 -14.04 10.79 -1.62
N ILE C 314 -15.02 11.08 -2.49
CA ILE C 314 -15.70 10.06 -3.29
C ILE C 314 -15.74 10.48 -4.76
N HIS C 315 -15.84 9.49 -5.63
CA HIS C 315 -15.88 9.70 -7.08
C HIS C 315 -17.23 9.28 -7.66
N VAL C 316 -18.01 10.28 -8.06
CA VAL C 316 -19.28 10.07 -8.77
C VAL C 316 -19.03 10.29 -10.26
N THR C 317 -19.65 9.46 -11.10
CA THR C 317 -19.48 9.55 -12.56
C THR C 317 -20.02 10.88 -13.07
N SER C 318 -19.28 11.49 -14.01
CA SER C 318 -19.65 12.80 -14.56
C SER C 318 -20.77 12.66 -15.59
N PRO C 319 -21.59 13.73 -15.79
CA PRO C 319 -22.66 13.69 -16.81
C PRO C 319 -22.18 13.43 -18.25
N MET C 320 -21.01 13.96 -18.59
CA MET C 320 -20.39 13.72 -19.91
C MET C 320 -19.91 12.27 -19.98
N LEU C 321 -20.81 11.37 -20.37
CA LEU C 321 -20.52 9.93 -20.42
C LEU C 321 -19.47 9.56 -21.47
N GLU C 322 -19.44 10.32 -22.57
CA GLU C 322 -18.36 10.25 -23.58
C GLU C 322 -16.95 10.36 -22.96
N THR C 323 -16.84 11.23 -21.95
CA THR C 323 -15.63 11.36 -21.15
C THR C 323 -15.74 10.39 -19.98
N ARG C 324 -15.20 9.18 -20.15
CA ARG C 324 -15.38 8.10 -19.16
C ARG C 324 -14.58 8.38 -17.88
N ARG C 325 -15.09 9.32 -17.09
CA ARG C 325 -14.40 9.85 -15.91
C ARG C 325 -15.38 10.06 -14.76
N ALA C 326 -14.83 10.39 -13.59
CA ALA C 326 -15.61 10.69 -12.39
C ALA C 326 -15.13 11.98 -11.74
N ASP C 327 -16.08 12.78 -11.27
CA ASP C 327 -15.79 14.03 -10.56
C ASP C 327 -15.61 13.76 -9.06
N SER C 328 -14.68 14.47 -8.43
CA SER C 328 -14.44 14.36 -6.99
C SER C 328 -15.28 15.39 -6.23
N PHE C 329 -15.78 14.99 -5.06
CA PHE C 329 -16.25 15.95 -4.05
C PHE C 329 -16.21 15.38 -2.62
N ARG C 330 -16.23 16.30 -1.65
CA ARG C 330 -16.06 15.98 -0.25
C ARG C 330 -17.38 15.57 0.38
N TYR C 331 -17.52 14.27 0.67
CA TYR C 331 -18.73 13.70 1.24
C TYR C 331 -18.42 13.16 2.64
N PRO C 332 -18.84 13.88 3.70
CA PRO C 332 -18.62 13.35 5.05
C PRO C 332 -19.62 12.23 5.38
N LYS C 333 -19.20 10.98 5.21
CA LYS C 333 -20.04 9.84 5.56
C LYS C 333 -20.15 9.70 7.08
N THR C 334 -21.26 9.11 7.54
CA THR C 334 -21.53 8.97 8.97
C THR C 334 -20.38 8.26 9.71
N GLY C 335 -19.97 8.85 10.84
CA GLY C 335 -18.81 8.36 11.61
C GLY C 335 -17.52 9.11 11.35
N THR C 336 -17.33 9.58 10.12
CA THR C 336 -16.09 10.24 9.69
C THR C 336 -16.13 11.75 9.93
N ALA C 337 -15.05 12.45 9.58
CA ALA C 337 -14.89 13.86 9.92
C ALA C 337 -15.76 14.80 9.08
N ASN C 338 -16.40 15.75 9.75
CA ASN C 338 -17.04 16.90 9.09
C ASN C 338 -15.96 17.95 8.79
N PRO C 339 -16.29 18.97 7.97
CA PRO C 339 -15.31 20.05 7.73
C PRO C 339 -14.88 20.78 9.00
N LYS C 340 -13.64 21.27 9.01
CA LYS C 340 -13.13 22.08 10.11
C LYS C 340 -13.63 23.51 9.89
N VAL C 341 -14.45 24.01 10.81
CA VAL C 341 -15.16 25.28 10.62
C VAL C 341 -14.68 26.36 11.57
N THR C 342 -14.82 27.61 11.13
CA THR C 342 -14.58 28.78 11.99
C THR C 342 -15.23 30.04 11.39
N PHE C 343 -15.44 31.04 12.24
CA PHE C 343 -15.91 32.35 11.79
C PHE C 343 -14.73 33.26 11.48
N LYS C 344 -14.91 34.08 10.46
CA LYS C 344 -13.94 35.12 10.08
C LYS C 344 -14.71 36.39 9.82
N MET C 345 -14.01 37.52 9.74
CA MET C 345 -14.64 38.80 9.41
C MET C 345 -13.76 39.66 8.51
N SER C 346 -14.33 40.08 7.38
CA SER C 346 -13.66 40.99 6.45
C SER C 346 -14.09 42.41 6.80
N GLU C 347 -13.12 43.24 7.19
CA GLU C 347 -13.34 44.65 7.53
C GLU C 347 -12.86 45.51 6.37
N ILE C 348 -13.79 46.21 5.71
CA ILE C 348 -13.51 46.93 4.47
C ILE C 348 -13.64 48.44 4.70
N MET C 349 -12.52 49.16 4.60
CA MET C 349 -12.50 50.63 4.74
C MET C 349 -12.69 51.30 3.39
N ILE C 350 -13.74 52.12 3.29
CA ILE C 350 -14.03 52.92 2.08
C ILE C 350 -13.86 54.41 2.44
N ASP C 351 -13.30 55.19 1.50
CA ASP C 351 -13.06 56.63 1.69
C ASP C 351 -14.34 57.45 1.43
N ALA C 352 -14.22 58.78 1.45
CA ALA C 352 -15.38 59.69 1.33
C ALA C 352 -16.21 59.54 0.05
N GLU C 353 -15.60 59.09 -1.05
CA GLU C 353 -16.30 58.96 -2.34
C GLU C 353 -16.15 57.56 -2.98
N GLY C 354 -16.38 56.52 -2.17
CA GLY C 354 -16.56 55.15 -2.67
C GLY C 354 -15.33 54.33 -3.06
N ARG C 355 -14.13 54.83 -2.77
CA ARG C 355 -12.88 54.11 -3.08
C ARG C 355 -12.41 53.31 -1.87
N ILE C 356 -11.91 52.09 -2.11
CA ILE C 356 -11.39 51.24 -1.04
C ILE C 356 -10.03 51.78 -0.56
N ILE C 357 -9.90 51.98 0.75
CA ILE C 357 -8.64 52.36 1.38
C ILE C 357 -7.83 51.09 1.63
N ASP C 358 -8.43 50.17 2.39
CA ASP C 358 -7.77 48.91 2.75
C ASP C 358 -8.81 47.84 3.11
N VAL C 359 -8.42 46.58 3.01
CA VAL C 359 -9.22 45.43 3.44
C VAL C 359 -8.40 44.67 4.48
N ILE C 360 -8.95 44.54 5.68
CA ILE C 360 -8.31 43.80 6.77
C ILE C 360 -9.13 42.53 7.02
N ASP C 361 -8.54 41.37 6.70
CA ASP C 361 -9.12 40.07 7.04
C ASP C 361 -8.82 39.78 8.50
N LYS C 362 -9.84 39.38 9.26
CA LYS C 362 -9.73 39.21 10.71
C LYS C 362 -10.25 37.84 11.15
N GLU C 363 -9.68 37.32 12.24
CA GLU C 363 -9.99 35.99 12.77
C GLU C 363 -10.30 36.06 14.25
N LEU C 364 -10.88 34.98 14.79
CA LEU C 364 -11.30 34.94 16.18
C LEU C 364 -10.09 34.99 17.11
N ILE C 365 -10.21 35.78 18.19
CA ILE C 365 -9.13 35.97 19.17
C ILE C 365 -8.60 34.65 19.76
N GLN C 366 -9.50 33.68 19.95
CA GLN C 366 -9.14 32.32 20.31
C GLN C 366 -9.78 31.37 19.31
N PRO C 367 -9.27 30.12 19.19
CA PRO C 367 -9.84 29.20 18.21
C PRO C 367 -11.33 28.89 18.40
N PHE C 368 -12.00 28.51 17.31
CA PHE C 368 -13.43 28.16 17.32
C PHE C 368 -13.75 27.04 18.32
N GLU C 369 -12.84 26.08 18.45
CA GLU C 369 -13.02 24.93 19.34
C GLU C 369 -13.01 25.33 20.82
N ILE C 370 -12.20 26.35 21.16
CA ILE C 370 -12.06 26.83 22.54
C ILE C 370 -13.27 27.68 22.93
N LEU C 371 -13.64 28.62 22.06
CA LEU C 371 -14.76 29.54 22.32
C LEU C 371 -16.13 28.84 22.28
N PHE C 372 -16.30 27.91 21.36
CA PHE C 372 -17.56 27.19 21.18
C PHE C 372 -17.33 25.69 21.40
N GLU C 373 -17.25 25.31 22.67
CA GLU C 373 -17.02 23.93 23.08
C GLU C 373 -18.14 23.02 22.56
N GLY C 374 -17.73 21.90 21.94
CA GLY C 374 -18.67 20.87 21.49
C GLY C 374 -19.41 21.11 20.18
N VAL C 375 -19.22 22.28 19.57
CA VAL C 375 -19.97 22.67 18.36
C VAL C 375 -19.39 22.02 17.11
N GLU C 376 -20.21 21.26 16.39
CA GLU C 376 -19.87 20.73 15.07
C GLU C 376 -20.34 21.65 13.95
N TYR C 377 -21.63 21.98 13.97
CA TYR C 377 -22.31 22.65 12.86
C TYR C 377 -22.70 24.10 13.16
N ILE C 378 -22.45 24.99 12.18
CA ILE C 378 -23.00 26.33 12.18
C ILE C 378 -24.32 26.26 11.40
N ALA C 379 -25.42 26.09 12.14
CA ALA C 379 -26.73 25.86 11.53
C ALA C 379 -27.28 27.11 10.82
N ARG C 380 -27.30 28.23 11.54
CA ARG C 380 -27.73 29.52 11.00
C ARG C 380 -26.81 30.61 11.50
N ALA C 381 -26.80 31.74 10.81
CA ALA C 381 -26.04 32.92 11.22
C ALA C 381 -26.52 34.20 10.55
N GLY C 382 -26.22 35.33 11.19
CA GLY C 382 -26.58 36.64 10.67
C GLY C 382 -26.15 37.74 11.61
N TRP C 383 -26.84 38.88 11.54
CA TRP C 383 -26.57 40.04 12.40
C TRP C 383 -27.84 40.47 13.11
N THR C 384 -27.66 41.18 14.23
CA THR C 384 -28.77 41.87 14.89
C THR C 384 -29.16 43.08 14.04
N PRO C 385 -30.39 43.62 14.20
CA PRO C 385 -30.85 44.73 13.35
C PRO C 385 -29.97 45.99 13.32
N GLU C 386 -29.28 46.29 14.42
CA GLU C 386 -28.40 47.47 14.51
C GLU C 386 -26.97 47.18 14.05
N GLY C 387 -26.64 45.91 13.82
CA GLY C 387 -25.29 45.50 13.42
C GLY C 387 -24.28 45.48 14.55
N LYS C 388 -24.77 45.44 15.80
CA LYS C 388 -23.90 45.47 16.98
C LYS C 388 -23.26 44.12 17.21
N TYR C 389 -24.07 43.07 17.19
CA TYR C 389 -23.60 41.68 17.32
C TYR C 389 -23.89 40.89 16.04
N ALA C 390 -22.98 39.99 15.70
CA ALA C 390 -23.30 38.87 14.82
C ALA C 390 -23.94 37.80 15.70
N TRP C 391 -24.90 37.06 15.15
CA TRP C 391 -25.49 35.92 15.87
C TRP C 391 -25.27 34.63 15.11
N SER C 392 -25.42 33.51 15.81
CA SER C 392 -25.33 32.19 15.21
C SER C 392 -26.04 31.14 16.04
N ILE C 393 -26.71 30.21 15.37
CA ILE C 393 -27.32 29.05 15.99
C ILE C 393 -26.38 27.88 15.75
N LEU C 394 -25.87 27.30 16.83
CA LEU C 394 -24.81 26.28 16.79
C LEU C 394 -25.30 24.95 17.36
N LEU C 395 -24.92 23.86 16.69
CA LEU C 395 -25.29 22.49 17.12
C LEU C 395 -24.07 21.66 17.47
N ASP C 396 -24.24 20.73 18.40
CA ASP C 396 -23.22 19.71 18.69
C ASP C 396 -23.35 18.56 17.69
N ARG C 397 -22.41 17.61 17.74
CA ARG C 397 -22.39 16.49 16.78
C ARG C 397 -23.64 15.60 16.82
N SER C 398 -24.11 15.27 18.02
CA SER C 398 -25.29 14.43 18.18
C SER C 398 -26.61 15.14 17.79
N GLN C 399 -26.56 16.47 17.65
CA GLN C 399 -27.71 17.30 17.28
C GLN C 399 -28.82 17.19 18.33
N THR C 400 -28.37 17.13 19.58
CA THR C 400 -29.24 17.13 20.76
C THR C 400 -29.07 18.40 21.60
N ARG C 401 -28.07 19.23 21.29
CA ARG C 401 -27.86 20.51 21.97
C ARG C 401 -27.82 21.65 20.95
N LEU C 402 -28.58 22.70 21.21
CA LEU C 402 -28.58 23.91 20.39
C LEU C 402 -28.19 25.10 21.26
N GLN C 403 -27.38 26.00 20.70
CA GLN C 403 -26.99 27.24 21.36
C GLN C 403 -27.18 28.40 20.41
N ILE C 404 -27.76 29.50 20.90
CA ILE C 404 -27.82 30.75 20.18
C ILE C 404 -26.79 31.65 20.83
N VAL C 405 -25.80 32.09 20.05
CA VAL C 405 -24.65 32.84 20.57
C VAL C 405 -24.50 34.17 19.85
N LEU C 406 -24.37 35.25 20.62
CA LEU C 406 -24.04 36.56 20.07
C LEU C 406 -22.51 36.72 20.05
N ILE C 407 -22.00 37.18 18.92
CA ILE C 407 -20.56 37.32 18.67
C ILE C 407 -20.31 38.77 18.28
N SER C 408 -19.60 39.50 19.14
CA SER C 408 -19.24 40.89 18.86
C SER C 408 -18.14 40.94 17.78
N PRO C 409 -18.12 42.00 16.94
CA PRO C 409 -16.99 42.23 16.03
C PRO C 409 -15.64 42.44 16.72
N GLU C 410 -15.65 42.91 17.97
CA GLU C 410 -14.43 43.10 18.77
C GLU C 410 -13.71 41.79 19.14
N LEU C 411 -14.42 40.66 19.10
CA LEU C 411 -13.79 39.33 19.25
C LEU C 411 -12.84 38.95 18.11
N PHE C 412 -12.97 39.61 16.95
CA PHE C 412 -12.10 39.38 15.82
C PHE C 412 -10.89 40.32 15.84
N ILE C 413 -9.70 39.75 15.63
CA ILE C 413 -8.45 40.52 15.52
C ILE C 413 -7.82 40.26 14.15
N PRO C 414 -6.97 41.19 13.65
CA PRO C 414 -6.33 40.98 12.35
C PRO C 414 -5.50 39.70 12.25
N VAL C 415 -5.48 39.10 11.06
CA VAL C 415 -4.69 37.89 10.81
C VAL C 415 -3.22 38.29 10.69
N GLU C 416 -2.43 37.91 11.70
CA GLU C 416 -0.99 38.19 11.74
C GLU C 416 -0.20 36.90 11.96
N ASP C 417 0.87 36.76 11.19
CA ASP C 417 1.80 35.61 11.32
C ASP C 417 3.03 35.94 12.19
N ASP C 418 3.38 37.23 12.31
CA ASP C 418 4.42 37.68 13.24
C ASP C 418 3.95 37.49 14.68
N VAL C 419 4.61 36.60 15.40
CA VAL C 419 4.18 36.18 16.75
C VAL C 419 4.22 37.30 17.82
N MET C 420 5.16 38.24 17.68
CA MET C 420 5.29 39.36 18.61
C MET C 420 4.17 40.37 18.43
N GLU C 421 3.91 40.73 17.17
CA GLU C 421 2.80 41.64 16.81
C GLU C 421 1.42 41.04 17.11
N ARG C 422 1.30 39.71 16.94
CA ARG C 422 0.05 38.99 17.20
C ARG C 422 -0.35 39.02 18.68
N GLN C 423 0.64 38.90 19.58
CA GLN C 423 0.39 38.90 21.02
C GLN C 423 -0.08 40.26 21.54
N ARG C 424 0.34 41.35 20.89
CA ARG C 424 -0.12 42.71 21.26
C ARG C 424 -1.61 42.91 20.93
N LEU C 425 -2.03 42.38 19.77
CA LEU C 425 -3.45 42.45 19.35
C LEU C 425 -4.39 41.67 20.26
N ILE C 426 -3.91 40.56 20.83
CA ILE C 426 -4.69 39.77 21.79
C ILE C 426 -4.87 40.54 23.10
N GLU C 427 -3.79 41.19 23.57
CA GLU C 427 -3.82 42.00 24.79
C GLU C 427 -4.68 43.27 24.68
N SER C 428 -4.74 43.84 23.47
CA SER C 428 -5.54 45.05 23.22
C SER C 428 -7.06 44.83 23.33
N VAL C 429 -7.52 43.60 23.13
CA VAL C 429 -8.93 43.23 23.31
C VAL C 429 -9.21 43.03 24.80
N PRO C 430 -10.22 43.72 25.37
CA PRO C 430 -10.57 43.51 26.79
C PRO C 430 -11.09 42.10 27.10
N ASP C 431 -11.02 41.73 28.37
CA ASP C 431 -11.58 40.46 28.86
C ASP C 431 -13.11 40.48 28.92
N SER C 432 -13.70 41.67 29.01
CA SER C 432 -15.17 41.84 28.98
C SER C 432 -15.78 41.42 27.65
N VAL C 433 -15.05 41.63 26.54
CA VAL C 433 -15.47 41.16 25.22
C VAL C 433 -15.35 39.65 25.17
N THR C 434 -16.49 38.98 25.00
CA THR C 434 -16.59 37.53 25.17
C THR C 434 -17.84 37.00 24.43
N PRO C 435 -17.82 35.72 23.98
CA PRO C 435 -19.04 35.16 23.39
C PRO C 435 -20.20 35.11 24.38
N LEU C 436 -21.40 35.40 23.89
CA LEU C 436 -22.60 35.52 24.75
C LEU C 436 -23.65 34.49 24.34
N ILE C 437 -23.71 33.37 25.06
CA ILE C 437 -24.69 32.32 24.79
C ILE C 437 -26.04 32.74 25.39
N ILE C 438 -26.84 33.44 24.58
CA ILE C 438 -28.13 33.96 25.02
C ILE C 438 -29.25 32.91 25.15
N TYR C 439 -29.05 31.71 24.60
CA TYR C 439 -30.03 30.63 24.74
C TYR C 439 -29.38 29.27 24.53
N GLU C 440 -29.76 28.30 25.36
CA GLU C 440 -29.32 26.91 25.21
C GLU C 440 -30.47 25.95 25.55
N GLU C 441 -30.52 24.82 24.84
CA GLU C 441 -31.56 23.81 25.03
C GLU C 441 -31.03 22.42 24.70
N THR C 442 -31.69 21.40 25.26
CA THR C 442 -31.33 20.01 25.01
C THR C 442 -32.55 19.13 24.76
N THR C 443 -32.32 17.94 24.24
CA THR C 443 -33.39 16.97 23.96
C THR C 443 -32.83 15.55 23.86
N ASP C 444 -33.63 14.57 24.28
CA ASP C 444 -33.26 13.15 24.13
C ASP C 444 -33.58 12.62 22.72
N ILE C 445 -34.35 13.37 21.95
CA ILE C 445 -34.72 12.99 20.59
C ILE C 445 -33.74 13.67 19.60
N TRP C 446 -34.09 14.83 19.04
CA TRP C 446 -33.16 15.59 18.18
C TRP C 446 -33.63 17.03 17.99
N ILE C 447 -32.67 17.92 17.73
CA ILE C 447 -32.98 19.31 17.42
C ILE C 447 -33.32 19.41 15.95
N ASN C 448 -34.49 19.99 15.66
CA ASN C 448 -34.90 20.32 14.29
C ASN C 448 -34.61 21.79 14.03
N ILE C 449 -33.63 22.06 13.18
CA ILE C 449 -33.26 23.43 12.81
C ILE C 449 -34.38 24.03 11.96
N HIS C 450 -34.66 25.31 12.20
CA HIS C 450 -35.70 26.07 11.50
C HIS C 450 -35.22 27.50 11.22
N ASP C 451 -36.02 28.26 10.46
CA ASP C 451 -35.65 29.60 10.02
C ASP C 451 -36.21 30.76 10.89
N ILE C 452 -37.04 30.43 11.88
CA ILE C 452 -37.58 31.42 12.82
C ILE C 452 -36.53 31.91 13.82
N PHE C 453 -36.21 33.20 13.77
CA PHE C 453 -35.41 33.87 14.81
C PHE C 453 -35.50 35.40 14.64
N HIS C 454 -36.29 36.04 15.50
CA HIS C 454 -36.49 37.49 15.45
C HIS C 454 -35.89 38.18 16.67
N VAL C 455 -34.95 39.10 16.44
CA VAL C 455 -34.32 39.90 17.50
C VAL C 455 -34.95 41.30 17.49
N PHE C 456 -35.46 41.74 18.65
CA PHE C 456 -36.05 43.08 18.79
C PHE C 456 -34.98 44.16 18.88
N PRO C 457 -35.37 45.44 18.67
CA PRO C 457 -34.42 46.53 18.90
C PRO C 457 -33.93 46.57 20.35
N GLN C 458 -32.65 46.88 20.53
CA GLN C 458 -32.00 46.83 21.85
C GLN C 458 -32.33 48.11 22.64
N SER C 459 -33.16 47.97 23.66
CA SER C 459 -33.54 49.09 24.53
C SER C 459 -32.47 49.31 25.60
N HIS C 460 -32.20 48.26 26.38
CA HIS C 460 -31.18 48.28 27.43
C HIS C 460 -29.86 47.71 26.89
N GLU C 461 -28.75 48.26 27.39
CA GLU C 461 -27.40 47.87 26.94
C GLU C 461 -27.06 46.43 27.36
N GLU C 462 -27.47 46.06 28.57
CA GLU C 462 -27.14 44.76 29.17
C GLU C 462 -28.26 43.70 29.04
N GLU C 463 -29.20 43.92 28.12
CA GLU C 463 -30.25 42.94 27.82
C GLU C 463 -30.41 42.78 26.31
N ILE C 464 -30.96 41.63 25.91
CA ILE C 464 -31.43 41.42 24.53
C ILE C 464 -32.72 40.61 24.53
N GLU C 465 -33.66 41.01 23.66
CA GLU C 465 -35.01 40.46 23.63
C GLU C 465 -35.23 39.83 22.25
N PHE C 466 -35.81 38.62 22.23
CA PHE C 466 -36.01 37.90 20.96
C PHE C 466 -37.10 36.82 21.01
N ILE C 467 -37.64 36.50 19.84
CA ILE C 467 -38.55 35.37 19.65
C ILE C 467 -37.79 34.23 19.00
N PHE C 468 -37.98 33.02 19.53
CA PHE C 468 -37.40 31.79 18.99
C PHE C 468 -38.45 30.69 19.10
N ALA C 469 -38.32 29.66 18.27
CA ALA C 469 -39.23 28.51 18.28
C ALA C 469 -38.51 27.26 18.77
N SER C 470 -39.23 26.37 19.46
CA SER C 470 -38.63 25.15 20.00
C SER C 470 -39.62 24.04 20.34
N GLU C 471 -39.20 22.80 20.09
CA GLU C 471 -39.93 21.59 20.49
C GLU C 471 -39.46 21.03 21.84
N CYS C 472 -38.38 21.57 22.40
CA CYS C 472 -37.70 20.96 23.56
C CYS C 472 -38.46 21.02 24.89
N LYS C 473 -39.35 22.00 25.05
CA LYS C 473 -40.14 22.15 26.28
C LYS C 473 -41.29 21.15 26.34
N THR C 474 -42.10 21.12 25.28
CA THR C 474 -43.35 20.33 25.25
C THR C 474 -43.38 19.14 24.28
N GLY C 475 -42.47 19.09 23.31
CA GLY C 475 -42.53 18.09 22.23
C GLY C 475 -43.31 18.54 20.99
N PHE C 476 -43.73 19.80 20.99
CA PHE C 476 -44.35 20.44 19.82
C PHE C 476 -43.71 21.82 19.66
N ARG C 477 -43.49 22.25 18.42
CA ARG C 477 -42.78 23.51 18.14
C ARG C 477 -43.68 24.70 18.46
N HIS C 478 -43.23 25.55 19.38
CA HIS C 478 -43.96 26.76 19.77
C HIS C 478 -43.05 27.96 19.87
N LEU C 479 -43.64 29.14 19.76
CA LEU C 479 -42.92 30.40 19.81
C LEU C 479 -42.74 30.85 21.26
N TYR C 480 -41.55 31.33 21.59
CA TYR C 480 -41.21 31.77 22.94
C TYR C 480 -40.51 33.12 22.90
N LYS C 481 -41.03 34.09 23.67
CA LYS C 481 -40.39 35.39 23.83
C LYS C 481 -39.40 35.28 24.99
N ILE C 482 -38.12 35.53 24.68
CA ILE C 482 -37.02 35.34 25.64
C ILE C 482 -36.27 36.65 25.83
N THR C 483 -35.86 36.92 27.07
CA THR C 483 -35.01 38.05 27.40
C THR C 483 -33.80 37.55 28.19
N SER C 484 -32.60 37.77 27.66
CA SER C 484 -31.35 37.28 28.25
C SER C 484 -30.48 38.43 28.73
N ILE C 485 -29.81 38.22 29.87
CA ILE C 485 -28.93 39.23 30.48
C ILE C 485 -27.51 39.05 29.94
N LEU C 486 -26.98 40.10 29.32
CA LEU C 486 -25.63 40.09 28.76
C LEU C 486 -24.60 40.38 29.86
N LYS C 487 -24.26 39.35 30.63
CA LYS C 487 -23.28 39.44 31.72
C LYS C 487 -21.86 39.62 31.18
N GLU C 488 -21.02 40.28 31.96
CA GLU C 488 -19.58 40.19 31.79
C GLU C 488 -19.17 38.82 32.33
N SER C 489 -18.35 38.10 31.55
CA SER C 489 -18.08 36.69 31.84
C SER C 489 -17.18 36.49 33.06
N LYS C 490 -17.35 35.35 33.72
CA LYS C 490 -16.49 34.92 34.83
C LYS C 490 -15.07 34.66 34.34
N TYR C 491 -14.97 34.02 33.17
CA TYR C 491 -13.69 33.73 32.51
C TYR C 491 -12.95 35.00 32.09
N LYS C 492 -11.68 35.10 32.49
CA LYS C 492 -10.79 36.18 32.08
C LYS C 492 -9.64 35.61 31.25
N ARG C 493 -9.46 36.17 30.06
CA ARG C 493 -8.48 35.68 29.09
C ARG C 493 -7.02 36.00 29.49
N SER C 494 -6.83 37.05 30.29
CA SER C 494 -5.51 37.46 30.80
C SER C 494 -4.79 36.38 31.61
N SER C 495 -5.56 35.58 32.35
CA SER C 495 -5.02 34.46 33.15
C SER C 495 -4.29 33.40 32.31
N GLY C 496 -4.71 33.24 31.05
CA GLY C 496 -4.08 32.31 30.12
C GLY C 496 -4.52 30.86 30.30
N GLY C 497 -5.80 30.68 30.63
CA GLY C 497 -6.40 29.35 30.77
C GLY C 497 -7.50 29.15 29.74
N LEU C 498 -8.18 28.00 29.82
CA LEU C 498 -9.30 27.67 28.94
C LEU C 498 -10.63 27.86 29.67
N PRO C 499 -11.67 28.37 28.97
CA PRO C 499 -12.97 28.59 29.62
C PRO C 499 -13.74 27.29 29.86
N ALA C 500 -14.40 27.21 31.01
CA ALA C 500 -15.28 26.08 31.35
C ALA C 500 -16.56 26.11 30.49
N PRO C 501 -17.26 24.96 30.36
CA PRO C 501 -18.46 24.86 29.51
C PRO C 501 -19.50 25.98 29.66
N SER C 502 -19.82 26.34 30.91
CA SER C 502 -20.89 27.31 31.21
C SER C 502 -20.41 28.75 31.49
N ASP C 503 -19.14 29.07 31.17
CA ASP C 503 -18.60 30.41 31.42
C ASP C 503 -19.20 31.50 30.52
N PHE C 504 -19.68 31.13 29.34
CA PHE C 504 -20.30 32.08 28.41
C PHE C 504 -21.84 32.10 28.44
N LYS C 505 -22.45 31.27 29.30
CA LYS C 505 -23.91 31.19 29.38
C LYS C 505 -24.52 32.41 30.06
N CYS C 506 -25.49 33.02 29.38
CA CYS C 506 -26.21 34.19 29.89
C CYS C 506 -27.42 33.72 30.72
N PRO C 507 -27.71 34.39 31.86
CA PRO C 507 -28.94 34.05 32.58
C PRO C 507 -30.20 34.49 31.84
N ILE C 508 -31.27 33.72 32.00
CA ILE C 508 -32.55 34.00 31.36
C ILE C 508 -33.44 34.79 32.33
N LYS C 509 -33.65 36.08 32.03
CA LYS C 509 -34.51 36.93 32.85
C LYS C 509 -35.98 36.58 32.68
N GLU C 510 -36.39 36.36 31.43
CA GLU C 510 -37.78 36.09 31.08
C GLU C 510 -37.85 35.04 29.96
N GLU C 511 -38.86 34.16 30.03
CA GLU C 511 -39.10 33.17 28.99
C GLU C 511 -40.61 32.85 28.93
N ILE C 512 -41.35 33.68 28.19
CA ILE C 512 -42.80 33.56 28.07
C ILE C 512 -43.15 32.74 26.83
N ALA C 513 -44.04 31.76 27.00
CA ALA C 513 -44.58 30.97 25.89
C ALA C 513 -45.65 31.77 25.17
N ILE C 514 -45.42 32.08 23.89
CA ILE C 514 -46.37 32.82 23.07
C ILE C 514 -47.51 31.89 22.61
N THR C 515 -47.16 30.64 22.26
CA THR C 515 -48.15 29.63 21.86
C THR C 515 -47.96 28.33 22.63
N SER C 516 -49.00 27.51 22.65
CA SER C 516 -48.97 26.19 23.32
C SER C 516 -50.11 25.32 22.83
N GLY C 517 -49.94 24.00 22.98
CA GLY C 517 -50.95 23.00 22.61
C GLY C 517 -50.39 21.78 21.91
N GLU C 518 -51.28 20.87 21.53
CA GLU C 518 -50.92 19.62 20.84
C GLU C 518 -50.90 19.83 19.33
N TRP C 519 -50.03 20.73 18.89
CA TRP C 519 -49.92 21.17 17.49
C TRP C 519 -48.66 22.02 17.37
N GLU C 520 -48.14 22.16 16.16
CA GLU C 520 -46.85 22.84 15.96
C GLU C 520 -46.93 24.13 15.13
N VAL C 521 -46.01 25.05 15.43
CA VAL C 521 -45.72 26.20 14.59
C VAL C 521 -44.71 25.75 13.54
N LEU C 522 -44.88 26.22 12.30
CA LEU C 522 -44.01 25.83 11.18
C LEU C 522 -42.89 26.85 10.96
N GLY C 523 -41.69 26.36 10.68
CA GLY C 523 -40.53 27.20 10.42
C GLY C 523 -39.57 26.67 9.36
N ARG C 524 -40.10 25.92 8.39
CA ARG C 524 -39.29 25.30 7.33
C ARG C 524 -39.97 25.43 5.98
N HIS C 525 -39.16 25.31 4.93
CA HIS C 525 -39.62 25.34 3.52
C HIS C 525 -40.38 26.62 3.15
N GLY C 526 -39.93 27.75 3.70
CA GLY C 526 -40.57 29.05 3.46
C GLY C 526 -41.48 29.54 4.58
N SER C 527 -41.93 28.63 5.45
CA SER C 527 -42.72 29.03 6.63
C SER C 527 -41.84 29.77 7.63
N ASN C 528 -42.37 30.87 8.14
CA ASN C 528 -41.63 31.73 9.07
C ASN C 528 -42.62 32.63 9.80
N ILE C 529 -42.12 33.51 10.66
CA ILE C 529 -42.94 34.50 11.35
C ILE C 529 -42.76 35.89 10.74
N GLN C 530 -43.73 36.76 11.01
CA GLN C 530 -43.63 38.18 10.71
C GLN C 530 -44.12 38.93 11.94
N VAL C 531 -43.27 39.80 12.47
CA VAL C 531 -43.55 40.52 13.72
C VAL C 531 -44.00 41.94 13.43
N ASP C 532 -45.14 42.33 14.02
CA ASP C 532 -45.67 43.68 13.95
C ASP C 532 -45.31 44.36 15.27
N GLU C 533 -44.26 45.17 15.27
CA GLU C 533 -43.75 45.81 16.49
C GLU C 533 -44.60 47.00 16.99
N VAL C 534 -45.43 47.56 16.12
CA VAL C 534 -46.35 48.65 16.50
C VAL C 534 -47.52 48.06 17.29
N ARG C 535 -48.22 47.12 16.67
CA ARG C 535 -49.34 46.42 17.31
C ARG C 535 -48.90 45.35 18.31
N ARG C 536 -47.62 44.97 18.27
CA ARG C 536 -47.03 43.98 19.18
C ARG C 536 -47.66 42.59 18.99
N LEU C 537 -47.77 42.20 17.72
CA LEU C 537 -48.32 40.92 17.28
C LEU C 537 -47.26 40.13 16.53
N VAL C 538 -47.52 38.83 16.37
CA VAL C 538 -46.67 37.95 15.57
C VAL C 538 -47.55 37.00 14.74
N TYR C 539 -47.35 37.03 13.43
CA TYR C 539 -48.05 36.15 12.49
C TYR C 539 -47.23 34.88 12.34
N PHE C 540 -47.90 33.74 12.18
CA PHE C 540 -47.21 32.45 12.03
C PHE C 540 -48.10 31.40 11.37
N GLU C 541 -47.45 30.40 10.76
CA GLU C 541 -48.16 29.24 10.19
C GLU C 541 -48.16 28.10 11.21
N GLY C 542 -49.20 27.27 11.17
CA GLY C 542 -49.31 26.16 12.13
C GLY C 542 -50.35 25.11 11.81
N THR C 543 -50.39 24.08 12.65
CA THR C 543 -51.24 22.90 12.48
C THR C 543 -52.35 22.82 13.53
N LYS C 544 -52.78 23.96 14.07
CA LYS C 544 -53.70 24.00 15.22
C LYS C 544 -55.07 23.39 14.92
N ASP C 545 -55.67 23.80 13.80
CA ASP C 545 -56.98 23.31 13.40
C ASP C 545 -56.94 21.86 12.89
N SER C 546 -55.83 21.47 12.26
CA SER C 546 -55.66 20.11 11.76
C SER C 546 -54.20 19.83 11.39
N PRO C 547 -53.72 18.59 11.59
CA PRO C 547 -52.41 18.22 11.06
C PRO C 547 -52.37 18.02 9.53
N LEU C 548 -53.54 17.98 8.90
CA LEU C 548 -53.65 17.83 7.43
C LEU C 548 -53.75 19.17 6.68
N GLU C 549 -53.82 20.29 7.40
CA GLU C 549 -53.94 21.62 6.81
C GLU C 549 -53.05 22.63 7.53
N HIS C 550 -52.16 23.30 6.78
CA HIS C 550 -51.41 24.44 7.29
C HIS C 550 -52.29 25.70 7.22
N HIS C 551 -52.29 26.49 8.29
CA HIS C 551 -53.09 27.73 8.37
C HIS C 551 -52.30 28.89 8.95
N LEU C 552 -52.68 30.11 8.56
CA LEU C 552 -52.08 31.32 9.07
C LEU C 552 -52.80 31.75 10.34
N TYR C 553 -52.04 32.14 11.35
CA TYR C 553 -52.57 32.61 12.63
C TYR C 553 -51.90 33.91 13.02
N VAL C 554 -52.49 34.61 13.99
CA VAL C 554 -51.88 35.80 14.60
C VAL C 554 -52.15 35.81 16.11
N VAL C 555 -51.17 36.30 16.87
CA VAL C 555 -51.22 36.31 18.32
C VAL C 555 -50.33 37.42 18.88
N SER C 556 -50.71 37.95 20.04
CA SER C 556 -49.91 38.96 20.74
C SER C 556 -48.71 38.29 21.40
N TYR C 557 -47.55 38.95 21.36
CA TYR C 557 -46.35 38.46 22.07
C TYR C 557 -46.13 39.12 23.44
N VAL C 558 -46.97 40.10 23.81
CA VAL C 558 -46.85 40.81 25.09
C VAL C 558 -47.74 40.15 26.13
N ASN C 559 -49.05 40.11 25.86
CA ASN C 559 -50.02 39.38 26.67
C ASN C 559 -50.59 38.25 25.82
N PRO C 560 -49.81 37.17 25.63
CA PRO C 560 -50.26 36.09 24.74
C PRO C 560 -51.48 35.35 25.29
N GLY C 561 -52.44 35.07 24.42
CA GLY C 561 -53.65 34.34 24.78
C GLY C 561 -54.31 33.72 23.57
N GLU C 562 -55.35 34.40 23.06
CA GLU C 562 -56.12 33.89 21.93
C GLU C 562 -55.32 33.91 20.63
N VAL C 563 -55.41 32.80 19.90
CA VAL C 563 -54.77 32.64 18.60
C VAL C 563 -55.86 32.75 17.53
N THR C 564 -55.78 33.80 16.72
CA THR C 564 -56.79 34.07 15.69
C THR C 564 -56.36 33.49 14.35
N ARG C 565 -57.14 32.54 13.84
CA ARG C 565 -56.91 31.97 12.50
C ARG C 565 -57.35 32.97 11.42
N LEU C 566 -56.48 33.19 10.44
CA LEU C 566 -56.74 34.12 9.35
C LEU C 566 -57.08 33.45 8.01
N THR C 567 -56.75 32.17 7.85
CA THR C 567 -57.04 31.43 6.62
C THR C 567 -58.29 30.56 6.78
N ASP C 568 -58.99 30.33 5.66
CA ASP C 568 -60.26 29.61 5.66
C ASP C 568 -60.05 28.09 5.70
N ARG C 569 -60.81 27.41 6.55
CA ARG C 569 -60.77 25.94 6.65
C ARG C 569 -61.22 25.28 5.36
N GLY C 570 -60.76 24.05 5.15
CA GLY C 570 -61.02 23.31 3.90
C GLY C 570 -59.89 23.31 2.90
N TYR C 571 -58.89 24.18 3.10
CA TYR C 571 -57.67 24.22 2.28
C TYR C 571 -56.44 24.21 3.19
N SER C 572 -55.31 23.77 2.62
CA SER C 572 -53.99 23.92 3.25
C SER C 572 -53.30 25.12 2.60
N HIS C 573 -52.78 26.02 3.43
CA HIS C 573 -52.27 27.32 2.96
C HIS C 573 -50.75 27.46 3.14
N SER C 574 -50.12 28.15 2.19
CA SER C 574 -48.72 28.54 2.28
C SER C 574 -48.70 30.05 2.13
N CYS C 575 -48.32 30.75 3.19
CA CYS C 575 -48.56 32.19 3.30
C CYS C 575 -47.29 33.04 3.34
N CYS C 576 -47.45 34.29 2.91
CA CYS C 576 -46.40 35.29 2.94
C CYS C 576 -47.04 36.61 3.39
N ILE C 577 -46.54 37.20 4.47
CA ILE C 577 -47.10 38.42 5.04
C ILE C 577 -46.25 39.60 4.58
N SER C 578 -46.90 40.71 4.26
CA SER C 578 -46.23 41.95 3.88
C SER C 578 -45.38 42.47 5.04
N GLN C 579 -44.27 43.14 4.71
CA GLN C 579 -43.43 43.79 5.72
C GLN C 579 -44.16 44.89 6.51
N HIS C 580 -45.18 45.48 5.89
CA HIS C 580 -46.00 46.51 6.52
C HIS C 580 -47.16 45.95 7.36
N CYS C 581 -47.37 44.62 7.29
CA CYS C 581 -48.35 43.89 8.11
C CYS C 581 -49.80 44.34 7.90
N ASP C 582 -50.12 44.77 6.69
CA ASP C 582 -51.49 45.15 6.29
C ASP C 582 -52.04 44.32 5.14
N PHE C 583 -51.31 43.29 4.74
CA PHE C 583 -51.68 42.40 3.63
C PHE C 583 -50.99 41.05 3.85
N PHE C 584 -51.61 40.00 3.33
CA PHE C 584 -50.92 38.71 3.21
C PHE C 584 -51.42 37.95 1.99
N ILE C 585 -50.54 37.12 1.44
CA ILE C 585 -50.84 36.28 0.29
C ILE C 585 -50.85 34.84 0.77
N SER C 586 -51.72 34.02 0.17
CA SER C 586 -51.82 32.60 0.48
C SER C 586 -51.84 31.81 -0.81
N LYS C 587 -50.92 30.85 -0.93
CA LYS C 587 -50.98 29.82 -1.96
C LYS C 587 -51.67 28.61 -1.32
N TYR C 588 -52.87 28.28 -1.81
CA TYR C 588 -53.72 27.28 -1.16
C TYR C 588 -54.31 26.28 -2.14
N SER C 589 -54.62 25.09 -1.61
CA SER C 589 -55.27 24.04 -2.38
C SER C 589 -55.93 23.05 -1.43
N ASN C 590 -56.65 22.10 -2.02
CA ASN C 590 -57.13 20.92 -1.29
C ASN C 590 -57.16 19.72 -2.23
N GLN C 591 -57.61 18.59 -1.72
CA GLN C 591 -57.61 17.33 -2.48
C GLN C 591 -58.33 17.43 -3.83
N LYS C 592 -59.44 18.18 -3.87
CA LYS C 592 -60.25 18.35 -5.10
C LYS C 592 -59.77 19.49 -6.00
N ASN C 593 -59.41 20.63 -5.40
CA ASN C 593 -59.11 21.88 -6.14
C ASN C 593 -57.60 22.14 -6.30
N PRO C 594 -57.13 22.39 -7.54
CA PRO C 594 -55.71 22.79 -7.74
C PRO C 594 -55.31 24.11 -7.10
N HIS C 595 -54.02 24.43 -7.19
CA HIS C 595 -53.41 25.56 -6.47
C HIS C 595 -53.95 26.91 -6.95
N CYS C 596 -54.34 27.76 -6.00
CA CYS C 596 -54.68 29.16 -6.22
C CYS C 596 -53.76 30.03 -5.38
N VAL C 597 -53.54 31.28 -5.82
CA VAL C 597 -52.82 32.28 -5.04
C VAL C 597 -53.69 33.54 -4.97
N SER C 598 -54.06 33.95 -3.75
CA SER C 598 -54.92 35.11 -3.53
C SER C 598 -54.31 36.10 -2.54
N LEU C 599 -54.67 37.37 -2.71
CA LEU C 599 -54.26 38.46 -1.83
C LEU C 599 -55.40 38.80 -0.87
N TYR C 600 -55.05 38.97 0.41
CA TYR C 600 -56.01 39.31 1.45
C TYR C 600 -55.53 40.54 2.21
N LYS C 601 -56.43 41.51 2.41
CA LYS C 601 -56.12 42.72 3.15
C LYS C 601 -56.42 42.51 4.63
N LEU C 602 -55.48 42.92 5.48
CA LEU C 602 -55.61 42.86 6.93
C LEU C 602 -56.02 44.22 7.48
N SER C 603 -56.83 44.21 8.53
CA SER C 603 -57.26 45.43 9.20
C SER C 603 -57.78 45.14 10.61
N SER C 604 -57.75 46.15 11.46
CA SER C 604 -58.19 46.06 12.86
C SER C 604 -59.48 46.85 13.07
N PRO C 605 -60.29 46.44 14.07
CA PRO C 605 -61.37 47.33 14.53
C PRO C 605 -60.81 48.58 15.23
N GLU C 606 -61.55 49.68 15.15
CA GLU C 606 -61.15 50.95 15.79
C GLU C 606 -60.94 50.80 17.30
N ASP C 607 -61.78 49.99 17.95
CA ASP C 607 -61.71 49.78 19.40
C ASP C 607 -60.54 48.93 19.90
N ASP C 608 -59.91 48.14 19.02
CA ASP C 608 -58.85 47.21 19.42
C ASP C 608 -57.85 46.92 18.28
N PRO C 609 -56.63 47.51 18.36
CA PRO C 609 -55.55 47.15 17.42
C PRO C 609 -55.05 45.69 17.50
N THR C 610 -55.18 45.06 18.66
CA THR C 610 -54.77 43.65 18.86
C THR C 610 -55.57 42.67 17.98
N CYS C 611 -56.86 42.98 17.76
CA CYS C 611 -57.72 42.11 16.95
C CYS C 611 -57.44 42.32 15.46
N LYS C 612 -57.46 41.22 14.70
CA LYS C 612 -57.17 41.24 13.27
C LYS C 612 -58.22 40.48 12.48
N THR C 613 -58.84 41.17 11.52
CA THR C 613 -59.74 40.55 10.54
C THR C 613 -59.05 40.57 9.18
N LYS C 614 -59.54 39.72 8.28
CA LYS C 614 -59.06 39.70 6.90
C LYS C 614 -60.21 39.84 5.92
N GLU C 615 -59.87 40.22 4.69
CA GLU C 615 -60.84 40.40 3.61
C GLU C 615 -60.15 40.07 2.29
N PHE C 616 -60.84 39.33 1.43
CA PHE C 616 -60.33 39.02 0.08
C PHE C 616 -60.19 40.30 -0.73
N TRP C 617 -59.03 40.48 -1.36
CA TRP C 617 -58.72 41.70 -2.12
C TRP C 617 -58.64 41.41 -3.62
N ALA C 618 -57.84 40.42 -4.00
CA ALA C 618 -57.67 40.06 -5.41
C ALA C 618 -57.02 38.70 -5.59
N THR C 619 -57.23 38.10 -6.77
CA THR C 619 -56.57 36.87 -7.17
C THR C 619 -55.29 37.19 -7.94
N ILE C 620 -54.22 36.47 -7.62
CA ILE C 620 -52.94 36.56 -8.33
C ILE C 620 -52.83 35.41 -9.34
N LEU C 621 -53.09 34.19 -8.88
CA LEU C 621 -53.15 33.01 -9.74
C LEU C 621 -54.46 32.27 -9.50
N ASP C 622 -55.28 32.17 -10.54
CA ASP C 622 -56.54 31.44 -10.49
C ASP C 622 -56.29 29.99 -10.92
N SER C 623 -56.99 29.05 -10.29
CA SER C 623 -56.94 27.64 -10.69
C SER C 623 -57.66 27.43 -12.00
N ALA C 624 -57.29 26.35 -12.70
CA ALA C 624 -57.97 25.92 -13.92
C ALA C 624 -59.34 25.26 -13.65
N GLY C 625 -59.63 24.96 -12.38
CA GLY C 625 -60.84 24.24 -11.98
C GLY C 625 -60.45 22.79 -11.73
N PRO C 626 -61.37 21.99 -11.15
CA PRO C 626 -61.07 20.57 -10.93
C PRO C 626 -60.87 19.84 -12.27
N LEU C 627 -59.75 19.13 -12.41
CA LEU C 627 -59.38 18.48 -13.67
C LEU C 627 -60.37 17.36 -14.02
N PRO C 628 -60.84 17.32 -15.28
CA PRO C 628 -61.86 16.34 -15.68
C PRO C 628 -61.36 14.89 -15.77
N ASP C 629 -60.04 14.72 -15.95
CA ASP C 629 -59.41 13.39 -16.05
C ASP C 629 -58.52 13.08 -14.83
N TYR C 630 -58.97 13.49 -13.64
CA TYR C 630 -58.29 13.21 -12.38
C TYR C 630 -59.32 13.00 -11.26
N THR C 631 -59.38 11.78 -10.73
CA THR C 631 -60.18 11.46 -9.55
C THR C 631 -59.26 11.49 -8.32
N PRO C 632 -59.48 12.45 -7.39
CA PRO C 632 -58.63 12.49 -6.20
C PRO C 632 -58.92 11.36 -5.20
N PRO C 633 -57.97 11.09 -4.27
CA PRO C 633 -58.17 10.08 -3.25
C PRO C 633 -59.02 10.58 -2.08
N GLU C 634 -59.44 9.65 -1.23
CA GLU C 634 -60.10 9.98 0.03
C GLU C 634 -59.08 9.86 1.15
N ILE C 635 -59.04 10.87 2.02
CA ILE C 635 -58.22 10.80 3.24
C ILE C 635 -58.99 9.95 4.26
N PHE C 636 -58.34 8.91 4.77
CA PHE C 636 -58.87 8.11 5.86
C PHE C 636 -57.92 8.17 7.06
N SER C 637 -58.34 7.56 8.17
CA SER C 637 -57.48 7.39 9.33
C SER C 637 -57.90 6.19 10.17
N PHE C 638 -56.99 5.72 11.02
CA PHE C 638 -57.24 4.59 11.91
C PHE C 638 -56.47 4.73 13.21
N GLU C 639 -57.05 4.24 14.31
CA GLU C 639 -56.42 4.26 15.61
C GLU C 639 -55.45 3.09 15.70
N SER C 640 -54.15 3.38 15.76
CA SER C 640 -53.12 2.35 15.77
C SER C 640 -52.98 1.71 17.15
N THR C 641 -52.52 0.47 17.16
CA THR C 641 -52.14 -0.23 18.39
C THR C 641 -50.94 0.45 19.10
N THR C 642 -50.16 1.22 18.34
CA THR C 642 -49.06 2.03 18.88
C THR C 642 -49.50 3.20 19.76
N GLY C 643 -50.77 3.61 19.65
CA GLY C 643 -51.33 4.70 20.47
C GLY C 643 -51.70 5.95 19.69
N PHE C 644 -51.16 6.10 18.48
CA PHE C 644 -51.40 7.28 17.64
C PHE C 644 -52.50 7.04 16.62
N THR C 645 -53.16 8.13 16.23
CA THR C 645 -53.98 8.16 15.02
C THR C 645 -53.03 8.29 13.83
N LEU C 646 -53.15 7.38 12.85
CA LEU C 646 -52.37 7.46 11.62
C LEU C 646 -53.28 7.76 10.44
N TYR C 647 -52.84 8.67 9.58
CA TYR C 647 -53.64 9.10 8.42
C TYR C 647 -53.12 8.45 7.15
N GLY C 648 -54.03 8.24 6.20
CA GLY C 648 -53.70 7.66 4.90
C GLY C 648 -54.56 8.20 3.77
N MET C 649 -54.13 7.94 2.53
CA MET C 649 -54.89 8.29 1.34
C MET C 649 -55.26 7.00 0.62
N LEU C 650 -56.50 6.93 0.14
CA LEU C 650 -57.03 5.76 -0.56
C LEU C 650 -57.53 6.15 -1.94
N TYR C 651 -56.93 5.56 -2.98
CA TYR C 651 -57.42 5.69 -4.35
C TYR C 651 -58.23 4.43 -4.65
N LYS C 652 -59.56 4.56 -4.70
CA LYS C 652 -60.44 3.47 -5.14
C LYS C 652 -60.25 3.26 -6.65
N PRO C 653 -60.37 2.01 -7.13
CA PRO C 653 -60.29 1.79 -8.58
C PRO C 653 -61.44 2.46 -9.35
N HIS C 654 -61.17 2.86 -10.59
CA HIS C 654 -62.17 3.50 -11.44
C HIS C 654 -63.11 2.43 -12.00
N ASP C 655 -64.41 2.72 -11.99
CA ASP C 655 -65.48 1.74 -12.30
C ASP C 655 -65.34 0.49 -11.42
N LEU C 656 -65.67 0.67 -10.14
CA LEU C 656 -65.48 -0.37 -9.13
C LEU C 656 -66.59 -1.42 -9.28
N GLN C 657 -66.19 -2.63 -9.67
CA GLN C 657 -67.13 -3.72 -9.90
C GLN C 657 -67.54 -4.35 -8.56
N PRO C 658 -68.85 -4.60 -8.36
CA PRO C 658 -69.29 -5.24 -7.12
C PRO C 658 -68.95 -6.74 -7.11
N GLY C 659 -68.55 -7.25 -5.95
CA GLY C 659 -68.17 -8.66 -5.81
C GLY C 659 -66.89 -9.02 -6.55
N LYS C 660 -65.91 -8.12 -6.51
CA LYS C 660 -64.59 -8.36 -7.11
C LYS C 660 -63.48 -7.70 -6.30
N LYS C 661 -62.29 -8.30 -6.33
CA LYS C 661 -61.13 -7.83 -5.57
C LYS C 661 -59.98 -7.47 -6.50
N TYR C 662 -59.36 -6.31 -6.24
CA TYR C 662 -58.38 -5.71 -7.14
C TYR C 662 -56.96 -5.76 -6.53
N PRO C 663 -55.92 -5.73 -7.39
CA PRO C 663 -54.54 -5.65 -6.90
C PRO C 663 -54.26 -4.29 -6.28
N THR C 664 -53.34 -4.25 -5.31
CA THR C 664 -53.09 -3.06 -4.50
C THR C 664 -51.63 -2.63 -4.55
N VAL C 665 -51.38 -1.39 -4.98
CA VAL C 665 -50.03 -0.81 -4.98
C VAL C 665 -49.93 0.20 -3.84
N LEU C 666 -49.06 -0.10 -2.87
CA LEU C 666 -48.77 0.79 -1.75
C LEU C 666 -47.64 1.74 -2.15
N PHE C 667 -47.93 3.03 -2.29
CA PHE C 667 -46.88 4.04 -2.52
C PHE C 667 -46.41 4.58 -1.17
N ILE C 668 -45.10 4.67 -0.99
CA ILE C 668 -44.50 4.98 0.32
C ILE C 668 -43.32 5.93 0.20
N TYR C 669 -43.18 6.81 1.20
CA TYR C 669 -41.90 7.46 1.51
C TYR C 669 -41.47 7.01 2.92
N GLY C 670 -42.22 7.41 3.94
CA GLY C 670 -42.04 6.91 5.30
C GLY C 670 -40.89 7.43 6.15
N GLY C 671 -40.01 8.23 5.56
CA GLY C 671 -38.89 8.84 6.31
C GLY C 671 -39.26 10.15 6.98
N PRO C 672 -38.32 10.72 7.76
CA PRO C 672 -38.56 11.98 8.47
C PRO C 672 -38.48 13.21 7.56
N GLN C 673 -39.03 14.32 8.07
CA GLN C 673 -39.09 15.61 7.36
C GLN C 673 -40.00 15.62 6.12
N VAL C 674 -40.95 14.68 6.07
CA VAL C 674 -41.90 14.55 4.95
C VAL C 674 -43.28 14.11 5.45
N GLN C 675 -44.32 14.66 4.84
CA GLN C 675 -45.71 14.21 5.06
C GLN C 675 -46.38 14.11 3.69
N LEU C 676 -46.76 12.89 3.30
CA LEU C 676 -47.48 12.67 2.04
C LEU C 676 -48.99 12.87 2.17
N VAL C 677 -49.54 12.52 3.34
CA VAL C 677 -50.99 12.54 3.57
C VAL C 677 -51.40 13.88 4.20
N ASN C 678 -52.06 14.70 3.40
CA ASN C 678 -52.64 15.97 3.87
C ASN C 678 -53.64 16.49 2.86
N ASN C 679 -54.40 17.51 3.24
CA ASN C 679 -55.43 18.08 2.37
C ASN C 679 -54.82 19.11 1.41
N ARG C 680 -54.10 18.60 0.41
CA ARG C 680 -53.51 19.39 -0.66
C ARG C 680 -53.80 18.69 -1.98
N PHE C 681 -53.69 19.43 -3.07
CA PHE C 681 -53.90 18.86 -4.40
C PHE C 681 -52.72 17.98 -4.78
N LYS C 682 -53.00 16.69 -4.97
CA LYS C 682 -51.99 15.70 -5.35
C LYS C 682 -52.00 15.37 -6.85
N GLY C 683 -52.83 16.07 -7.63
CA GLY C 683 -52.97 15.78 -9.06
C GLY C 683 -51.91 16.32 -10.01
N VAL C 684 -50.82 16.85 -9.48
CA VAL C 684 -49.66 17.26 -10.29
C VAL C 684 -48.49 16.32 -10.02
N LYS C 685 -48.02 16.32 -8.77
CA LYS C 685 -46.84 15.55 -8.39
C LYS C 685 -47.14 14.05 -8.35
N TYR C 686 -48.30 13.68 -7.81
CA TYR C 686 -48.75 12.29 -7.70
C TYR C 686 -49.94 12.01 -8.64
N PHE C 687 -49.86 12.53 -9.86
CA PHE C 687 -50.90 12.34 -10.87
C PHE C 687 -51.01 10.89 -11.31
N ARG C 688 -49.87 10.19 -11.36
CA ARG C 688 -49.85 8.79 -11.81
C ARG C 688 -50.39 7.76 -10.81
N LEU C 689 -50.68 8.19 -9.57
CA LEU C 689 -51.43 7.34 -8.63
C LEU C 689 -52.89 7.24 -9.07
N ASN C 690 -53.44 8.35 -9.57
CA ASN C 690 -54.75 8.35 -10.24
C ASN C 690 -54.75 7.50 -11.52
N THR C 691 -53.67 7.58 -12.30
CA THR C 691 -53.50 6.74 -13.50
C THR C 691 -53.49 5.25 -13.16
N LEU C 692 -52.83 4.87 -12.07
CA LEU C 692 -52.85 3.48 -11.58
C LEU C 692 -54.27 3.04 -11.22
N ALA C 693 -55.04 3.92 -10.58
CA ALA C 693 -56.45 3.65 -10.26
C ALA C 693 -57.34 3.46 -11.49
N SER C 694 -57.04 4.17 -12.58
CA SER C 694 -57.77 4.00 -13.85
C SER C 694 -57.52 2.65 -14.52
N LEU C 695 -56.32 2.08 -14.33
CA LEU C 695 -55.99 0.74 -14.83
C LEU C 695 -56.58 -0.40 -13.97
N GLY C 696 -57.03 -0.06 -12.75
CA GLY C 696 -57.66 -1.02 -11.84
C GLY C 696 -56.78 -1.47 -10.69
N TYR C 697 -55.92 -0.58 -10.19
CA TYR C 697 -55.13 -0.83 -8.99
C TYR C 697 -55.71 -0.04 -7.84
N VAL C 698 -55.70 -0.62 -6.63
CA VAL C 698 -55.95 0.14 -5.42
C VAL C 698 -54.62 0.79 -5.07
N VAL C 699 -54.63 2.09 -4.81
CA VAL C 699 -53.41 2.79 -4.39
C VAL C 699 -53.58 3.30 -2.97
N VAL C 700 -52.57 3.03 -2.14
CA VAL C 700 -52.58 3.41 -0.72
C VAL C 700 -51.31 4.17 -0.39
N VAL C 701 -51.47 5.24 0.39
CA VAL C 701 -50.36 6.00 0.95
C VAL C 701 -50.66 6.15 2.43
N ILE C 702 -49.73 5.75 3.29
CA ILE C 702 -49.89 5.87 4.75
C ILE C 702 -48.69 6.62 5.32
N ASP C 703 -48.96 7.61 6.17
CA ASP C 703 -47.91 8.32 6.92
C ASP C 703 -47.65 7.58 8.23
N ASN C 704 -46.63 6.71 8.20
CA ASN C 704 -46.21 5.95 9.38
C ASN C 704 -45.56 6.82 10.45
N ARG C 705 -45.31 6.24 11.61
CA ARG C 705 -44.58 6.88 12.70
C ARG C 705 -43.18 7.30 12.23
N GLY C 706 -42.76 8.50 12.63
CA GLY C 706 -41.53 9.11 12.13
C GLY C 706 -41.75 10.24 11.14
N SER C 707 -42.93 10.26 10.50
CA SER C 707 -43.25 11.27 9.49
C SER C 707 -43.53 12.64 10.14
N CYS C 708 -43.79 13.64 9.29
CA CYS C 708 -43.75 15.06 9.68
C CYS C 708 -45.10 15.58 10.21
N HIS C 709 -45.03 16.73 10.88
CA HIS C 709 -46.20 17.52 11.33
C HIS C 709 -47.09 16.86 12.39
N ARG C 710 -46.49 16.06 13.28
CA ARG C 710 -47.22 15.42 14.38
C ARG C 710 -46.53 15.53 15.74
N GLY C 711 -45.55 16.42 15.87
CA GLY C 711 -44.77 16.58 17.10
C GLY C 711 -43.53 15.69 17.14
N LEU C 712 -42.64 16.01 18.08
CA LEU C 712 -41.34 15.35 18.20
C LEU C 712 -41.39 13.92 18.76
N LYS C 713 -42.37 13.64 19.63
CA LYS C 713 -42.56 12.28 20.17
C LYS C 713 -42.98 11.29 19.08
N PHE C 714 -43.93 11.71 18.24
CA PHE C 714 -44.34 10.95 17.06
C PHE C 714 -43.16 10.73 16.11
N GLU C 715 -42.41 11.80 15.85
CA GLU C 715 -41.27 11.77 14.95
C GLU C 715 -40.10 10.94 15.50
N GLY C 716 -39.96 10.92 16.83
CA GLY C 716 -38.87 10.20 17.50
C GLY C 716 -39.05 8.70 17.68
N ALA C 717 -40.13 8.12 17.14
CA ALA C 717 -40.43 6.70 17.29
C ALA C 717 -39.33 5.76 16.79
N PHE C 718 -38.73 6.09 15.64
CA PHE C 718 -37.66 5.26 15.05
C PHE C 718 -36.21 5.68 15.35
N LYS C 719 -35.98 6.39 16.46
CA LYS C 719 -34.62 6.79 16.82
C LYS C 719 -33.78 5.55 17.13
N TYR C 720 -32.59 5.47 16.51
CA TYR C 720 -31.73 4.29 16.53
C TYR C 720 -32.33 3.02 15.89
N LYS C 721 -33.48 3.15 15.24
CA LYS C 721 -34.33 1.99 14.87
C LYS C 721 -34.92 2.13 13.45
N MET C 722 -34.21 2.80 12.55
CA MET C 722 -34.72 3.01 11.18
C MET C 722 -34.83 1.68 10.43
N GLY C 723 -35.98 1.48 9.79
CA GLY C 723 -36.32 0.22 9.14
C GLY C 723 -37.18 -0.74 9.96
N GLN C 724 -37.13 -0.61 11.28
CA GLN C 724 -37.71 -1.62 12.19
C GLN C 724 -39.19 -1.41 12.54
N ILE C 725 -39.69 -0.19 12.46
CA ILE C 725 -41.11 0.11 12.84
C ILE C 725 -42.03 0.60 11.72
N GLU C 726 -41.48 1.00 10.57
CA GLU C 726 -42.26 1.69 9.53
C GLU C 726 -43.26 0.76 8.85
N ILE C 727 -42.81 -0.45 8.53
CA ILE C 727 -43.63 -1.42 7.79
C ILE C 727 -44.77 -1.99 8.64
N ASP C 728 -44.60 -2.01 9.97
CA ASP C 728 -45.69 -2.38 10.89
C ASP C 728 -46.90 -1.47 10.72
N ASP C 729 -46.65 -0.16 10.66
CA ASP C 729 -47.71 0.84 10.46
C ASP C 729 -48.35 0.73 9.07
N GLN C 730 -47.53 0.44 8.07
CA GLN C 730 -48.00 0.28 6.69
C GLN C 730 -48.92 -0.93 6.57
N VAL C 731 -48.51 -2.05 7.16
CA VAL C 731 -49.29 -3.29 7.15
C VAL C 731 -50.57 -3.14 7.99
N GLU C 732 -50.45 -2.51 9.17
CA GLU C 732 -51.59 -2.24 10.04
C GLU C 732 -52.68 -1.42 9.33
N GLY C 733 -52.26 -0.35 8.66
CA GLY C 733 -53.16 0.47 7.87
C GLY C 733 -53.74 -0.25 6.65
N LEU C 734 -52.92 -1.10 6.03
CA LEU C 734 -53.35 -1.92 4.90
C LEU C 734 -54.41 -2.94 5.32
N GLN C 735 -54.21 -3.56 6.49
CA GLN C 735 -55.18 -4.50 7.07
C GLN C 735 -56.47 -3.82 7.55
N TYR C 736 -56.36 -2.57 8.02
CA TYR C 736 -57.53 -1.76 8.36
C TYR C 736 -58.42 -1.53 7.14
N LEU C 737 -57.82 -1.20 6.00
CA LEU C 737 -58.56 -1.04 4.75
C LEU C 737 -59.12 -2.37 4.23
N ALA C 738 -58.36 -3.44 4.35
CA ALA C 738 -58.74 -4.76 3.83
C ALA C 738 -60.00 -5.35 4.52
N SER C 739 -60.08 -5.19 5.83
CA SER C 739 -61.27 -5.63 6.58
C SER C 739 -62.48 -4.72 6.30
N ARG C 740 -62.22 -3.43 6.12
CA ARG C 740 -63.27 -2.43 5.87
C ARG C 740 -63.71 -2.34 4.40
N TYR C 741 -62.84 -2.78 3.48
CA TYR C 741 -63.15 -2.83 2.04
C TYR C 741 -62.79 -4.20 1.48
N ASP C 742 -63.81 -4.97 1.07
CA ASP C 742 -63.60 -6.31 0.49
C ASP C 742 -62.91 -6.31 -0.88
N PHE C 743 -62.94 -5.17 -1.60
CA PHE C 743 -62.32 -5.06 -2.93
C PHE C 743 -60.77 -4.99 -2.95
N ILE C 744 -60.13 -4.95 -1.78
CA ILE C 744 -58.67 -5.01 -1.69
C ILE C 744 -58.22 -6.49 -1.64
N ASP C 745 -57.51 -6.92 -2.68
CA ASP C 745 -56.94 -8.27 -2.73
C ASP C 745 -55.56 -8.27 -2.05
N LEU C 746 -55.49 -8.83 -0.84
CA LEU C 746 -54.23 -8.91 -0.09
C LEU C 746 -53.23 -9.92 -0.67
N ASP C 747 -53.67 -10.81 -1.55
CA ASP C 747 -52.79 -11.77 -2.22
C ASP C 747 -51.88 -11.14 -3.29
N ARG C 748 -52.26 -9.97 -3.80
CA ARG C 748 -51.50 -9.27 -4.84
C ARG C 748 -51.24 -7.81 -4.45
N VAL C 749 -50.43 -7.62 -3.40
CA VAL C 749 -50.05 -6.29 -2.93
C VAL C 749 -48.61 -5.97 -3.34
N GLY C 750 -48.42 -4.82 -3.97
CA GLY C 750 -47.10 -4.31 -4.34
C GLY C 750 -46.74 -3.07 -3.54
N ILE C 751 -45.44 -2.75 -3.48
CA ILE C 751 -44.96 -1.55 -2.79
C ILE C 751 -43.93 -0.80 -3.64
N HIS C 752 -43.94 0.53 -3.58
CA HIS C 752 -43.06 1.36 -4.40
C HIS C 752 -42.76 2.70 -3.74
N GLY C 753 -41.50 3.14 -3.86
CA GLY C 753 -41.07 4.42 -3.31
C GLY C 753 -39.68 4.82 -3.76
N TRP C 754 -39.33 6.08 -3.52
CA TRP C 754 -38.01 6.62 -3.86
C TRP C 754 -37.27 7.08 -2.62
N SER C 755 -35.95 6.94 -2.65
CA SER C 755 -35.08 7.35 -1.55
C SER C 755 -35.37 6.54 -0.26
N TYR C 756 -35.91 7.17 0.78
CA TYR C 756 -36.36 6.45 1.97
C TYR C 756 -37.52 5.49 1.64
N GLY C 757 -38.36 5.89 0.68
CA GLY C 757 -39.42 5.03 0.16
C GLY C 757 -38.92 3.76 -0.51
N GLY C 758 -37.82 3.86 -1.25
CA GLY C 758 -37.18 2.71 -1.89
C GLY C 758 -36.52 1.81 -0.86
N TYR C 759 -35.90 2.44 0.14
CA TYR C 759 -35.36 1.75 1.31
C TYR C 759 -36.43 0.92 2.01
N LEU C 760 -37.56 1.53 2.33
CA LEU C 760 -38.67 0.83 2.99
C LEU C 760 -39.32 -0.22 2.10
N SER C 761 -39.34 0.02 0.79
CA SER C 761 -39.85 -0.97 -0.17
C SER C 761 -39.01 -2.25 -0.17
N LEU C 762 -37.70 -2.11 0.01
CA LEU C 762 -36.81 -3.26 0.17
C LEU C 762 -37.04 -3.95 1.52
N MET C 763 -37.13 -3.16 2.58
CA MET C 763 -37.43 -3.67 3.91
C MET C 763 -38.78 -4.38 3.98
N ALA C 764 -39.76 -3.87 3.25
CA ALA C 764 -41.10 -4.46 3.19
C ALA C 764 -41.07 -5.88 2.62
N LEU C 765 -40.37 -6.05 1.50
CA LEU C 765 -40.20 -7.37 0.87
C LEU C 765 -39.33 -8.31 1.71
N MET C 766 -38.33 -7.74 2.40
CA MET C 766 -37.40 -8.51 3.23
C MET C 766 -38.08 -9.02 4.50
N GLN C 767 -38.74 -8.11 5.22
CA GLN C 767 -39.39 -8.42 6.49
C GLN C 767 -40.73 -9.12 6.31
N ARG C 768 -41.54 -8.65 5.37
CA ARG C 768 -42.92 -9.10 5.20
C ARG C 768 -43.21 -9.57 3.77
N SER C 769 -42.50 -10.62 3.34
CA SER C 769 -42.76 -11.26 2.04
C SER C 769 -44.13 -11.94 1.96
N ASP C 770 -44.70 -12.31 3.11
CA ASP C 770 -46.09 -12.79 3.22
C ASP C 770 -47.15 -11.77 2.76
N ILE C 771 -46.89 -10.48 3.01
CA ILE C 771 -47.80 -9.40 2.64
C ILE C 771 -47.53 -8.92 1.20
N PHE C 772 -46.28 -8.56 0.92
CA PHE C 772 -45.92 -7.85 -0.31
C PHE C 772 -45.38 -8.78 -1.40
N ARG C 773 -46.11 -8.88 -2.51
CA ARG C 773 -45.70 -9.71 -3.65
C ARG C 773 -44.54 -9.10 -4.43
N VAL C 774 -44.62 -7.80 -4.73
CA VAL C 774 -43.58 -7.09 -5.49
C VAL C 774 -43.12 -5.82 -4.78
N ALA C 775 -41.84 -5.50 -4.97
CA ALA C 775 -41.24 -4.30 -4.39
C ALA C 775 -40.40 -3.61 -5.46
N ILE C 776 -40.75 -2.35 -5.77
CA ILE C 776 -39.99 -1.53 -6.71
C ILE C 776 -39.27 -0.44 -5.93
N ALA C 777 -37.97 -0.63 -5.72
CA ALA C 777 -37.16 0.29 -4.90
C ALA C 777 -36.43 1.32 -5.76
N GLY C 778 -36.80 2.60 -5.60
CA GLY C 778 -36.16 3.71 -6.30
C GLY C 778 -35.09 4.39 -5.45
N ALA C 779 -33.88 4.52 -6.01
CA ALA C 779 -32.73 5.15 -5.32
C ALA C 779 -32.64 4.77 -3.83
N PRO C 780 -32.59 3.46 -3.53
CA PRO C 780 -32.69 3.03 -2.14
C PRO C 780 -31.40 3.26 -1.35
N VAL C 781 -31.54 3.66 -0.09
CA VAL C 781 -30.45 3.64 0.89
C VAL C 781 -30.36 2.20 1.40
N THR C 782 -29.33 1.48 0.95
CA THR C 782 -29.12 0.07 1.33
C THR C 782 -28.13 -0.14 2.48
N LEU C 783 -27.41 0.91 2.87
CA LEU C 783 -26.27 0.80 3.78
C LEU C 783 -26.01 2.15 4.44
N TRP C 784 -26.44 2.30 5.70
CA TRP C 784 -26.42 3.60 6.38
C TRP C 784 -25.02 4.19 6.63
N ILE C 785 -23.98 3.35 6.68
CA ILE C 785 -22.60 3.85 6.77
C ILE C 785 -22.16 4.67 5.54
N PHE C 786 -22.76 4.41 4.38
CA PHE C 786 -22.51 5.20 3.17
C PHE C 786 -23.17 6.59 3.15
N TYR C 787 -24.19 6.81 3.98
CA TYR C 787 -24.90 8.10 3.98
C TYR C 787 -24.20 9.11 4.89
N ASP C 788 -24.53 10.39 4.74
CA ASP C 788 -23.79 11.49 5.38
C ASP C 788 -23.99 11.64 6.89
N THR C 789 -23.15 12.47 7.50
CA THR C 789 -23.15 12.73 8.95
C THR C 789 -24.39 13.45 9.45
N GLY C 790 -24.69 14.60 8.84
CA GLY C 790 -25.78 15.48 9.27
C GLY C 790 -27.13 14.81 9.39
N TYR C 791 -27.45 13.94 8.43
CA TYR C 791 -28.70 13.20 8.41
C TYR C 791 -28.68 11.99 9.35
N THR C 792 -27.73 11.08 9.09
CA THR C 792 -27.75 9.75 9.69
C THR C 792 -27.51 9.76 11.20
N GLU C 793 -26.58 10.59 11.65
CA GLU C 793 -26.24 10.67 13.08
C GLU C 793 -27.35 11.36 13.90
N ARG C 794 -28.16 12.19 13.25
CA ARG C 794 -29.33 12.82 13.89
C ARG C 794 -30.35 11.76 14.33
N TYR C 795 -30.65 10.82 13.43
CA TYR C 795 -31.68 9.81 13.65
C TYR C 795 -31.15 8.47 14.19
N MET C 796 -29.91 8.11 13.85
CA MET C 796 -29.30 6.82 14.25
C MET C 796 -28.09 6.92 15.17
N GLY C 797 -27.64 8.13 15.50
CA GLY C 797 -26.43 8.32 16.31
C GLY C 797 -25.15 7.88 15.61
N HIS C 798 -24.06 7.85 16.37
CA HIS C 798 -22.76 7.43 15.85
C HIS C 798 -22.78 5.90 15.67
N PRO C 799 -22.21 5.37 14.55
CA PRO C 799 -22.21 3.92 14.29
C PRO C 799 -21.68 3.01 15.40
N ASP C 800 -20.67 3.48 16.12
CA ASP C 800 -20.12 2.75 17.28
C ASP C 800 -21.11 2.63 18.45
N GLN C 801 -21.93 3.66 18.64
CA GLN C 801 -22.95 3.68 19.71
C GLN C 801 -24.31 3.07 19.30
N ASN C 802 -24.40 2.55 18.08
CA ASN C 802 -25.62 1.90 17.59
C ASN C 802 -25.25 0.80 16.59
N GLU C 803 -24.38 -0.11 17.02
CA GLU C 803 -23.92 -1.24 16.19
C GLU C 803 -25.07 -2.04 15.56
N GLN C 804 -26.10 -2.34 16.36
CA GLN C 804 -27.20 -3.19 15.90
C GLN C 804 -28.21 -2.46 15.02
N GLY C 805 -28.53 -1.21 15.36
CA GLY C 805 -29.44 -0.39 14.54
C GLY C 805 -28.95 -0.19 13.12
N TYR C 806 -27.65 0.06 12.97
CA TYR C 806 -27.02 0.18 11.65
C TYR C 806 -27.05 -1.14 10.86
N TYR C 807 -26.84 -2.27 11.53
CA TYR C 807 -26.90 -3.58 10.88
C TYR C 807 -28.32 -3.93 10.49
N LEU C 808 -29.22 -3.91 11.47
CA LEU C 808 -30.63 -4.23 11.25
C LEU C 808 -31.32 -3.25 10.29
N GLY C 809 -30.87 -2.00 10.27
CA GLY C 809 -31.42 -0.98 9.36
C GLY C 809 -30.79 -0.90 7.97
N SER C 810 -29.80 -1.73 7.67
CA SER C 810 -29.14 -1.75 6.36
C SER C 810 -29.50 -3.01 5.57
N VAL C 811 -30.30 -2.86 4.52
CA VAL C 811 -30.75 -4.02 3.71
C VAL C 811 -29.63 -4.77 2.99
N ALA C 812 -28.54 -4.07 2.66
CA ALA C 812 -27.37 -4.71 2.02
C ALA C 812 -26.69 -5.74 2.90
N MET C 813 -26.76 -5.55 4.22
CA MET C 813 -26.22 -6.52 5.19
C MET C 813 -27.08 -7.79 5.35
N GLN C 814 -28.35 -7.73 4.93
CA GLN C 814 -29.30 -8.82 5.10
C GLN C 814 -29.83 -9.31 3.74
N ALA C 815 -28.90 -9.55 2.81
CA ALA C 815 -29.25 -9.99 1.45
C ALA C 815 -29.87 -11.38 1.40
N GLU C 816 -29.42 -12.27 2.30
CA GLU C 816 -29.99 -13.62 2.44
C GLU C 816 -31.50 -13.68 2.75
N LYS C 817 -32.03 -12.61 3.36
CA LYS C 817 -33.45 -12.54 3.71
C LYS C 817 -34.39 -12.19 2.55
N PHE C 818 -33.85 -11.79 1.39
CA PHE C 818 -34.66 -11.53 0.20
C PHE C 818 -35.20 -12.84 -0.39
N PRO C 819 -36.31 -12.77 -1.16
CA PRO C 819 -36.89 -14.01 -1.71
C PRO C 819 -36.01 -14.71 -2.75
N SER C 820 -36.16 -16.02 -2.85
CA SER C 820 -35.54 -16.80 -3.92
C SER C 820 -36.40 -16.85 -5.19
N GLU C 821 -37.61 -16.28 -5.14
CA GLU C 821 -38.49 -16.17 -6.31
C GLU C 821 -38.13 -14.92 -7.11
N PRO C 822 -37.97 -15.05 -8.45
CA PRO C 822 -37.75 -13.87 -9.30
C PRO C 822 -39.04 -13.10 -9.58
N ASN C 823 -38.90 -11.97 -10.28
CA ASN C 823 -40.03 -11.07 -10.62
C ASN C 823 -40.76 -10.47 -9.39
N ARG C 824 -40.03 -10.34 -8.28
CA ARG C 824 -40.53 -9.69 -7.06
C ARG C 824 -39.74 -8.43 -6.65
N LEU C 825 -38.52 -8.27 -7.14
CA LEU C 825 -37.64 -7.16 -6.77
C LEU C 825 -37.20 -6.41 -8.02
N LEU C 826 -37.51 -5.10 -8.06
CA LEU C 826 -37.05 -4.20 -9.12
C LEU C 826 -36.32 -3.03 -8.50
N LEU C 827 -35.06 -2.83 -8.91
CA LEU C 827 -34.24 -1.72 -8.45
C LEU C 827 -34.17 -0.63 -9.52
N LEU C 828 -34.48 0.61 -9.12
CA LEU C 828 -34.37 1.78 -9.98
C LEU C 828 -33.35 2.72 -9.35
N HIS C 829 -32.42 3.24 -10.14
CA HIS C 829 -31.45 4.22 -9.62
C HIS C 829 -30.94 5.14 -10.72
N GLY C 830 -30.84 6.43 -10.40
CA GLY C 830 -30.11 7.39 -11.24
C GLY C 830 -28.62 7.11 -11.11
N PHE C 831 -27.93 7.00 -12.24
CA PHE C 831 -26.53 6.59 -12.25
C PHE C 831 -25.58 7.67 -11.69
N LEU C 832 -25.96 8.94 -11.87
CA LEU C 832 -25.15 10.09 -11.45
C LEU C 832 -25.67 10.72 -10.15
N ASP C 833 -26.26 9.91 -9.27
CA ASP C 833 -26.91 10.39 -8.06
C ASP C 833 -25.84 10.82 -7.04
N GLU C 834 -25.91 12.08 -6.62
CA GLU C 834 -24.94 12.65 -5.67
C GLU C 834 -25.37 12.52 -4.20
N ASN C 835 -26.68 12.43 -3.96
CA ASN C 835 -27.23 12.32 -2.60
C ASN C 835 -27.25 10.86 -2.13
N VAL C 836 -27.99 10.02 -2.83
CA VAL C 836 -28.01 8.57 -2.59
C VAL C 836 -27.21 7.91 -3.72
N HIS C 837 -25.93 7.64 -3.46
CA HIS C 837 -25.01 7.18 -4.51
CA HIS C 837 -25.01 7.19 -4.51
C HIS C 837 -25.40 5.82 -5.06
N PHE C 838 -25.06 5.58 -6.32
CA PHE C 838 -25.33 4.31 -6.99
C PHE C 838 -24.71 3.10 -6.29
N ALA C 839 -23.61 3.33 -5.56
CA ALA C 839 -22.95 2.30 -4.74
C ALA C 839 -23.87 1.61 -3.74
N HIS C 840 -24.92 2.30 -3.26
CA HIS C 840 -25.97 1.67 -2.46
C HIS C 840 -26.60 0.51 -3.23
N THR C 841 -26.98 0.76 -4.48
CA THR C 841 -27.52 -0.28 -5.35
C THR C 841 -26.44 -1.29 -5.73
N SER C 842 -25.26 -0.82 -6.12
CA SER C 842 -24.21 -1.72 -6.63
C SER C 842 -23.71 -2.69 -5.54
N ILE C 843 -23.62 -2.24 -4.30
CA ILE C 843 -23.22 -3.11 -3.19
C ILE C 843 -24.34 -4.06 -2.77
N LEU C 844 -25.59 -3.61 -2.84
CA LEU C 844 -26.75 -4.49 -2.61
C LEU C 844 -26.76 -5.62 -3.62
N LEU C 845 -26.60 -5.27 -4.90
CA LEU C 845 -26.50 -6.26 -5.97
C LEU C 845 -25.33 -7.22 -5.77
N SER C 846 -24.21 -6.70 -5.26
CA SER C 846 -23.03 -7.52 -4.97
C SER C 846 -23.34 -8.63 -3.95
N PHE C 847 -24.05 -8.29 -2.88
CA PHE C 847 -24.47 -9.26 -1.87
C PHE C 847 -25.62 -10.16 -2.35
N LEU C 848 -26.53 -9.62 -3.17
CA LEU C 848 -27.59 -10.42 -3.80
C LEU C 848 -27.02 -11.50 -4.73
N VAL C 849 -25.92 -11.19 -5.42
CA VAL C 849 -25.20 -12.16 -6.23
C VAL C 849 -24.58 -13.26 -5.36
N ARG C 850 -23.93 -12.87 -4.26
CA ARG C 850 -23.35 -13.83 -3.30
C ARG C 850 -24.41 -14.75 -2.69
N ALA C 851 -25.56 -14.19 -2.35
CA ALA C 851 -26.68 -14.94 -1.77
C ALA C 851 -27.50 -15.75 -2.79
N GLY C 852 -27.17 -15.67 -4.08
CA GLY C 852 -27.87 -16.41 -5.12
C GLY C 852 -29.32 -15.95 -5.34
N LYS C 853 -29.57 -14.67 -5.09
CA LYS C 853 -30.93 -14.12 -5.13
C LYS C 853 -31.19 -13.42 -6.47
N PRO C 854 -32.43 -13.52 -7.01
CA PRO C 854 -32.77 -12.83 -8.24
C PRO C 854 -33.09 -11.35 -8.01
N TYR C 855 -32.94 -10.55 -9.06
CA TYR C 855 -33.31 -9.13 -9.04
C TYR C 855 -33.55 -8.62 -10.47
N ASP C 856 -34.26 -7.51 -10.57
CA ASP C 856 -34.38 -6.76 -11.82
C ASP C 856 -33.83 -5.35 -11.61
N LEU C 857 -33.25 -4.78 -12.66
CA LEU C 857 -32.53 -3.51 -12.57
C LEU C 857 -32.83 -2.59 -13.75
N GLN C 858 -33.15 -1.34 -13.45
CA GLN C 858 -33.25 -0.27 -14.45
C GLN C 858 -32.36 0.89 -14.01
N ILE C 859 -31.48 1.34 -14.90
CA ILE C 859 -30.59 2.47 -14.62
C ILE C 859 -30.99 3.64 -15.53
N TYR C 860 -30.92 4.84 -14.98
CA TYR C 860 -31.16 6.09 -15.71
C TYR C 860 -29.82 6.83 -15.77
N PRO C 861 -29.04 6.61 -16.86
CA PRO C 861 -27.62 7.03 -16.89
C PRO C 861 -27.30 8.53 -16.83
N GLN C 862 -28.28 9.40 -16.98
CA GLN C 862 -28.06 10.86 -16.98
C GLN C 862 -28.98 11.59 -16.00
N GLU C 863 -29.18 11.00 -14.82
CA GLU C 863 -30.05 11.55 -13.76
C GLU C 863 -29.35 11.63 -12.41
N ARG C 864 -29.74 12.64 -11.62
CA ARG C 864 -29.06 13.00 -10.36
C ARG C 864 -30.07 13.18 -9.20
N HIS C 865 -30.70 12.09 -8.77
CA HIS C 865 -31.72 12.10 -7.70
C HIS C 865 -32.97 12.95 -8.04
N SER C 866 -33.30 13.03 -9.33
CA SER C 866 -34.44 13.81 -9.82
C SER C 866 -34.76 13.40 -11.25
N ILE C 867 -35.68 14.11 -11.90
CA ILE C 867 -35.92 13.96 -13.35
C ILE C 867 -35.52 15.26 -14.05
N ARG C 868 -34.29 15.29 -14.55
CA ARG C 868 -33.81 16.41 -15.37
C ARG C 868 -34.31 16.25 -16.81
N VAL C 869 -34.00 15.11 -17.41
CA VAL C 869 -34.40 14.79 -18.79
C VAL C 869 -35.78 14.15 -18.77
N PRO C 870 -36.76 14.71 -19.52
CA PRO C 870 -38.13 14.16 -19.46
C PRO C 870 -38.31 12.76 -20.07
N GLU C 871 -37.42 12.35 -20.97
CA GLU C 871 -37.48 11.00 -21.59
C GLU C 871 -37.28 9.88 -20.57
N SER C 872 -36.36 10.08 -19.62
CA SER C 872 -36.11 9.11 -18.55
C SER C 872 -37.28 9.00 -17.56
N GLY C 873 -37.99 10.10 -17.34
CA GLY C 873 -39.23 10.08 -16.57
C GLY C 873 -40.35 9.32 -17.28
N GLU C 874 -40.45 9.53 -18.59
CA GLU C 874 -41.40 8.78 -19.43
C GLU C 874 -41.11 7.28 -19.48
N HIS C 875 -39.82 6.93 -19.50
CA HIS C 875 -39.38 5.53 -19.54
C HIS C 875 -39.61 4.83 -18.19
N TYR C 876 -39.35 5.55 -17.10
CA TYR C 876 -39.66 5.09 -15.74
C TYR C 876 -41.14 4.76 -15.56
N GLU C 877 -42.00 5.70 -15.93
CA GLU C 877 -43.46 5.51 -15.83
C GLU C 877 -43.94 4.33 -16.67
N LEU C 878 -43.42 4.24 -17.89
CA LEU C 878 -43.74 3.13 -18.80
C LEU C 878 -43.33 1.78 -18.24
N HIS C 879 -42.09 1.70 -17.74
CA HIS C 879 -41.57 0.46 -17.18
C HIS C 879 -42.31 0.01 -15.92
N LEU C 880 -42.63 0.96 -15.04
CA LEU C 880 -43.31 0.64 -13.77
C LEU C 880 -44.72 0.10 -13.99
N LEU C 881 -45.48 0.77 -14.85
CA LEU C 881 -46.82 0.27 -15.24
C LEU C 881 -46.74 -1.11 -15.88
N HIS C 882 -45.78 -1.30 -16.78
CA HIS C 882 -45.56 -2.59 -17.43
C HIS C 882 -45.09 -3.67 -16.45
N TYR C 883 -44.23 -3.30 -15.50
CA TYR C 883 -43.74 -4.24 -14.49
C TYR C 883 -44.86 -4.68 -13.54
N LEU C 884 -45.63 -3.71 -13.04
CA LEU C 884 -46.80 -4.00 -12.21
C LEU C 884 -47.86 -4.82 -12.94
N GLN C 885 -48.04 -4.55 -14.24
CA GLN C 885 -48.95 -5.32 -15.09
C GLN C 885 -48.51 -6.79 -15.17
N GLU C 886 -47.29 -7.01 -15.65
CA GLU C 886 -46.78 -8.36 -15.91
C GLU C 886 -46.47 -9.20 -14.67
N ASN C 887 -46.25 -8.56 -13.52
CA ASN C 887 -45.84 -9.26 -12.29
C ASN C 887 -46.75 -9.06 -11.06
N LEU C 888 -47.85 -8.31 -11.20
CA LEU C 888 -48.83 -8.14 -10.11
C LEU C 888 -50.28 -8.16 -10.62
N GLY C 889 -50.63 -7.21 -11.48
CA GLY C 889 -52.02 -6.95 -11.85
C GLY C 889 -52.69 -7.91 -12.83
N SER C 890 -52.00 -8.22 -13.93
CA SER C 890 -52.62 -8.93 -15.06
C SER C 890 -52.91 -10.41 -14.80
N ARG C 891 -53.63 -11.01 -15.74
CA ARG C 891 -53.95 -12.45 -15.73
C ARG C 891 -52.69 -13.32 -15.88
N ILE C 892 -51.75 -12.85 -16.70
CA ILE C 892 -50.46 -13.54 -16.89
C ILE C 892 -49.65 -13.59 -15.58
N ALA C 893 -49.70 -12.51 -14.80
CA ALA C 893 -49.00 -12.43 -13.51
C ALA C 893 -49.44 -13.51 -12.51
N ALA C 894 -50.73 -13.82 -12.51
CA ALA C 894 -51.29 -14.90 -11.68
C ALA C 894 -50.83 -16.28 -12.17
N LEU C 895 -50.80 -16.47 -13.50
CA LEU C 895 -50.31 -17.71 -14.10
C LEU C 895 -48.79 -17.92 -13.96
N LYS C 896 -48.04 -16.82 -13.85
CA LYS C 896 -46.58 -16.85 -13.84
C LYS C 896 -45.97 -17.48 -12.56
N VAL C 897 -46.70 -17.45 -11.45
CA VAL C 897 -46.19 -18.00 -10.18
C VAL C 897 -46.13 -19.53 -10.20
CAA TMO D . -11.80 -8.34 -28.40
NAC TMO D . -13.15 -7.99 -27.94
CAD TMO D . -13.14 -7.74 -26.49
CAB TMO D . -13.61 -6.79 -28.67
OAE TMO D . -13.93 -8.94 -28.20
CL CL E . 22.09 -22.56 -42.22
CL CL F . -12.85 3.48 -46.85
CL CL G . -0.16 -36.88 -12.45
CL CL H . 7.37 -24.31 -52.35
NA NA I . -3.96 -10.65 -24.44
C1 QX8 J . -18.22 -11.64 -17.00
C3 QX8 J . -21.31 -20.44 -21.68
C4 QX8 J . -18.25 -17.41 -20.66
C5 QX8 J . -19.34 -18.09 -21.48
C6 QX8 J . -22.54 -20.46 -22.35
C7 QX8 J . -17.71 -19.58 -22.42
C8 QX8 J . -16.61 -18.84 -21.68
C9 QX8 J . -20.04 -20.19 -22.47
C11 QX8 J . -23.72 -20.68 -21.64
C12 QX8 J . -18.19 -13.10 -17.51
C10 QX8 J . -17.46 -11.27 -18.24
N11 QX8 J . -17.40 -12.52 -18.60
C14 QX8 J . -16.78 -13.18 -19.68
C15 QX8 J . -16.64 -14.58 -19.66
C16 QX8 J . -16.03 -15.26 -20.72
C17 QX8 J . -15.53 -14.54 -21.82
C18 QX8 J . -15.66 -13.16 -21.85
C19 QX8 J . -16.27 -12.48 -20.79
O1 QX8 J . -17.09 -10.19 -18.68
C2 QX8 J . -15.90 -16.77 -20.66
N3 QX8 J . -16.98 -17.44 -21.42
N6 QX8 J . -19.00 -19.50 -21.69
C13 QX8 J . -23.69 -20.88 -20.27
C20 QX8 J . -22.47 -20.86 -19.60
C21 QX8 J . -21.28 -20.64 -20.29
BR1 QX8 J . -25.29 -21.19 -19.30
CAA TMO K . 27.18 -15.97 22.63
NAC TMO K . 27.22 -16.46 21.24
CAD TMO K . 25.88 -16.87 20.80
CAB TMO K . 27.70 -15.40 20.34
OAE TMO K . 28.00 -17.43 21.15
CL CL L . 58.18 8.80 13.30
CL CL M . 56.14 -5.07 2.33
NA NA N . 32.80 -8.85 26.17
C1 QX8 O . 25.83 -22.87 32.41
C3 QX8 O . 33.38 -29.10 28.77
C4 QX8 O . 31.60 -25.10 29.38
C5 QX8 O . 32.02 -26.35 28.61
C6 QX8 O . 33.21 -29.17 30.16
C7 QX8 O . 34.20 -25.44 28.27
C8 QX8 O . 33.79 -24.15 28.98
C9 QX8 O . 33.88 -27.83 28.12
C11 QX8 O . 32.74 -30.35 30.75
C12 QX8 O . 27.23 -23.44 32.09
C10 QX8 O . 26.06 -21.89 31.29
N11 QX8 O . 27.25 -22.40 31.06
C14 QX8 O . 28.26 -22.07 30.12
C15 QX8 O . 29.58 -22.52 30.33
C16 QX8 O . 30.59 -22.21 29.43
C17 QX8 O . 30.31 -21.45 28.29
C18 QX8 O . 29.00 -21.01 28.06
C19 QX8 O . 27.98 -21.31 28.98
O1 QX8 O . 25.36 -21.00 30.82
C2 QX8 O . 32.00 -22.71 29.67
N3 QX8 O . 32.34 -23.91 28.88
N6 QX8 O . 33.46 -26.60 28.81
C13 QX8 O . 32.45 -31.47 29.96
C20 QX8 O . 32.63 -31.40 28.58
C21 QX8 O . 33.10 -30.21 27.99
BR1 QX8 O . 31.83 -33.06 30.79
CAA TMO P . -32.85 9.56 2.90
NAC TMO P . -33.35 10.52 1.90
CAD TMO P . -33.23 11.89 2.44
CAB TMO P . -32.55 10.39 0.66
OAE TMO P . -34.55 10.28 1.66
CL CL Q . -41.30 45.34 21.96
CL CL R . -50.51 30.26 26.41
NA NA S . -31.98 20.87 0.23
C1 QX8 T . -34.63 9.11 -11.06
C3 QX8 T . -45.08 8.47 -8.99
C4 QX8 T . -42.15 12.19 -7.55
C5 QX8 T . -43.39 11.36 -7.24
C6 QX8 T . -45.78 7.30 -8.67
C7 QX8 T . -42.28 9.41 -8.12
C8 QX8 T . -41.09 10.25 -8.53
C9 QX8 T . -44.71 9.44 -7.89
C11 QX8 T . -46.14 6.38 -9.66
C12 QX8 T . -36.11 9.54 -10.89
C10 QX8 T . -34.42 9.54 -9.63
N11 QX8 T . -35.69 9.89 -9.53
C14 QX8 T . -36.43 10.44 -8.46
C15 QX8 T . -37.68 11.03 -8.72
C16 QX8 T . -38.43 11.58 -7.68
C17 QX8 T . -37.96 11.54 -6.37
C18 QX8 T . -36.73 10.94 -6.10
C19 QX8 T . -35.97 10.39 -7.14
O1 QX8 T . -33.44 9.53 -8.90
C2 QX8 T . -39.77 12.23 -7.99
N3 QX8 T . -40.91 11.38 -7.59
N6 QX8 T . -43.51 10.23 -8.20
C13 QX8 T . -45.81 6.63 -11.00
C20 QX8 T . -45.12 7.80 -11.32
C21 QX8 T . -44.76 8.71 -10.33
BR1 QX8 T . -46.29 5.41 -12.37
#